data_7CQ6
#
_entry.id   7CQ6
#
_cell.length_a   1.00
_cell.length_b   1.00
_cell.length_c   1.00
_cell.angle_alpha   90.00
_cell.angle_beta   90.00
_cell.angle_gamma   90.00
#
_symmetry.space_group_name_H-M   'P 1'
#
loop_
_entity.id
_entity.type
_entity.pdbx_description
1 polymer 'Osteopetrosis-associated transmembrane protein 1'
2 polymer 'H(+)/Cl(-) exchange transporter 7'
3 branched 2-acetamido-2-deoxy-beta-D-glucopyranose-(1-4)-2-acetamido-2-deoxy-beta-D-glucopyranose
4 non-polymer 'CHLORIDE ION'
#
loop_
_entity_poly.entity_id
_entity_poly.type
_entity_poly.pdbx_seq_one_letter_code
_entity_poly.pdbx_strand_id
1 'polypeptide(L)'
;MEPGPTAAQRRCSLPPWLPLGLLLWSGLALGALPFGSSPHRVFHDLLSEQQLLEVEDLSLSLLQGGGLGPLSLPPDLPDL
DPECRELLLDFANSSAELTGCLVRSARPVRLCQTCYPLFQQVVSKMDNISRAAGNTSESQSCARSLLMADRMQIVVILSE
FFNTTWQEANCANCLTNNSEELSNSTVYFLNLFNHTLTCFEHNLQGNAHSLLQTKNYSEVCKNCREAYKTLSSLYSEMQK
MNELENKAEPGTHLCIDVEDAMNITRKLWSRTFNCSVPCSDTVPVIAVSVFILFLPVVFYLSSFLHSEQKKRKLILPKRL
KSSTSFANIQENSNLEHHHHHHHH
;
A,B
2 'polypeptide(L)'
;MASDYKDDDDKASDEVDAGTMANVSKKVSWSGRDRDDEEAAPLLRRTARPGGGTPLLNGAGPGAARQSPRSALFRVGHMS
SVELDDELLDPDMDPPHPFPKEIPHNEKLLSLKYESLDYDNSENQLFLEEERRINHTAFRTVEIKRWVICALIGILTGLV
ACFIDIVVENLAGLKYRVIKGNIDKFTEKGGLSFSLLLWATLNAAFVLVGSVIVAFIEPVAAGSGIPQIKCFLNGVKIPH
VVRLKTLVIKVSGVILSVVGGLAVGKEGPMIHSGSVIAAGISQGRSTSLKRDFKIFEYFRRDTEKRDFVSAGAAAGVSAA
FGAPVGGVLFSLEEGASFWNQFLTWRIFFASMISTFTLNFVLSIYHGNMWDLSSPGLINFGRFDSEKMAYTIHEIPVFIA
MGVVGGVLGAVFNALNYWLTMFRIRYIHRPCLQVIEAVLVAAVTATVAFVLIYSSRDCQPLQGGSMSYPLQLFCADGEYN
SMAAAFFNTPEKSVVSLFHDPPGSYNPLTLGLFTLVYFFLACWTYGLTVSAGVFIPSLLIGAAWGRLFGISLSYLTGAAI
WADPGKYALMGAAAQLGGIVRMTLSLTVIMMEATSNVTYGFPIMLVLMTAKIVGDVFIEGLYDMHIQLQSVPFLHWEAPV
TSHSLTAREVMSTPVTCLRRREKVGVIVDVLSDTASNHNGFPVVEHADDTQPARLQGLILRSQLIVLLKHKVFVERSNLG
LVQRRLRLKDFRDAYPRFPPIQSIHVSQDERECTMDLSEFMNPSPYTVPQEASLPRVFKLFRALGLRHLVVVDNRNQVVG
LVTRKDLARYRLGKRGLEELSLAQT
;
C,D
#
loop_
_chem_comp.id
_chem_comp.type
_chem_comp.name
_chem_comp.formula
CL non-polymer 'CHLORIDE ION' 'Cl -1'
NAG D-saccharide, beta linking 2-acetamido-2-deoxy-beta-D-glucopyranose 'C8 H15 N O6'
#
# COMPACT_ATOMS: atom_id res chain seq x y z
N SER A 72 47.40 41.49 8.69
CA SER A 72 47.25 41.16 10.10
C SER A 72 45.99 40.33 10.33
N LEU A 73 45.28 40.03 9.24
CA LEU A 73 44.05 39.24 9.29
C LEU A 73 44.33 37.80 9.72
N PRO A 74 43.33 37.11 10.28
CA PRO A 74 43.55 35.72 10.70
C PRO A 74 43.77 34.82 9.49
N PRO A 75 44.46 33.69 9.67
CA PRO A 75 44.77 32.83 8.53
C PRO A 75 43.56 32.07 8.04
N ASP A 76 43.56 31.82 6.74
CA ASP A 76 42.65 30.96 5.96
C ASP A 76 41.26 31.56 5.79
N LEU A 77 40.94 32.62 6.54
CA LEU A 77 39.58 33.10 6.40
C LEU A 77 39.47 34.07 5.22
N PRO A 78 40.32 35.13 5.05
CA PRO A 78 40.23 35.87 3.79
C PRO A 78 41.15 35.31 2.71
N ASP A 79 42.17 34.55 3.10
CA ASP A 79 43.27 34.13 2.25
C ASP A 79 44.04 33.03 2.95
N LEU A 80 44.48 32.04 2.19
CA LEU A 80 44.97 30.77 2.73
C LEU A 80 46.36 30.90 3.34
N ASP A 81 46.82 29.79 3.89
CA ASP A 81 48.16 29.66 4.42
C ASP A 81 49.17 29.64 3.28
N PRO A 82 50.45 29.90 3.54
CA PRO A 82 51.43 29.77 2.45
C PRO A 82 51.74 28.33 2.08
N GLU A 83 51.80 27.43 3.05
CA GLU A 83 52.13 26.04 2.76
C GLU A 83 50.93 25.25 2.26
N CYS A 84 49.72 25.78 2.46
CA CYS A 84 48.52 25.03 2.14
C CYS A 84 48.07 25.24 0.71
N ARG A 85 48.48 26.32 0.06
CA ARG A 85 48.23 26.47 -1.36
C ARG A 85 49.28 25.80 -2.22
N GLU A 86 50.44 25.45 -1.66
CA GLU A 86 51.37 24.57 -2.36
C GLU A 86 50.72 23.23 -2.67
N LEU A 87 50.00 22.69 -1.69
CA LEU A 87 49.28 21.44 -1.90
C LEU A 87 48.18 21.61 -2.93
N LEU A 88 47.50 22.75 -2.92
CA LEU A 88 46.42 22.98 -3.86
C LEU A 88 46.93 23.14 -5.29
N LEU A 89 48.02 23.87 -5.48
CA LEU A 89 48.59 24.02 -6.81
C LEU A 89 49.22 22.72 -7.30
N ASP A 90 49.78 21.93 -6.39
CA ASP A 90 50.37 20.65 -6.80
C ASP A 90 49.31 19.62 -7.14
N PHE A 91 48.16 19.65 -6.46
CA PHE A 91 47.02 18.86 -6.90
C PHE A 91 46.43 19.38 -8.20
N ALA A 92 46.50 20.70 -8.42
CA ALA A 92 45.96 21.27 -9.64
C ALA A 92 46.80 20.93 -10.85
N ASN A 93 48.10 20.69 -10.65
CA ASN A 93 48.96 20.34 -11.78
C ASN A 93 48.61 18.98 -12.35
N SER A 94 48.40 17.99 -11.47
CA SER A 94 48.26 16.62 -11.90
C SER A 94 46.84 16.19 -12.16
N SER A 95 45.86 16.84 -11.55
CA SER A 95 44.48 16.56 -11.93
C SER A 95 44.08 17.29 -13.20
N ALA A 96 44.89 18.22 -13.66
CA ALA A 96 44.71 18.79 -14.98
C ALA A 96 45.40 17.98 -16.06
N GLU A 97 46.45 17.23 -15.71
CA GLU A 97 47.10 16.39 -16.71
C GLU A 97 46.27 15.16 -17.02
N LEU A 98 45.62 14.60 -16.00
CA LEU A 98 44.81 13.41 -16.18
C LEU A 98 43.61 13.65 -17.08
N THR A 99 43.02 14.84 -17.02
CA THR A 99 41.91 15.14 -17.92
C THR A 99 42.39 15.24 -19.37
N GLY A 100 43.61 15.72 -19.57
CA GLY A 100 44.19 15.71 -20.89
C GLY A 100 44.47 14.30 -21.40
N CYS A 101 45.11 13.47 -20.58
CA CYS A 101 45.41 12.10 -20.99
C CYS A 101 44.17 11.22 -21.06
N LEU A 102 43.09 11.64 -20.45
CA LEU A 102 41.83 10.93 -20.47
C LEU A 102 40.97 11.31 -21.67
N VAL A 103 41.17 12.51 -22.23
CA VAL A 103 40.49 12.84 -23.47
C VAL A 103 41.33 12.46 -24.70
N ARG A 104 42.66 12.44 -24.58
CA ARG A 104 43.47 11.96 -25.69
C ARG A 104 43.34 10.45 -25.88
N SER A 105 43.41 9.70 -24.80
CA SER A 105 43.30 8.24 -24.85
C SER A 105 41.85 7.81 -24.66
N ALA A 106 40.98 8.33 -25.51
CA ALA A 106 39.55 8.17 -25.29
C ALA A 106 38.85 7.45 -26.42
N ARG A 107 38.99 7.93 -27.66
CA ARG A 107 38.19 7.22 -28.65
C ARG A 107 38.88 5.96 -29.17
N PRO A 108 40.16 5.94 -29.60
CA PRO A 108 40.78 4.62 -29.69
C PRO A 108 41.17 4.21 -28.28
N VAL A 109 40.38 3.33 -27.68
CA VAL A 109 40.29 3.32 -26.22
C VAL A 109 41.52 2.67 -25.64
N ARG A 110 42.48 3.50 -25.26
CA ARG A 110 43.69 3.08 -24.58
C ARG A 110 43.73 3.72 -23.20
N LEU A 111 42.61 3.66 -22.50
CA LEU A 111 42.43 4.48 -21.31
C LEU A 111 43.13 3.87 -20.11
N CYS A 112 42.85 2.60 -19.81
CA CYS A 112 43.39 1.98 -18.60
C CYS A 112 44.87 1.70 -18.68
N GLN A 113 45.46 1.73 -19.87
CA GLN A 113 46.86 1.38 -20.05
C GLN A 113 47.75 2.57 -20.27
N THR A 114 47.22 3.77 -20.25
CA THR A 114 47.97 5.01 -20.40
C THR A 114 47.75 5.96 -19.24
N CYS A 115 46.54 6.04 -18.72
CA CYS A 115 46.22 6.86 -17.58
C CYS A 115 46.44 6.16 -16.26
N TYR A 116 47.07 4.99 -16.26
CA TYR A 116 47.29 4.34 -14.98
C TYR A 116 48.41 4.97 -14.13
N PRO A 117 49.53 5.53 -14.64
CA PRO A 117 50.42 6.22 -13.71
C PRO A 117 49.91 7.59 -13.28
N LEU A 118 49.00 8.19 -14.03
CA LEU A 118 48.46 9.49 -13.67
C LEU A 118 47.23 9.41 -12.79
N PHE A 119 46.54 8.29 -12.75
CA PHE A 119 45.49 8.16 -11.77
C PHE A 119 46.05 7.84 -10.40
N GLN A 120 47.21 7.19 -10.33
CA GLN A 120 47.75 6.81 -9.04
C GLN A 120 48.33 7.99 -8.31
N GLN A 121 48.80 9.01 -9.01
CA GLN A 121 49.35 10.15 -8.30
C GLN A 121 48.29 11.17 -7.92
N VAL A 122 47.16 11.21 -8.62
CA VAL A 122 46.08 12.09 -8.22
C VAL A 122 45.43 11.59 -6.93
N VAL A 123 45.27 10.28 -6.81
CA VAL A 123 44.76 9.72 -5.56
C VAL A 123 45.83 9.72 -4.49
N SER A 124 47.10 9.90 -4.85
CA SER A 124 48.15 10.05 -3.85
C SER A 124 48.19 11.46 -3.29
N LYS A 125 48.12 12.46 -4.17
CA LYS A 125 48.11 13.85 -3.72
C LYS A 125 46.82 14.20 -2.99
N MET A 126 45.74 13.47 -3.27
CA MET A 126 44.52 13.66 -2.51
C MET A 126 44.66 13.14 -1.09
N ASP A 127 45.43 12.09 -0.87
CA ASP A 127 45.68 11.62 0.48
C ASP A 127 46.83 12.36 1.15
N ASN A 128 47.59 13.14 0.39
CA ASN A 128 48.61 14.00 0.99
C ASN A 128 47.99 15.24 1.61
N ILE A 129 46.79 15.63 1.19
CA ILE A 129 46.08 16.73 1.82
C ILE A 129 45.05 16.21 2.83
N SER A 130 45.21 14.98 3.30
CA SER A 130 44.40 14.46 4.39
C SER A 130 45.23 14.05 5.60
N ARG A 131 46.54 14.23 5.56
CA ARG A 131 47.40 13.94 6.70
C ARG A 131 48.61 14.86 6.71
N CYS A 142 46.55 20.36 5.93
CA CYS A 142 45.41 21.24 6.00
C CYS A 142 44.18 20.67 5.30
N ALA A 143 43.49 19.77 5.99
CA ALA A 143 42.31 19.13 5.42
C ALA A 143 41.08 20.02 5.52
N ARG A 144 40.85 20.67 6.67
CA ARG A 144 39.71 21.57 6.80
C ARG A 144 39.90 22.86 6.04
N SER A 145 41.14 23.22 5.72
CA SER A 145 41.40 24.47 5.00
C SER A 145 41.05 24.38 3.53
N LEU A 146 40.94 23.16 2.97
CA LEU A 146 40.74 22.94 1.55
C LEU A 146 39.54 22.07 1.22
N LEU A 147 39.30 21.01 2.01
CA LEU A 147 38.31 20.03 1.64
C LEU A 147 36.92 20.38 2.15
N MET A 148 36.83 20.91 3.36
CA MET A 148 35.56 21.26 3.99
C MET A 148 35.60 22.73 4.37
N ALA A 149 35.32 23.61 3.42
CA ALA A 149 35.23 25.02 3.78
C ALA A 149 34.16 25.80 3.05
N ASP A 150 33.36 25.18 2.19
CA ASP A 150 32.28 25.85 1.47
C ASP A 150 31.28 24.81 1.01
N ARG A 151 30.14 25.27 0.50
CA ARG A 151 29.07 24.34 0.17
C ARG A 151 29.37 23.52 -1.07
N MET A 152 30.30 23.96 -1.90
CA MET A 152 30.64 23.27 -3.15
C MET A 152 32.13 23.03 -3.12
N GLN A 153 32.50 21.78 -2.89
CA GLN A 153 33.87 21.41 -2.56
C GLN A 153 34.51 20.87 -3.82
N ILE A 154 35.34 21.69 -4.48
CA ILE A 154 35.80 21.39 -5.82
C ILE A 154 36.77 20.23 -5.82
N VAL A 155 37.69 20.19 -4.86
CA VAL A 155 38.72 19.14 -4.81
C VAL A 155 38.09 17.79 -4.51
N VAL A 156 37.12 17.77 -3.60
CA VAL A 156 36.45 16.55 -3.21
C VAL A 156 35.62 15.98 -4.35
N ILE A 157 34.85 16.83 -5.04
CA ILE A 157 34.04 16.30 -6.13
C ILE A 157 34.87 16.01 -7.38
N LEU A 158 36.02 16.64 -7.57
CA LEU A 158 36.86 16.27 -8.69
C LEU A 158 37.50 14.90 -8.45
N SER A 159 37.94 14.64 -7.22
CA SER A 159 38.43 13.31 -6.89
C SER A 159 37.33 12.25 -6.93
N GLU A 160 36.09 12.62 -6.58
CA GLU A 160 34.98 11.67 -6.75
C GLU A 160 34.69 11.39 -8.21
N PHE A 161 34.83 12.39 -9.07
CA PHE A 161 34.67 12.17 -10.52
C PHE A 161 35.72 11.22 -11.04
N PHE A 162 36.97 11.41 -10.61
CA PHE A 162 38.05 10.53 -11.06
C PHE A 162 37.83 9.10 -10.58
N ASN A 163 37.33 8.92 -9.36
CA ASN A 163 37.07 7.57 -8.87
C ASN A 163 35.89 6.92 -9.59
N THR A 164 34.79 7.64 -9.81
CA THR A 164 33.65 6.99 -10.46
C THR A 164 33.90 6.76 -11.95
N THR A 165 34.80 7.50 -12.57
CA THR A 165 35.22 7.12 -13.92
C THR A 165 36.13 5.90 -13.88
N TRP A 166 37.04 5.82 -12.91
CA TRP A 166 37.95 4.69 -12.82
C TRP A 166 37.27 3.41 -12.35
N GLN A 167 36.11 3.51 -11.71
CA GLN A 167 35.35 2.33 -11.29
C GLN A 167 34.26 1.94 -12.28
N GLU A 168 33.97 2.80 -13.26
CA GLU A 168 33.08 2.44 -14.35
C GLU A 168 33.84 1.81 -15.50
N ALA A 169 35.06 2.25 -15.73
CA ALA A 169 35.92 1.63 -16.74
C ALA A 169 36.41 0.26 -16.30
N ASN A 170 36.36 -0.03 -15.00
CA ASN A 170 36.85 -1.27 -14.40
C ASN A 170 38.32 -1.51 -14.70
N CYS A 171 39.13 -0.45 -14.66
CA CYS A 171 40.57 -0.54 -14.87
C CYS A 171 41.32 -1.26 -13.75
N ALA A 172 40.63 -1.74 -12.71
CA ALA A 172 41.22 -2.65 -11.74
C ALA A 172 41.13 -4.11 -12.16
N ASN A 173 40.38 -4.42 -13.22
CA ASN A 173 40.37 -5.78 -13.75
C ASN A 173 41.60 -6.11 -14.57
N CYS A 174 42.18 -5.14 -15.27
CA CYS A 174 43.58 -5.24 -15.67
C CYS A 174 44.36 -4.52 -14.59
N LEU A 175 45.70 -4.43 -14.69
CA LEU A 175 46.58 -3.93 -13.62
C LEU A 175 46.39 -4.75 -12.35
N THR A 176 46.89 -5.99 -12.40
CA THR A 176 46.44 -7.14 -11.61
C THR A 176 46.17 -6.94 -10.12
N ASN A 177 47.17 -6.63 -9.30
CA ASN A 177 46.91 -6.53 -7.87
C ASN A 177 47.62 -5.41 -7.14
N ASN A 178 48.68 -4.82 -7.70
CA ASN A 178 49.42 -3.78 -7.01
C ASN A 178 49.37 -2.45 -7.75
N SER A 179 48.62 -2.38 -8.85
CA SER A 179 48.39 -1.18 -9.67
C SER A 179 49.70 -0.60 -10.20
N GLU A 180 50.66 -1.49 -10.46
CA GLU A 180 51.99 -1.07 -10.86
C GLU A 180 52.37 -1.48 -12.27
N GLU A 181 51.71 -2.49 -12.85
CA GLU A 181 51.93 -2.88 -14.23
C GLU A 181 50.68 -3.57 -14.72
N LEU A 182 50.55 -3.64 -16.05
CA LEU A 182 49.43 -4.32 -16.66
C LEU A 182 49.50 -5.81 -16.36
N SER A 183 48.32 -6.43 -16.24
CA SER A 183 48.25 -7.81 -15.79
C SER A 183 48.82 -8.74 -16.84
N ASN A 184 49.29 -9.91 -16.40
CA ASN A 184 49.77 -10.90 -17.36
C ASN A 184 48.65 -11.89 -17.71
N SER A 185 47.50 -11.30 -18.02
CA SER A 185 46.44 -11.93 -18.79
C SER A 185 45.85 -10.99 -19.82
N THR A 186 46.11 -9.69 -19.70
CA THR A 186 45.65 -8.70 -20.65
C THR A 186 46.76 -8.22 -21.59
N VAL A 187 48.03 -8.34 -21.18
CA VAL A 187 49.09 -8.03 -22.14
C VAL A 187 49.14 -9.13 -23.19
N TYR A 188 48.76 -10.35 -22.82
CA TYR A 188 48.61 -11.43 -23.78
C TYR A 188 47.46 -11.16 -24.73
N PHE A 189 46.35 -10.63 -24.20
CA PHE A 189 45.20 -10.29 -25.05
C PHE A 189 45.56 -9.20 -26.04
N LEU A 190 46.26 -8.16 -25.58
CA LEU A 190 46.60 -7.05 -26.48
C LEU A 190 47.61 -7.46 -27.53
N ASN A 191 48.55 -8.34 -27.17
CA ASN A 191 49.48 -8.90 -28.15
C ASN A 191 48.73 -9.71 -29.21
N LEU A 192 47.78 -10.53 -28.77
CA LEU A 192 47.00 -11.34 -29.70
C LEU A 192 46.06 -10.48 -30.54
N PHE A 193 45.61 -9.36 -29.99
CA PHE A 193 44.76 -8.42 -30.73
C PHE A 193 45.54 -7.73 -31.84
N ASN A 194 46.77 -7.32 -31.54
CA ASN A 194 47.64 -6.77 -32.58
C ASN A 194 47.92 -7.80 -33.67
N HIS A 195 48.11 -9.06 -33.26
CA HIS A 195 48.37 -10.11 -34.24
C HIS A 195 47.14 -10.40 -35.11
N THR A 196 45.94 -10.35 -34.53
CA THR A 196 44.73 -10.58 -35.30
C THR A 196 44.47 -9.43 -36.29
N LEU A 197 44.70 -8.19 -35.88
CA LEU A 197 44.48 -7.09 -36.82
C LEU A 197 45.54 -7.04 -37.91
N THR A 198 46.79 -7.39 -37.61
CA THR A 198 47.75 -7.44 -38.71
C THR A 198 47.52 -8.64 -39.62
N CYS A 199 46.89 -9.71 -39.12
CA CYS A 199 46.48 -10.77 -40.03
C CYS A 199 45.28 -10.37 -40.87
N PHE A 200 44.40 -9.50 -40.36
CA PHE A 200 43.34 -8.94 -41.20
C PHE A 200 43.92 -8.09 -42.31
N GLU A 201 44.75 -7.12 -41.95
CA GLU A 201 45.18 -6.16 -42.96
C GLU A 201 46.24 -6.75 -43.90
N HIS A 202 46.91 -7.83 -43.50
CA HIS A 202 47.83 -8.47 -44.42
C HIS A 202 47.09 -9.23 -45.52
N ASN A 203 46.00 -9.90 -45.18
CA ASN A 203 45.28 -10.73 -46.16
C ASN A 203 44.28 -9.92 -46.96
N LEU A 204 44.73 -8.81 -47.52
CA LEU A 204 43.81 -7.88 -48.16
C LEU A 204 44.55 -7.01 -49.18
N ASN A 216 35.39 -8.21 -52.96
CA ASN A 216 34.79 -8.93 -51.84
C ASN A 216 35.82 -9.51 -50.88
N TYR A 217 35.41 -9.71 -49.64
CA TYR A 217 36.31 -10.14 -48.57
C TYR A 217 36.23 -11.66 -48.39
N SER A 218 36.52 -12.38 -49.46
CA SER A 218 36.40 -13.82 -49.45
C SER A 218 37.64 -14.50 -48.89
N GLU A 219 38.81 -13.92 -49.11
CA GLU A 219 40.07 -14.49 -48.66
C GLU A 219 40.34 -14.14 -47.21
N VAL A 220 39.58 -13.20 -46.64
CA VAL A 220 39.72 -12.83 -45.24
C VAL A 220 38.95 -13.80 -44.34
N CYS A 221 37.80 -14.28 -44.80
CA CYS A 221 37.01 -15.23 -44.02
C CYS A 221 37.71 -16.57 -43.91
N LYS A 222 38.21 -17.08 -45.03
CA LYS A 222 39.19 -18.16 -45.00
C LYS A 222 40.53 -17.62 -44.54
N ASN A 223 41.46 -18.51 -44.23
CA ASN A 223 42.89 -18.20 -44.04
C ASN A 223 43.16 -17.36 -42.78
N CYS A 224 42.13 -16.86 -42.10
CA CYS A 224 42.34 -15.91 -41.01
C CYS A 224 41.35 -16.17 -39.89
N ARG A 225 40.54 -17.22 -40.02
CA ARG A 225 39.59 -17.60 -39.00
C ARG A 225 40.25 -18.14 -37.74
N GLU A 226 41.43 -18.75 -37.86
CA GLU A 226 42.10 -19.35 -36.73
C GLU A 226 42.56 -18.32 -35.70
N ALA A 227 42.93 -17.12 -36.12
CA ALA A 227 43.28 -16.08 -35.17
C ALA A 227 42.05 -15.50 -34.48
N TYR A 228 40.96 -15.34 -35.24
CA TYR A 228 39.75 -14.75 -34.67
C TYR A 228 39.12 -15.68 -33.64
N LYS A 229 39.17 -16.98 -33.89
CA LYS A 229 38.55 -17.93 -32.96
C LYS A 229 39.32 -18.01 -31.65
N THR A 230 40.65 -17.95 -31.70
CA THR A 230 41.41 -18.01 -30.46
C THR A 230 41.33 -16.69 -29.70
N LEU A 231 41.12 -15.59 -30.42
CA LEU A 231 40.90 -14.31 -29.75
C LEU A 231 39.57 -14.29 -29.02
N SER A 232 38.53 -14.82 -29.66
CA SER A 232 37.21 -14.87 -29.02
C SER A 232 37.20 -15.86 -27.87
N SER A 233 37.95 -16.95 -27.98
CA SER A 233 37.98 -17.95 -26.92
C SER A 233 38.72 -17.42 -25.70
N LEU A 234 39.82 -16.70 -25.93
CA LEU A 234 40.56 -16.06 -24.84
C LEU A 234 39.73 -15.01 -24.13
N TYR A 235 38.96 -14.23 -24.89
CA TYR A 235 38.08 -13.24 -24.30
C TYR A 235 36.99 -13.88 -23.45
N SER A 236 36.37 -14.93 -23.95
CA SER A 236 35.32 -15.59 -23.17
C SER A 236 35.88 -16.31 -21.96
N GLU A 237 37.13 -16.78 -22.06
CA GLU A 237 37.80 -17.41 -20.92
C GLU A 237 38.08 -16.41 -19.82
N MET A 238 38.62 -15.23 -20.19
CA MET A 238 38.84 -14.20 -19.18
C MET A 238 37.53 -13.67 -18.62
N GLN A 239 36.49 -13.65 -19.45
CA GLN A 239 35.21 -13.11 -19.01
C GLN A 239 34.52 -14.04 -18.02
N LYS A 240 34.65 -15.36 -18.22
CA LYS A 240 34.06 -16.27 -17.26
C LYS A 240 34.96 -16.44 -16.04
N MET A 241 36.25 -16.15 -16.17
CA MET A 241 37.14 -16.18 -15.01
C MET A 241 37.00 -14.94 -14.13
N ASN A 242 36.65 -13.79 -14.71
CA ASN A 242 36.53 -12.56 -13.94
C ASN A 242 35.33 -12.56 -13.02
N GLU A 243 34.32 -13.39 -13.27
CA GLU A 243 33.12 -13.35 -12.43
C GLU A 243 33.39 -13.96 -11.06
N LEU A 244 34.22 -15.00 -11.00
CA LEU A 244 34.55 -15.62 -9.73
C LEU A 244 35.71 -14.93 -9.01
N GLU A 245 36.24 -13.86 -9.60
CA GLU A 245 37.30 -13.01 -9.04
C GLU A 245 38.57 -13.77 -8.65
N THR A 252 31.16 -6.84 -13.48
CA THR A 252 30.53 -7.60 -14.55
C THR A 252 31.03 -7.17 -15.92
N HIS A 253 32.06 -6.33 -15.92
CA HIS A 253 32.70 -5.87 -17.14
C HIS A 253 34.21 -5.97 -16.99
N LEU A 254 34.87 -6.37 -18.06
CA LEU A 254 36.32 -6.30 -18.11
C LEU A 254 36.75 -4.85 -18.26
N CYS A 255 38.06 -4.60 -18.18
CA CYS A 255 38.54 -3.24 -18.32
C CYS A 255 38.36 -2.79 -19.75
N ILE A 256 38.09 -1.49 -19.93
CA ILE A 256 37.49 -0.96 -21.15
C ILE A 256 38.40 -1.11 -22.37
N ASP A 257 39.70 -1.36 -22.15
CA ASP A 257 40.61 -1.58 -23.27
C ASP A 257 40.32 -2.90 -23.97
N VAL A 258 40.19 -3.99 -23.19
CA VAL A 258 39.98 -5.27 -23.83
C VAL A 258 38.56 -5.41 -24.34
N GLU A 259 37.58 -4.80 -23.67
CA GLU A 259 36.23 -4.83 -24.20
C GLU A 259 36.09 -4.01 -25.47
N ASP A 260 36.81 -2.89 -25.56
CA ASP A 260 36.71 -2.15 -26.81
C ASP A 260 37.50 -2.80 -27.94
N ALA A 261 38.60 -3.47 -27.63
CA ALA A 261 39.32 -4.22 -28.66
C ALA A 261 38.49 -5.37 -29.19
N MET A 262 37.81 -6.09 -28.31
CA MET A 262 36.94 -7.15 -28.77
C MET A 262 35.71 -6.60 -29.48
N ASN A 263 35.21 -5.43 -29.06
CA ASN A 263 34.08 -4.83 -29.76
C ASN A 263 34.45 -4.42 -31.17
N ILE A 264 35.67 -3.89 -31.35
CA ILE A 264 36.16 -3.49 -32.65
C ILE A 264 36.33 -4.70 -33.57
N THR A 265 36.94 -5.77 -33.06
CA THR A 265 37.11 -6.90 -33.97
C THR A 265 35.83 -7.68 -34.21
N ARG A 266 34.84 -7.62 -33.32
CA ARG A 266 33.53 -8.17 -33.64
C ARG A 266 32.81 -7.34 -34.69
N LYS A 267 32.89 -6.01 -34.58
CA LYS A 267 32.30 -5.14 -35.60
C LYS A 267 32.97 -5.32 -36.95
N LEU A 268 34.25 -5.64 -36.95
CA LEU A 268 34.99 -5.79 -38.19
C LEU A 268 34.83 -7.18 -38.81
N TRP A 269 34.61 -8.21 -38.01
CA TRP A 269 34.38 -9.55 -38.54
C TRP A 269 32.93 -9.75 -38.95
N SER A 270 31.99 -9.28 -38.13
CA SER A 270 30.57 -9.48 -38.42
C SER A 270 30.12 -8.64 -39.60
N ARG A 271 30.21 -7.33 -39.48
CA ARG A 271 29.93 -6.42 -40.58
C ARG A 271 31.24 -6.02 -41.22
N THR A 272 31.13 -5.47 -42.44
CA THR A 272 32.18 -4.96 -43.34
C THR A 272 33.01 -6.10 -43.97
N PHE A 273 32.98 -7.30 -43.41
CA PHE A 273 33.54 -8.49 -44.05
C PHE A 273 32.49 -9.54 -44.32
N ASN A 274 31.47 -9.62 -43.45
CA ASN A 274 30.35 -10.54 -43.56
C ASN A 274 30.79 -11.99 -43.59
N CYS A 275 31.70 -12.35 -42.69
CA CYS A 275 32.08 -13.74 -42.55
C CYS A 275 30.99 -14.46 -41.75
N SER A 276 30.48 -15.54 -42.31
CA SER A 276 29.36 -16.23 -41.69
C SER A 276 29.37 -17.68 -42.12
N VAL A 277 28.96 -18.55 -41.19
CA VAL A 277 28.85 -19.98 -41.45
C VAL A 277 27.57 -20.22 -42.25
N PRO A 278 27.52 -21.24 -43.12
CA PRO A 278 26.31 -21.46 -43.93
C PRO A 278 25.12 -21.99 -43.15
N CYS A 279 25.32 -23.03 -42.33
CA CYS A 279 24.30 -23.66 -41.48
C CYS A 279 23.11 -24.18 -42.30
N SER A 280 23.39 -25.24 -43.05
CA SER A 280 22.35 -25.95 -43.80
C SER A 280 21.71 -27.01 -42.89
N ASP A 281 20.95 -26.51 -41.89
CA ASP A 281 20.17 -27.36 -40.99
C ASP A 281 18.79 -26.73 -40.84
N THR A 282 17.90 -27.01 -41.79
CA THR A 282 16.51 -26.59 -41.66
C THR A 282 15.50 -27.64 -42.10
N VAL A 283 15.86 -28.56 -42.98
CA VAL A 283 14.96 -29.65 -43.33
C VAL A 283 14.90 -30.72 -42.23
N PRO A 284 15.96 -31.10 -41.48
CA PRO A 284 15.69 -31.96 -40.31
C PRO A 284 14.93 -31.26 -39.21
N VAL A 285 15.12 -29.95 -39.03
CA VAL A 285 14.39 -29.22 -37.99
C VAL A 285 12.91 -29.15 -38.33
N ILE A 286 12.58 -28.87 -39.59
CA ILE A 286 11.18 -28.83 -39.97
C ILE A 286 10.57 -30.23 -39.98
N ALA A 287 11.38 -31.27 -40.23
CA ALA A 287 10.84 -32.63 -40.20
C ALA A 287 10.55 -33.09 -38.79
N VAL A 288 11.39 -32.71 -37.83
CA VAL A 288 11.14 -33.08 -36.45
C VAL A 288 9.98 -32.27 -35.87
N SER A 289 9.89 -30.98 -36.22
CA SER A 289 8.86 -30.14 -35.64
C SER A 289 7.49 -30.33 -36.26
N VAL A 290 7.39 -30.79 -37.50
CA VAL A 290 6.07 -31.11 -38.04
C VAL A 290 5.53 -32.39 -37.43
N PHE A 291 6.39 -33.34 -37.12
CA PHE A 291 5.92 -34.62 -36.58
C PHE A 291 5.40 -34.49 -35.16
N ILE A 292 6.06 -33.69 -34.31
CA ILE A 292 5.58 -33.53 -32.95
C ILE A 292 4.30 -32.70 -32.90
N LEU A 293 4.14 -31.76 -33.82
CA LEU A 293 2.88 -31.02 -33.89
C LEU A 293 1.74 -31.83 -34.48
N PHE A 294 2.02 -32.98 -35.07
CA PHE A 294 0.97 -33.84 -35.60
C PHE A 294 0.46 -34.84 -34.59
N LEU A 295 1.20 -35.06 -33.50
CA LEU A 295 0.74 -35.97 -32.45
C LEU A 295 -0.53 -35.56 -31.71
N PRO A 296 -0.80 -34.28 -31.38
CA PRO A 296 -2.11 -33.98 -30.76
C PRO A 296 -3.30 -34.25 -31.65
N VAL A 297 -3.15 -34.09 -32.97
CA VAL A 297 -4.24 -34.41 -33.89
C VAL A 297 -4.58 -35.91 -33.83
N VAL A 298 -3.54 -36.75 -33.82
CA VAL A 298 -3.73 -38.20 -33.74
C VAL A 298 -4.35 -38.59 -32.41
N PHE A 299 -3.84 -38.03 -31.31
CA PHE A 299 -4.30 -38.40 -29.97
C PHE A 299 -5.75 -37.99 -29.76
N TYR A 300 -6.09 -36.74 -30.04
CA TYR A 300 -7.47 -36.30 -29.82
C TYR A 300 -8.44 -36.94 -30.81
N LEU A 301 -8.01 -37.21 -32.04
CA LEU A 301 -8.93 -37.79 -33.01
C LEU A 301 -9.20 -39.26 -32.71
N SER A 302 -8.16 -40.03 -32.41
CA SER A 302 -8.40 -41.44 -32.08
C SER A 302 -9.04 -41.60 -30.72
N SER A 303 -8.87 -40.64 -29.82
CA SER A 303 -9.59 -40.69 -28.56
C SER A 303 -11.06 -40.32 -28.74
N PHE A 304 -11.36 -39.49 -29.74
CA PHE A 304 -12.76 -39.21 -30.07
C PHE A 304 -13.43 -40.38 -30.76
N LEU A 305 -12.74 -41.01 -31.71
CA LEU A 305 -13.37 -42.05 -32.51
C LEU A 305 -13.59 -43.32 -31.70
N HIS A 306 -12.52 -43.87 -31.13
CA HIS A 306 -12.59 -45.17 -30.49
C HIS A 306 -12.91 -45.04 -29.00
N SER A 307 -14.03 -44.38 -28.75
CA SER A 307 -14.60 -44.23 -27.42
C SER A 307 -16.07 -43.89 -27.54
N LEU B 73 41.99 -1.44 -43.78
CA LEU B 73 40.93 -1.41 -42.77
C LEU B 73 40.14 -0.12 -42.90
N PRO B 74 38.83 -0.18 -42.72
CA PRO B 74 38.00 1.01 -42.90
C PRO B 74 38.23 2.00 -41.77
N PRO B 75 37.87 3.26 -41.94
CA PRO B 75 38.00 4.21 -40.83
C PRO B 75 36.98 3.91 -39.74
N ASP B 76 37.31 4.42 -38.55
CA ASP B 76 36.56 4.42 -37.29
C ASP B 76 36.53 3.05 -36.63
N LEU B 77 36.94 1.98 -37.32
CA LEU B 77 37.02 0.74 -36.54
C LEU B 77 38.37 0.59 -35.83
N PRO B 78 39.57 0.57 -36.49
CA PRO B 78 40.79 0.51 -35.67
C PRO B 78 41.16 1.84 -35.05
N ASP B 79 41.05 2.91 -35.84
CA ASP B 79 41.66 4.20 -35.54
C ASP B 79 40.67 5.30 -35.91
N LEU B 80 41.14 6.54 -36.00
CA LEU B 80 40.32 7.67 -36.40
C LEU B 80 40.90 8.39 -37.61
N ASP B 81 40.02 8.95 -38.43
CA ASP B 81 40.44 9.85 -39.49
C ASP B 81 40.98 11.14 -38.88
N PRO B 82 41.99 11.78 -39.53
CA PRO B 82 42.75 12.83 -38.83
C PRO B 82 41.98 14.12 -38.59
N GLU B 83 40.92 14.42 -39.33
CA GLU B 83 40.12 15.59 -39.01
C GLU B 83 39.36 15.40 -37.70
N CYS B 84 38.68 14.27 -37.58
CA CYS B 84 37.98 13.95 -36.35
C CYS B 84 38.93 13.51 -35.24
N ARG B 85 40.18 13.22 -35.57
CA ARG B 85 41.21 13.14 -34.53
C ARG B 85 41.57 14.53 -34.01
N GLU B 86 41.75 15.49 -34.91
CA GLU B 86 42.10 16.84 -34.49
C GLU B 86 40.96 17.57 -33.80
N LEU B 87 39.73 17.09 -33.93
CA LEU B 87 38.66 17.60 -33.09
C LEU B 87 38.58 16.91 -31.73
N LEU B 88 39.50 16.00 -31.44
CA LEU B 88 39.65 15.39 -30.13
C LEU B 88 40.88 15.89 -29.40
N LEU B 89 41.98 16.11 -30.11
CA LEU B 89 43.16 16.71 -29.52
C LEU B 89 43.00 18.20 -29.25
N ASP B 90 41.91 18.82 -29.68
CA ASP B 90 41.61 20.21 -29.36
C ASP B 90 40.71 20.34 -28.14
N PHE B 91 39.71 19.48 -28.02
CA PHE B 91 38.90 19.40 -26.82
C PHE B 91 39.69 18.91 -25.62
N ALA B 92 40.80 18.20 -25.85
CA ALA B 92 41.62 17.77 -24.74
C ALA B 92 42.44 18.91 -24.17
N ASN B 93 42.73 19.91 -24.99
CA ASN B 93 43.49 21.06 -24.51
C ASN B 93 42.62 21.98 -23.69
N SER B 94 41.32 22.00 -23.96
CA SER B 94 40.41 22.90 -23.26
C SER B 94 39.89 22.34 -21.96
N SER B 95 39.90 21.02 -21.78
CA SER B 95 39.48 20.42 -20.52
C SER B 95 40.59 20.39 -19.49
N ALA B 96 41.84 20.23 -19.93
CA ALA B 96 42.98 20.30 -19.03
C ALA B 96 43.11 21.69 -18.42
N GLU B 97 42.97 22.73 -19.26
CA GLU B 97 43.05 24.10 -18.76
C GLU B 97 41.88 24.45 -17.86
N LEU B 98 40.69 23.94 -18.17
CA LEU B 98 39.54 24.22 -17.33
C LEU B 98 39.64 23.53 -15.99
N THR B 99 40.16 22.31 -15.96
CA THR B 99 40.36 21.63 -14.68
C THR B 99 41.44 22.32 -13.85
N GLY B 100 42.48 22.81 -14.52
CA GLY B 100 43.50 23.58 -13.83
C GLY B 100 42.95 24.87 -13.23
N CYS B 101 42.15 25.61 -14.00
CA CYS B 101 41.56 26.85 -13.49
C CYS B 101 40.60 26.57 -12.35
N LEU B 102 39.83 25.49 -12.46
CA LEU B 102 38.85 25.15 -11.44
C LEU B 102 39.52 24.85 -10.11
N VAL B 103 40.60 24.07 -10.14
CA VAL B 103 41.27 23.75 -8.88
C VAL B 103 42.12 24.93 -8.38
N ARG B 104 42.69 25.75 -9.27
CA ARG B 104 43.51 26.85 -8.79
C ARG B 104 42.67 27.96 -8.17
N SER B 105 41.47 28.21 -8.70
CA SER B 105 40.56 29.14 -8.06
C SER B 105 39.50 28.43 -7.22
N ALA B 106 39.81 27.22 -6.75
CA ALA B 106 38.86 26.49 -5.92
C ALA B 106 38.68 27.15 -4.56
N ARG B 107 39.74 27.21 -3.74
CA ARG B 107 39.42 27.47 -2.34
C ARG B 107 39.23 28.95 -1.99
N PRO B 108 40.09 29.90 -2.32
CA PRO B 108 39.59 31.28 -2.21
C PRO B 108 38.66 31.47 -3.40
N VAL B 109 37.34 31.40 -3.17
CA VAL B 109 36.42 31.01 -4.22
C VAL B 109 36.26 32.18 -5.18
N ARG B 110 37.09 32.18 -6.21
CA ARG B 110 37.02 33.09 -7.36
C ARG B 110 36.58 32.32 -8.59
N LEU B 111 35.60 31.44 -8.44
CA LEU B 111 35.36 30.42 -9.45
C LEU B 111 34.63 30.99 -10.66
N CYS B 112 33.47 31.61 -10.44
CA CYS B 112 32.63 32.03 -11.55
C CYS B 112 33.17 33.25 -12.26
N GLN B 113 34.13 33.96 -11.68
CA GLN B 113 34.64 35.16 -12.32
C GLN B 113 35.99 34.97 -13.00
N THR B 114 36.76 33.94 -12.63
CA THR B 114 38.04 33.75 -13.32
C THR B 114 37.83 32.98 -14.62
N CYS B 115 37.41 31.72 -14.54
CA CYS B 115 37.12 30.94 -15.74
C CYS B 115 35.63 30.78 -15.96
N TYR B 116 35.01 31.85 -16.40
CA TYR B 116 33.90 31.81 -17.33
C TYR B 116 34.31 31.70 -18.82
N PRO B 117 35.38 32.34 -19.35
CA PRO B 117 35.67 32.12 -20.77
C PRO B 117 36.20 30.73 -21.08
N LEU B 118 36.80 30.05 -20.11
CA LEU B 118 37.23 28.68 -20.33
C LEU B 118 36.04 27.75 -20.41
N PHE B 119 35.03 27.98 -19.58
CA PHE B 119 33.80 27.22 -19.70
C PHE B 119 33.09 27.54 -21.01
N GLN B 120 33.19 28.78 -21.47
CA GLN B 120 32.57 29.10 -22.75
C GLN B 120 33.27 28.43 -23.92
N GLN B 121 34.60 28.34 -23.87
CA GLN B 121 35.26 27.66 -24.98
C GLN B 121 35.09 26.15 -24.91
N VAL B 122 34.89 25.57 -23.72
CA VAL B 122 34.60 24.13 -23.67
C VAL B 122 33.19 23.84 -24.15
N VAL B 123 32.20 24.65 -23.75
CA VAL B 123 30.84 24.43 -24.23
C VAL B 123 30.68 24.83 -25.70
N SER B 124 31.62 25.59 -26.25
CA SER B 124 31.61 25.81 -27.69
C SER B 124 32.28 24.68 -28.44
N LYS B 125 33.41 24.18 -27.93
CA LYS B 125 34.10 23.10 -28.62
C LYS B 125 33.40 21.76 -28.48
N MET B 126 32.48 21.62 -27.54
CA MET B 126 31.63 20.43 -27.54
C MET B 126 30.62 20.47 -28.66
N ASP B 127 29.97 21.60 -28.86
CA ASP B 127 28.99 21.72 -29.92
C ASP B 127 29.63 21.96 -31.28
N ASN B 128 30.93 22.20 -31.33
CA ASN B 128 31.65 22.19 -32.59
C ASN B 128 31.60 20.82 -33.23
N ILE B 129 31.60 19.75 -32.43
CA ILE B 129 31.63 18.39 -32.93
C ILE B 129 30.31 17.68 -32.73
N SER B 130 29.41 18.18 -31.88
CA SER B 130 28.11 17.53 -31.79
C SER B 130 27.23 17.83 -32.99
N ARG B 131 27.49 18.91 -33.70
CA ARG B 131 26.82 19.25 -34.94
C ARG B 131 27.80 19.85 -35.95
N CYS B 142 31.39 14.69 -37.09
CA CYS B 142 31.49 13.35 -36.49
C CYS B 142 30.98 13.33 -35.05
N ALA B 143 29.66 13.38 -34.92
CA ALA B 143 28.99 13.24 -33.63
C ALA B 143 28.76 11.79 -33.25
N ARG B 144 29.09 10.86 -34.13
CA ARG B 144 28.96 9.45 -33.85
C ARG B 144 30.30 8.75 -33.79
N SER B 145 31.31 9.28 -34.45
CA SER B 145 32.66 8.75 -34.39
C SER B 145 33.38 9.09 -33.10
N LEU B 146 32.83 9.96 -32.25
CA LEU B 146 33.45 10.32 -30.98
C LEU B 146 32.51 10.19 -29.80
N LEU B 147 31.23 10.51 -29.96
CA LEU B 147 30.34 10.68 -28.84
C LEU B 147 29.54 9.43 -28.50
N MET B 148 29.03 8.73 -29.49
CA MET B 148 28.30 7.47 -29.27
C MET B 148 29.05 6.36 -29.98
N ALA B 149 30.10 5.86 -29.35
CA ALA B 149 30.83 4.74 -29.92
C ALA B 149 31.30 3.73 -28.88
N ASP B 150 31.09 3.97 -27.59
CA ASP B 150 31.54 3.08 -26.51
C ASP B 150 30.43 2.90 -25.50
N ARG B 151 30.68 2.06 -24.51
CA ARG B 151 29.78 2.03 -23.36
C ARG B 151 30.14 3.07 -22.33
N MET B 152 31.34 3.62 -22.39
CA MET B 152 31.78 4.68 -21.50
C MET B 152 32.24 5.84 -22.37
N GLN B 153 31.44 6.89 -22.40
CA GLN B 153 31.58 7.95 -23.37
C GLN B 153 32.30 9.11 -22.69
N ILE B 154 33.61 9.23 -22.92
CA ILE B 154 34.45 10.13 -22.12
C ILE B 154 34.15 11.58 -22.44
N VAL B 155 34.05 11.92 -23.72
CA VAL B 155 33.80 13.30 -24.12
C VAL B 155 32.38 13.71 -23.73
N VAL B 156 31.47 12.75 -23.62
CA VAL B 156 30.11 13.08 -23.21
C VAL B 156 30.03 13.29 -21.71
N ILE B 157 30.53 12.34 -20.92
CA ILE B 157 30.32 12.39 -19.47
C ILE B 157 31.24 13.39 -18.78
N LEU B 158 32.20 13.96 -19.47
CA LEU B 158 33.04 14.98 -18.88
C LEU B 158 32.46 16.37 -19.09
N SER B 159 31.80 16.63 -20.21
CA SER B 159 31.06 17.86 -20.36
C SER B 159 29.82 17.89 -19.48
N GLU B 160 29.27 16.74 -19.14
CA GLU B 160 28.21 16.70 -18.14
C GLU B 160 28.73 17.02 -16.75
N PHE B 161 29.99 16.68 -16.47
CA PHE B 161 30.62 17.11 -15.24
C PHE B 161 30.77 18.62 -15.19
N PHE B 162 31.25 19.20 -16.29
CA PHE B 162 31.43 20.65 -16.35
C PHE B 162 30.11 21.39 -16.27
N ASN B 163 29.06 20.87 -16.92
CA ASN B 163 27.75 21.51 -16.81
C ASN B 163 27.15 21.36 -15.43
N THR B 164 27.30 20.20 -14.79
CA THR B 164 26.76 20.00 -13.45
C THR B 164 27.48 20.88 -12.43
N THR B 165 28.80 21.03 -12.57
CA THR B 165 29.55 21.90 -11.68
C THR B 165 29.21 23.37 -11.93
N TRP B 166 29.01 23.75 -13.19
CA TRP B 166 28.67 25.12 -13.51
C TRP B 166 27.24 25.48 -13.11
N GLN B 167 26.36 24.49 -12.98
CA GLN B 167 25.01 24.78 -12.53
C GLN B 167 24.86 24.70 -11.03
N GLU B 168 25.62 23.83 -10.37
CA GLU B 168 25.61 23.80 -8.91
C GLU B 168 26.23 25.07 -8.32
N ALA B 169 27.19 25.64 -9.03
CA ALA B 169 27.78 26.90 -8.60
C ALA B 169 26.86 28.08 -8.81
N ASN B 170 25.86 27.93 -9.68
CA ASN B 170 25.01 29.02 -10.17
C ASN B 170 25.84 30.19 -10.68
N CYS B 171 26.79 29.89 -11.58
CA CYS B 171 27.60 30.95 -12.16
C CYS B 171 26.83 31.79 -13.17
N ALA B 172 25.58 31.44 -13.48
CA ALA B 172 24.76 32.28 -14.34
C ALA B 172 24.37 33.58 -13.67
N ASN B 173 24.33 33.61 -12.33
CA ASN B 173 23.99 34.83 -11.60
C ASN B 173 25.11 35.85 -11.66
N CYS B 174 26.36 35.40 -11.66
CA CYS B 174 27.49 36.33 -11.73
C CYS B 174 27.74 36.87 -13.12
N LEU B 175 26.96 36.48 -14.12
CA LEU B 175 27.23 36.86 -15.50
C LEU B 175 26.03 37.60 -16.07
N THR B 176 26.22 38.17 -17.26
CA THR B 176 25.20 38.97 -17.91
C THR B 176 24.16 38.06 -18.56
N ASN B 177 23.24 38.65 -19.32
CA ASN B 177 22.35 37.84 -20.15
C ASN B 177 23.11 37.23 -21.32
N ASN B 178 24.11 37.95 -21.82
CA ASN B 178 24.94 37.49 -22.93
C ASN B 178 26.01 36.50 -22.50
N SER B 179 26.20 36.31 -21.19
CA SER B 179 27.24 35.47 -20.59
C SER B 179 28.64 35.87 -21.06
N GLU B 180 28.83 37.15 -21.36
CA GLU B 180 30.08 37.65 -21.89
C GLU B 180 30.87 38.46 -20.87
N GLU B 181 30.22 38.93 -19.81
CA GLU B 181 30.91 39.71 -18.79
C GLU B 181 30.18 39.52 -17.47
N LEU B 182 30.76 40.07 -16.40
CA LEU B 182 30.16 40.00 -15.08
C LEU B 182 28.91 40.86 -15.02
N SER B 183 27.99 40.48 -14.16
CA SER B 183 26.75 41.22 -13.99
C SER B 183 27.02 42.56 -13.34
N ASN B 184 26.06 43.47 -13.49
CA ASN B 184 26.19 44.81 -12.92
C ASN B 184 26.03 44.79 -11.41
N SER B 185 25.40 43.76 -10.87
CA SER B 185 25.18 43.59 -9.45
C SER B 185 26.38 42.98 -8.74
N THR B 186 26.99 41.97 -9.36
CA THR B 186 28.14 41.27 -8.77
C THR B 186 29.37 42.17 -8.74
N VAL B 187 29.55 43.00 -9.77
CA VAL B 187 30.69 43.91 -9.79
C VAL B 187 30.53 45.01 -8.74
N TYR B 188 29.30 45.26 -8.29
CA TYR B 188 29.07 46.19 -7.20
C TYR B 188 29.18 45.52 -5.84
N PHE B 189 28.91 44.21 -5.77
CA PHE B 189 29.14 43.50 -4.52
C PHE B 189 30.62 43.36 -4.24
N LEU B 190 31.37 42.84 -5.21
CA LEU B 190 32.77 42.51 -5.01
C LEU B 190 33.65 43.74 -4.87
N ASN B 191 33.14 44.91 -5.24
CA ASN B 191 33.81 46.16 -4.94
C ASN B 191 33.56 46.56 -3.49
N LEU B 192 32.34 46.37 -3.00
CA LEU B 192 31.98 46.74 -1.64
C LEU B 192 32.58 45.78 -0.62
N PHE B 193 32.75 44.52 -0.99
CA PHE B 193 33.41 43.52 -0.16
C PHE B 193 34.87 43.87 0.09
N ASN B 194 35.52 44.47 -0.91
CA ASN B 194 36.92 44.87 -0.76
C ASN B 194 37.04 46.02 0.23
N HIS B 195 36.06 46.91 0.27
CA HIS B 195 36.08 47.99 1.27
C HIS B 195 35.92 47.45 2.67
N THR B 196 35.07 46.45 2.87
CA THR B 196 34.88 45.88 4.21
C THR B 196 36.13 45.14 4.66
N LEU B 197 36.74 44.35 3.77
CA LEU B 197 37.97 43.69 4.21
C LEU B 197 39.16 44.62 4.30
N THR B 198 39.13 45.80 3.67
CA THR B 198 40.23 46.72 3.93
C THR B 198 39.94 47.65 5.09
N CYS B 199 38.70 47.69 5.59
CA CYS B 199 38.43 48.40 6.84
C CYS B 199 38.64 47.54 8.06
N PHE B 200 38.39 46.23 7.98
CA PHE B 200 38.69 45.33 9.08
C PHE B 200 40.17 45.35 9.43
N GLU B 201 41.02 45.10 8.44
CA GLU B 201 42.44 44.98 8.71
C GLU B 201 43.11 46.32 8.97
N HIS B 202 42.45 47.43 8.67
CA HIS B 202 43.02 48.72 9.01
C HIS B 202 42.56 49.22 10.36
N ASN B 203 41.30 49.00 10.72
CA ASN B 203 40.78 49.43 12.02
C ASN B 203 41.15 48.36 13.06
N LEU B 204 42.43 48.28 13.36
CA LEU B 204 43.00 47.21 14.15
C LEU B 204 44.39 47.60 14.60
N GLN B 205 44.72 47.30 15.84
CA GLN B 205 45.98 47.75 16.42
C GLN B 205 46.93 46.58 16.68
N ASN B 216 41.20 41.27 21.92
CA ASN B 216 40.56 42.54 22.23
C ASN B 216 39.40 42.78 21.28
N TYR B 217 39.71 43.44 20.16
CA TYR B 217 38.77 43.76 19.07
C TYR B 217 37.59 44.59 19.56
N SER B 218 37.86 45.50 20.49
CA SER B 218 36.83 46.39 20.99
C SER B 218 36.79 47.71 20.23
N GLU B 219 37.63 47.86 19.23
CA GLU B 219 37.60 49.01 18.35
C GLU B 219 37.05 48.64 16.98
N VAL B 220 37.18 47.39 16.58
CA VAL B 220 36.69 46.94 15.27
C VAL B 220 35.17 47.01 15.18
N CYS B 221 34.46 46.67 16.24
CA CYS B 221 33.00 46.72 16.25
C CYS B 221 32.45 48.13 16.13
N LYS B 222 33.23 49.13 16.52
CA LYS B 222 32.90 50.53 16.27
C LYS B 222 33.57 51.00 14.99
N ASN B 223 33.01 52.04 14.38
CA ASN B 223 33.60 52.75 13.23
C ASN B 223 33.73 51.89 11.97
N CYS B 224 33.18 50.68 12.01
CA CYS B 224 33.30 49.76 10.89
C CYS B 224 31.96 49.06 10.68
N ARG B 225 31.03 49.29 11.62
CA ARG B 225 29.72 48.65 11.59
C ARG B 225 28.86 49.16 10.44
N GLU B 226 29.07 50.39 9.99
CA GLU B 226 28.27 50.93 8.90
C GLU B 226 28.57 50.25 7.58
N ALA B 227 29.76 49.64 7.43
CA ALA B 227 30.08 48.90 6.23
C ALA B 227 29.42 47.54 6.22
N TYR B 228 29.43 46.87 7.37
CA TYR B 228 28.85 45.55 7.50
C TYR B 228 27.34 45.57 7.28
N LYS B 229 26.66 46.61 7.75
CA LYS B 229 25.21 46.69 7.62
C LYS B 229 24.81 46.90 6.15
N THR B 230 25.49 47.80 5.45
CA THR B 230 25.13 48.02 4.05
C THR B 230 25.52 46.84 3.18
N LEU B 231 26.61 46.13 3.53
CA LEU B 231 26.97 44.94 2.77
C LEU B 231 25.95 43.83 2.98
N SER B 232 25.51 43.61 4.22
CA SER B 232 24.54 42.57 4.47
C SER B 232 23.16 42.92 3.92
N SER B 233 22.78 44.20 3.93
CA SER B 233 21.51 44.61 3.35
C SER B 233 21.52 44.47 1.84
N LEU B 234 22.65 44.78 1.20
CA LEU B 234 22.78 44.58 -0.24
C LEU B 234 22.71 43.10 -0.61
N TYR B 235 23.31 42.24 0.20
CA TYR B 235 23.22 40.80 -0.02
C TYR B 235 21.78 40.31 0.08
N SER B 236 21.05 40.76 1.09
CA SER B 236 19.67 40.33 1.23
C SER B 236 18.76 40.97 0.18
N GLU B 237 19.21 42.05 -0.45
CA GLU B 237 18.51 42.59 -1.60
C GLU B 237 18.72 41.73 -2.84
N MET B 238 19.98 41.32 -3.08
CA MET B 238 20.31 40.47 -4.22
C MET B 238 19.65 39.12 -4.13
N GLN B 239 19.55 38.59 -2.92
CA GLN B 239 18.98 37.27 -2.71
C GLN B 239 17.49 37.24 -3.06
N LYS B 240 16.75 38.27 -2.67
CA LYS B 240 15.34 38.32 -3.02
C LYS B 240 15.12 38.71 -4.48
N MET B 241 16.02 39.51 -5.06
CA MET B 241 15.95 39.79 -6.49
C MET B 241 16.16 38.52 -7.31
N ASN B 242 17.05 37.64 -6.85
CA ASN B 242 17.22 36.34 -7.51
C ASN B 242 16.01 35.46 -7.28
N GLU B 243 15.37 35.59 -6.11
CA GLU B 243 14.13 34.86 -5.84
C GLU B 243 13.00 35.32 -6.74
N LEU B 244 13.05 36.58 -7.22
CA LEU B 244 12.04 37.10 -8.14
C LEU B 244 12.05 36.38 -9.49
N GLU B 245 13.17 35.76 -9.89
CA GLU B 245 13.20 35.04 -11.15
C GLU B 245 12.47 33.71 -11.07
N ASN B 246 12.60 32.99 -9.97
CA ASN B 246 11.83 31.76 -9.79
C ASN B 246 10.66 31.94 -8.82
N HIS B 253 20.04 29.32 -3.99
CA HIS B 253 21.42 29.75 -3.85
C HIS B 253 21.76 30.85 -4.83
N LEU B 254 22.55 31.81 -4.38
CA LEU B 254 23.12 32.79 -5.28
C LEU B 254 24.37 32.21 -5.93
N CYS B 255 25.08 33.05 -6.66
CA CYS B 255 26.37 32.71 -7.23
C CYS B 255 27.34 32.37 -6.11
N ILE B 256 28.15 31.33 -6.32
CA ILE B 256 29.06 30.86 -5.28
C ILE B 256 30.21 31.83 -5.07
N ASP B 257 30.44 32.73 -6.02
CA ASP B 257 31.50 33.70 -5.89
C ASP B 257 31.15 34.77 -4.85
N VAL B 258 29.87 35.12 -4.72
CA VAL B 258 29.45 36.12 -3.75
C VAL B 258 28.95 35.49 -2.44
N GLU B 259 28.45 34.26 -2.48
CA GLU B 259 28.10 33.60 -1.23
C GLU B 259 29.32 33.29 -0.39
N ASP B 260 30.44 32.98 -1.01
CA ASP B 260 31.63 32.71 -0.22
C ASP B 260 32.18 33.99 0.40
N ALA B 261 32.06 35.11 -0.31
CA ALA B 261 32.48 36.38 0.25
C ALA B 261 31.62 36.79 1.42
N MET B 262 30.30 36.58 1.32
CA MET B 262 29.45 36.90 2.46
C MET B 262 29.66 35.91 3.61
N ASN B 263 30.00 34.65 3.31
CA ASN B 263 30.28 33.67 4.35
C ASN B 263 31.53 34.03 5.12
N ILE B 264 32.56 34.49 4.41
CA ILE B 264 33.82 34.91 5.03
C ILE B 264 33.61 36.13 5.89
N THR B 265 32.85 37.12 5.42
CA THR B 265 32.72 38.30 6.26
C THR B 265 31.73 38.12 7.42
N ARG B 266 30.73 37.23 7.31
CA ARG B 266 29.90 36.90 8.46
C ARG B 266 30.66 36.09 9.49
N LYS B 267 31.50 35.16 9.05
CA LYS B 267 32.31 34.38 9.98
C LYS B 267 33.46 35.20 10.53
N LEU B 268 33.82 36.28 9.89
CA LEU B 268 34.86 37.13 10.41
C LEU B 268 34.30 38.13 11.39
N TRP B 269 33.04 38.52 11.22
CA TRP B 269 32.39 39.47 12.12
C TRP B 269 31.84 38.78 13.38
N SER B 270 31.10 37.70 13.21
CA SER B 270 30.36 37.11 14.33
C SER B 270 31.30 36.40 15.30
N ARG B 271 32.03 35.41 14.82
CA ARG B 271 33.16 34.92 15.58
C ARG B 271 34.43 35.63 15.11
N THR B 272 35.51 35.44 15.89
CA THR B 272 36.86 36.00 15.77
C THR B 272 36.92 37.50 16.09
N PHE B 273 35.78 38.18 16.04
CA PHE B 273 35.66 39.55 16.53
C PHE B 273 34.68 39.67 17.67
N ASN B 274 33.67 38.78 17.70
CA ASN B 274 32.66 38.69 18.76
C ASN B 274 31.90 40.00 18.91
N CYS B 275 31.61 40.65 17.79
CA CYS B 275 30.74 41.82 17.82
C CYS B 275 29.33 41.36 18.10
N SER B 276 28.66 42.09 18.99
CA SER B 276 27.34 41.69 19.45
C SER B 276 26.57 42.93 19.88
N VAL B 277 25.30 42.73 20.23
CA VAL B 277 24.43 43.80 20.71
C VAL B 277 24.00 43.44 22.14
N PRO B 278 23.75 44.42 23.02
CA PRO B 278 23.53 44.05 24.43
C PRO B 278 22.17 43.42 24.72
N CYS B 279 21.08 43.96 24.16
CA CYS B 279 19.70 43.47 24.31
C CYS B 279 19.26 43.41 25.79
N SER B 280 19.09 44.60 26.35
CA SER B 280 18.46 44.74 27.66
C SER B 280 16.94 44.62 27.46
N ASP B 281 16.47 43.37 27.37
CA ASP B 281 15.07 43.12 27.07
C ASP B 281 14.55 41.88 27.81
N THR B 282 15.30 41.35 28.76
CA THR B 282 14.89 40.12 29.41
C THR B 282 14.03 40.37 30.66
N VAL B 283 13.93 41.60 31.13
CA VAL B 283 13.01 41.91 32.23
C VAL B 283 11.58 42.18 31.75
N PRO B 284 11.30 42.98 30.69
CA PRO B 284 9.89 43.12 30.27
C PRO B 284 9.27 41.88 29.68
N VAL B 285 10.03 40.94 29.13
CA VAL B 285 9.43 39.72 28.61
C VAL B 285 9.01 38.81 29.76
N ILE B 286 9.84 38.73 30.80
CA ILE B 286 9.50 37.94 31.98
C ILE B 286 8.30 38.53 32.70
N ALA B 287 8.20 39.86 32.73
CA ALA B 287 7.08 40.51 33.40
C ALA B 287 5.76 40.34 32.66
N VAL B 288 5.79 40.07 31.36
CA VAL B 288 4.57 39.87 30.60
C VAL B 288 4.20 38.40 30.54
N SER B 289 5.18 37.53 30.32
CA SER B 289 4.92 36.11 30.28
C SER B 289 4.69 35.49 31.66
N VAL B 290 4.93 36.23 32.74
CA VAL B 290 4.48 35.77 34.04
C VAL B 290 3.07 36.27 34.32
N PHE B 291 2.58 37.23 33.55
CA PHE B 291 1.23 37.76 33.70
C PHE B 291 0.23 36.93 32.92
N ILE B 292 0.59 36.45 31.74
CA ILE B 292 -0.36 35.71 30.93
C ILE B 292 -0.49 34.28 31.45
N LEU B 293 0.58 33.69 31.97
CA LEU B 293 0.48 32.35 32.53
C LEU B 293 -0.25 32.33 33.86
N PHE B 294 -0.47 33.49 34.46
CA PHE B 294 -1.21 33.60 35.70
C PHE B 294 -2.71 33.74 35.47
N LEU B 295 -3.13 34.12 34.27
CA LEU B 295 -4.55 34.19 33.97
C LEU B 295 -5.32 32.87 33.98
N PRO B 296 -4.78 31.71 33.54
CA PRO B 296 -5.55 30.47 33.72
C PRO B 296 -5.76 30.06 35.17
N VAL B 297 -4.80 30.31 36.07
CA VAL B 297 -5.01 29.93 37.46
C VAL B 297 -5.91 30.93 38.18
N VAL B 298 -6.25 32.03 37.53
CA VAL B 298 -7.31 32.91 38.02
C VAL B 298 -8.66 32.49 37.47
N PHE B 299 -8.71 32.08 36.20
CA PHE B 299 -9.97 31.62 35.61
C PHE B 299 -10.45 30.31 36.21
N TYR B 300 -9.54 29.36 36.43
CA TYR B 300 -9.94 28.08 36.99
C TYR B 300 -10.28 28.16 38.46
N LEU B 301 -9.78 29.17 39.15
CA LEU B 301 -10.04 29.28 40.56
C LEU B 301 -11.24 30.15 40.86
N SER B 302 -11.51 31.15 40.02
CA SER B 302 -12.68 31.98 40.21
C SER B 302 -13.96 31.22 39.86
N SER B 303 -13.92 30.42 38.79
CA SER B 303 -15.08 29.65 38.39
C SER B 303 -15.29 28.41 39.25
N PHE B 304 -14.29 28.01 40.00
CA PHE B 304 -14.47 26.93 40.97
C PHE B 304 -15.16 27.43 42.23
N LEU B 305 -14.80 28.62 42.70
CA LEU B 305 -15.44 29.18 43.87
C LEU B 305 -16.85 29.65 43.52
N HIS B 306 -16.96 30.55 42.55
CA HIS B 306 -18.22 31.22 42.26
C HIS B 306 -19.00 30.49 41.18
N TYR C 114 -20.26 -34.21 -1.48
CA TYR C 114 -20.40 -32.76 -1.31
C TYR C 114 -21.20 -32.47 -0.06
N GLU C 115 -20.57 -32.70 1.09
CA GLU C 115 -21.24 -32.59 2.37
C GLU C 115 -21.10 -31.18 2.91
N SER C 116 -22.13 -30.70 3.60
CA SER C 116 -22.19 -29.33 4.09
C SER C 116 -21.30 -29.17 5.32
N LEU C 117 -21.41 -28.01 5.97
CA LEU C 117 -20.52 -27.67 7.07
C LEU C 117 -21.30 -26.81 8.06
N ASP C 118 -21.42 -27.26 9.31
CA ASP C 118 -22.18 -26.53 10.33
C ASP C 118 -21.26 -25.53 11.03
N TYR C 119 -21.40 -24.26 10.68
CA TYR C 119 -20.54 -23.22 11.23
C TYR C 119 -21.06 -22.61 12.52
N ASP C 120 -22.37 -22.64 12.74
CA ASP C 120 -22.93 -22.20 14.01
C ASP C 120 -22.89 -23.35 15.01
N ASN C 121 -22.43 -23.04 16.23
CA ASN C 121 -22.43 -24.00 17.32
C ASN C 121 -23.85 -24.39 17.72
N SER C 122 -23.97 -25.58 18.31
CA SER C 122 -25.26 -25.99 18.84
C SER C 122 -25.62 -25.17 20.07
N GLU C 123 -24.63 -24.82 20.90
CA GLU C 123 -24.82 -24.15 22.19
C GLU C 123 -25.81 -24.89 23.07
N ASN C 124 -25.70 -26.21 23.09
CA ASN C 124 -26.59 -27.04 23.89
C ASN C 124 -26.12 -27.04 25.35
N GLN C 125 -26.64 -27.97 26.14
CA GLN C 125 -26.39 -27.91 27.58
C GLN C 125 -24.95 -28.28 27.92
N LEU C 126 -24.43 -29.33 27.27
CA LEU C 126 -23.06 -29.77 27.51
C LEU C 126 -22.05 -28.74 27.04
N PHE C 127 -22.41 -27.98 25.99
CA PHE C 127 -21.63 -26.80 25.59
C PHE C 127 -21.54 -25.78 26.73
N LEU C 128 -22.65 -25.57 27.44
CA LEU C 128 -22.66 -24.56 28.48
C LEU C 128 -21.86 -25.01 29.71
N GLU C 129 -21.96 -26.29 30.09
CA GLU C 129 -21.10 -26.74 31.19
C GLU C 129 -19.65 -26.90 30.76
N GLU C 130 -19.38 -27.05 29.47
CA GLU C 130 -18.00 -27.09 29.00
C GLU C 130 -17.40 -25.69 28.91
N GLU C 131 -18.23 -24.68 28.72
CA GLU C 131 -17.78 -23.30 28.70
C GLU C 131 -17.62 -22.73 30.10
N ARG C 132 -18.47 -23.16 31.04
CA ARG C 132 -18.42 -22.59 32.39
C ARG C 132 -17.16 -23.01 33.12
N ARG C 133 -16.70 -24.26 32.92
CA ARG C 133 -15.52 -24.74 33.60
C ARG C 133 -14.25 -24.07 33.08
N ILE C 134 -14.25 -23.67 31.81
CA ILE C 134 -13.12 -22.91 31.28
C ILE C 134 -13.16 -21.49 31.79
N ASN C 135 -14.35 -20.88 31.83
CA ASN C 135 -14.49 -19.49 32.26
C ASN C 135 -14.77 -19.36 33.76
N HIS C 136 -14.30 -20.30 34.56
CA HIS C 136 -14.26 -20.15 36.00
C HIS C 136 -12.92 -20.61 36.56
N ARG C 140 -7.52 -16.82 30.76
CA ARG C 140 -8.22 -17.52 29.69
C ARG C 140 -7.26 -18.01 28.63
N THR C 141 -7.10 -19.33 28.54
CA THR C 141 -6.12 -19.91 27.63
C THR C 141 -6.70 -20.26 26.27
N VAL C 142 -8.03 -20.36 26.13
CA VAL C 142 -8.60 -20.80 24.86
C VAL C 142 -8.72 -19.69 23.85
N GLU C 143 -8.27 -18.49 24.16
CA GLU C 143 -8.15 -17.42 23.19
C GLU C 143 -6.72 -17.14 22.78
N ILE C 144 -5.77 -17.35 23.69
CA ILE C 144 -4.36 -17.19 23.33
C ILE C 144 -3.89 -18.34 22.45
N LYS C 145 -4.56 -19.49 22.46
CA LYS C 145 -4.13 -20.58 21.60
C LYS C 145 -4.50 -20.35 20.15
N ARG C 146 -5.53 -19.56 19.88
CA ARG C 146 -5.85 -19.17 18.51
C ARG C 146 -4.74 -18.33 17.91
N TRP C 147 -4.12 -17.47 18.71
CA TRP C 147 -3.05 -16.62 18.21
C TRP C 147 -1.78 -17.41 17.97
N VAL C 148 -1.51 -18.40 18.82
CA VAL C 148 -0.37 -19.30 18.62
C VAL C 148 -0.57 -20.12 17.36
N ILE C 149 -1.79 -20.62 17.14
CA ILE C 149 -2.07 -21.41 15.95
C ILE C 149 -1.98 -20.54 14.69
N CYS C 150 -2.51 -19.32 14.72
CA CYS C 150 -2.44 -18.47 13.53
C CYS C 150 -1.03 -17.99 13.23
N ALA C 151 -0.20 -17.79 14.27
CA ALA C 151 1.21 -17.52 14.04
C ALA C 151 1.91 -18.71 13.41
N LEU C 152 1.56 -19.93 13.83
CA LEU C 152 2.20 -21.09 13.23
C LEU C 152 1.74 -21.31 11.80
N ILE C 153 0.47 -21.01 11.51
CA ILE C 153 -0.03 -21.08 10.14
C ILE C 153 0.70 -20.11 9.25
N GLY C 154 0.95 -18.89 9.74
CA GLY C 154 1.71 -17.93 8.95
C GLY C 154 3.15 -18.35 8.69
N ILE C 155 3.83 -18.84 9.73
CA ILE C 155 5.22 -19.31 9.60
C ILE C 155 5.31 -20.47 8.62
N LEU C 156 4.40 -21.45 8.76
CA LEU C 156 4.48 -22.64 7.92
C LEU C 156 4.12 -22.35 6.48
N THR C 157 3.16 -21.46 6.23
CA THR C 157 2.84 -21.10 4.85
C THR C 157 3.98 -20.35 4.18
N GLY C 158 4.64 -19.43 4.91
CA GLY C 158 5.81 -18.78 4.37
C GLY C 158 6.96 -19.72 4.10
N LEU C 159 7.14 -20.75 4.94
CA LEU C 159 8.20 -21.72 4.71
C LEU C 159 7.90 -22.64 3.53
N VAL C 160 6.64 -22.98 3.30
CA VAL C 160 6.30 -23.77 2.10
C VAL C 160 6.52 -22.94 0.84
N ALA C 161 6.25 -21.63 0.90
CA ALA C 161 6.57 -20.76 -0.23
C ALA C 161 8.07 -20.68 -0.49
N CYS C 162 8.87 -20.62 0.59
CA CYS C 162 10.32 -20.63 0.46
C CYS C 162 10.83 -21.90 -0.19
N PHE C 163 10.31 -23.05 0.24
CA PHE C 163 10.73 -24.32 -0.34
C PHE C 163 10.40 -24.41 -1.82
N ILE C 164 9.17 -24.03 -2.20
CA ILE C 164 8.76 -24.07 -3.60
C ILE C 164 9.64 -23.15 -4.44
N ASP C 165 9.93 -21.96 -3.95
CA ASP C 165 10.69 -20.99 -4.74
C ASP C 165 12.15 -21.42 -4.92
N ILE C 166 12.77 -21.94 -3.86
CA ILE C 166 14.18 -22.34 -3.95
C ILE C 166 14.34 -23.60 -4.80
N VAL C 167 13.43 -24.57 -4.67
CA VAL C 167 13.58 -25.80 -5.44
C VAL C 167 13.28 -25.55 -6.92
N VAL C 168 12.27 -24.74 -7.23
CA VAL C 168 12.00 -24.39 -8.63
C VAL C 168 13.12 -23.53 -9.21
N GLU C 169 13.74 -22.68 -8.40
CA GLU C 169 14.85 -21.87 -8.89
C GLU C 169 16.07 -22.73 -9.21
N ASN C 170 16.34 -23.75 -8.40
CA ASN C 170 17.53 -24.55 -8.68
C ASN C 170 17.29 -25.62 -9.74
N LEU C 171 16.11 -26.23 -9.78
CA LEU C 171 15.86 -27.29 -10.76
C LEU C 171 15.67 -26.76 -12.17
N ALA C 172 15.07 -25.59 -12.33
CA ALA C 172 14.93 -25.05 -13.67
C ALA C 172 16.26 -24.51 -14.16
N GLY C 173 17.11 -24.05 -13.25
CA GLY C 173 18.44 -23.64 -13.62
C GLY C 173 19.36 -24.75 -14.03
N LEU C 174 19.04 -25.99 -13.70
CA LEU C 174 19.78 -27.13 -14.19
C LEU C 174 19.28 -27.60 -15.55
N LYS C 175 18.03 -27.31 -15.89
CA LYS C 175 17.50 -27.74 -17.17
C LYS C 175 17.91 -26.80 -18.29
N TYR C 176 17.86 -25.49 -18.07
CA TYR C 176 18.19 -24.56 -19.13
C TYR C 176 19.68 -24.46 -19.39
N ARG C 177 20.53 -25.01 -18.54
CA ARG C 177 21.94 -25.09 -18.86
C ARG C 177 22.28 -26.34 -19.66
N VAL C 178 21.54 -27.43 -19.46
CA VAL C 178 21.68 -28.59 -20.34
C VAL C 178 21.25 -28.24 -21.76
N ILE C 179 20.19 -27.45 -21.88
CA ILE C 179 19.69 -27.11 -23.20
C ILE C 179 20.56 -26.06 -23.88
N LYS C 180 20.97 -25.02 -23.15
CA LYS C 180 21.87 -24.02 -23.71
C LYS C 180 23.24 -24.61 -24.03
N GLY C 181 23.71 -25.53 -23.20
CA GLY C 181 24.94 -26.22 -23.52
C GLY C 181 24.82 -27.21 -24.64
N ASN C 182 23.61 -27.55 -25.06
CA ASN C 182 23.42 -28.42 -26.21
C ASN C 182 23.13 -27.64 -27.48
N ILE C 183 22.40 -26.53 -27.38
CA ILE C 183 22.13 -25.69 -28.53
C ILE C 183 23.40 -25.00 -28.99
N ASP C 184 24.18 -24.45 -28.06
CA ASP C 184 25.44 -23.82 -28.39
C ASP C 184 26.58 -24.79 -28.62
N LYS C 185 26.29 -26.07 -28.76
CA LYS C 185 27.26 -27.05 -29.23
C LYS C 185 26.98 -27.51 -30.64
N PHE C 186 25.72 -27.63 -31.03
CA PHE C 186 25.36 -28.01 -32.38
C PHE C 186 25.04 -26.84 -33.29
N THR C 187 25.28 -25.60 -32.84
CA THR C 187 24.89 -24.48 -33.69
C THR C 187 25.95 -24.16 -34.74
N GLU C 188 27.19 -24.58 -34.55
CA GLU C 188 28.20 -24.44 -35.60
C GLU C 188 28.54 -25.74 -36.29
N LYS C 189 28.36 -26.89 -35.62
CA LYS C 189 28.61 -28.16 -36.26
C LYS C 189 27.48 -28.53 -37.21
N GLY C 190 26.25 -28.26 -36.83
CA GLY C 190 25.07 -28.81 -37.45
C GLY C 190 24.40 -29.83 -36.52
N GLY C 191 23.13 -30.06 -36.79
CA GLY C 191 22.38 -31.02 -35.99
C GLY C 191 21.63 -30.40 -34.85
N LEU C 192 20.87 -29.34 -35.13
CA LEU C 192 20.05 -28.71 -34.10
C LEU C 192 18.79 -29.48 -33.78
N SER C 193 18.40 -30.47 -34.59
CA SER C 193 17.18 -31.21 -34.31
C SER C 193 17.35 -32.14 -33.11
N PHE C 194 18.59 -32.52 -32.78
CA PHE C 194 18.84 -33.26 -31.55
C PHE C 194 18.52 -32.42 -30.33
N SER C 195 18.79 -31.12 -30.40
CA SER C 195 18.52 -30.23 -29.29
C SER C 195 17.02 -30.03 -29.09
N LEU C 196 16.25 -30.02 -30.19
CA LEU C 196 14.80 -30.02 -30.09
C LEU C 196 14.28 -31.30 -29.45
N LEU C 197 14.84 -32.46 -29.84
CA LEU C 197 14.47 -33.72 -29.22
C LEU C 197 14.79 -33.74 -27.74
N LEU C 198 15.95 -33.18 -27.37
CA LEU C 198 16.35 -33.13 -25.98
C LEU C 198 15.42 -32.26 -25.16
N TRP C 199 15.00 -31.12 -25.69
CA TRP C 199 14.17 -30.22 -24.92
C TRP C 199 12.75 -30.75 -24.77
N ALA C 200 12.19 -31.32 -25.85
CA ALA C 200 10.90 -31.98 -25.72
C ALA C 200 10.96 -33.19 -24.79
N THR C 201 12.08 -33.91 -24.78
CA THR C 201 12.21 -35.09 -23.93
C THR C 201 12.35 -34.71 -22.47
N LEU C 202 13.03 -33.62 -22.16
CA LEU C 202 13.12 -33.19 -20.77
C LEU C 202 11.80 -32.66 -20.27
N ASN C 203 11.07 -31.91 -21.10
CA ASN C 203 9.75 -31.45 -20.65
C ASN C 203 8.78 -32.62 -20.48
N ALA C 204 8.84 -33.61 -21.37
CA ALA C 204 7.98 -34.78 -21.23
C ALA C 204 8.34 -35.57 -19.98
N ALA C 205 9.63 -35.71 -19.67
CA ALA C 205 10.05 -36.50 -18.52
C ALA C 205 9.74 -35.83 -17.20
N PHE C 206 9.65 -34.51 -17.16
CA PHE C 206 9.20 -33.90 -15.91
C PHE C 206 7.68 -33.93 -15.76
N VAL C 207 6.92 -33.66 -16.83
CA VAL C 207 5.47 -33.61 -16.70
C VAL C 207 4.85 -35.00 -16.60
N LEU C 208 5.57 -36.04 -17.05
CA LEU C 208 5.13 -37.42 -16.83
C LEU C 208 5.04 -37.74 -15.35
N VAL C 209 6.09 -37.42 -14.60
CA VAL C 209 6.09 -37.64 -13.16
C VAL C 209 5.11 -36.69 -12.48
N GLY C 210 5.07 -35.44 -12.94
CA GLY C 210 4.23 -34.44 -12.30
C GLY C 210 2.75 -34.61 -12.51
N SER C 211 2.32 -35.40 -13.50
CA SER C 211 0.91 -35.68 -13.69
C SER C 211 0.53 -37.12 -13.41
N VAL C 212 1.50 -38.03 -13.29
CA VAL C 212 1.15 -39.40 -12.92
C VAL C 212 0.85 -39.51 -11.45
N ILE C 213 1.20 -38.51 -10.65
CA ILE C 213 0.88 -38.53 -9.24
C ILE C 213 -0.37 -37.72 -8.93
N VAL C 214 -0.82 -36.87 -9.84
CA VAL C 214 -2.14 -36.26 -9.66
C VAL C 214 -3.21 -37.18 -10.21
N ALA C 215 -3.02 -37.72 -11.41
CA ALA C 215 -4.08 -38.48 -12.07
C ALA C 215 -4.36 -39.80 -11.39
N PHE C 216 -3.32 -40.49 -10.93
CA PHE C 216 -3.56 -41.80 -10.32
C PHE C 216 -3.76 -41.73 -8.82
N ILE C 217 -2.93 -40.96 -8.11
CA ILE C 217 -2.97 -41.01 -6.66
C ILE C 217 -4.10 -40.15 -6.12
N GLU C 218 -4.12 -38.86 -6.44
CA GLU C 218 -5.12 -37.94 -5.87
C GLU C 218 -5.55 -36.90 -6.88
N PRO C 219 -6.67 -37.10 -7.57
CA PRO C 219 -7.06 -36.23 -8.68
C PRO C 219 -7.66 -34.91 -8.27
N VAL C 220 -7.79 -34.65 -6.98
CA VAL C 220 -8.34 -33.38 -6.52
C VAL C 220 -7.25 -32.33 -6.38
N ALA C 221 -5.98 -32.72 -6.50
CA ALA C 221 -4.90 -31.75 -6.56
C ALA C 221 -4.79 -31.08 -7.92
N ALA C 222 -5.61 -31.46 -8.90
CA ALA C 222 -5.50 -30.94 -10.25
C ALA C 222 -5.96 -29.50 -10.31
N GLY C 223 -5.26 -28.70 -11.11
CA GLY C 223 -5.49 -27.28 -11.16
C GLY C 223 -4.99 -26.59 -9.91
N SER C 224 -5.22 -25.28 -9.86
CA SER C 224 -5.11 -24.60 -8.57
C SER C 224 -6.32 -24.95 -7.73
N GLY C 225 -6.16 -24.86 -6.43
CA GLY C 225 -7.24 -25.31 -5.58
C GLY C 225 -8.19 -24.21 -5.18
N ILE C 226 -8.21 -23.12 -5.92
CA ILE C 226 -9.02 -21.94 -5.58
C ILE C 226 -10.51 -22.21 -5.68
N PRO C 227 -11.06 -22.91 -6.69
CA PRO C 227 -12.47 -23.31 -6.58
C PRO C 227 -12.79 -24.24 -5.44
N GLN C 228 -11.87 -25.12 -5.05
CA GLN C 228 -12.11 -25.95 -3.87
C GLN C 228 -12.06 -25.15 -2.58
N ILE C 229 -11.23 -24.12 -2.49
CA ILE C 229 -11.23 -23.29 -1.29
C ILE C 229 -12.44 -22.38 -1.25
N LYS C 230 -12.91 -21.90 -2.41
CA LYS C 230 -14.14 -21.12 -2.44
C LYS C 230 -15.34 -21.96 -2.06
N CYS C 231 -15.41 -23.20 -2.54
CA CYS C 231 -16.47 -24.10 -2.11
C CYS C 231 -16.34 -24.50 -0.65
N PHE C 232 -15.13 -24.54 -0.10
CA PHE C 232 -14.99 -24.89 1.32
C PHE C 232 -15.43 -23.73 2.20
N LEU C 233 -14.92 -22.53 1.93
CA LEU C 233 -15.31 -21.36 2.70
C LEU C 233 -16.76 -20.97 2.49
N ASN C 234 -17.38 -21.41 1.41
CA ASN C 234 -18.81 -21.29 1.26
C ASN C 234 -19.57 -22.42 1.96
N GLY C 235 -18.85 -23.38 2.53
CA GLY C 235 -19.47 -24.40 3.37
C GLY C 235 -19.76 -25.73 2.73
N VAL C 236 -19.06 -26.09 1.65
CA VAL C 236 -19.25 -27.37 0.97
C VAL C 236 -17.93 -28.12 1.03
N LYS C 237 -17.93 -29.30 1.63
CA LYS C 237 -16.71 -30.07 1.78
C LYS C 237 -16.57 -31.05 0.63
N ILE C 238 -15.73 -30.70 -0.34
CA ILE C 238 -15.28 -31.60 -1.39
C ILE C 238 -14.38 -32.65 -0.76
N PRO C 239 -14.52 -33.96 -1.11
CA PRO C 239 -14.07 -35.05 -0.21
C PRO C 239 -12.60 -35.08 0.19
N HIS C 240 -11.70 -34.51 -0.58
CA HIS C 240 -10.32 -34.34 -0.13
C HIS C 240 -9.91 -32.92 -0.48
N VAL C 241 -10.01 -32.00 0.46
CA VAL C 241 -9.46 -30.69 0.16
C VAL C 241 -8.39 -30.33 1.17
N VAL C 242 -8.54 -30.87 2.37
CA VAL C 242 -7.65 -30.55 3.48
C VAL C 242 -7.15 -31.88 4.06
N ARG C 243 -6.07 -32.40 3.50
CA ARG C 243 -5.54 -33.68 3.89
C ARG C 243 -4.07 -33.68 3.51
N LEU C 244 -3.23 -34.32 4.34
CA LEU C 244 -1.78 -34.20 4.17
C LEU C 244 -1.28 -34.82 2.88
N LYS C 245 -1.96 -35.85 2.39
CA LYS C 245 -1.64 -36.45 1.11
C LYS C 245 -1.92 -35.48 -0.03
N THR C 246 -2.95 -34.65 0.10
CA THR C 246 -3.22 -33.64 -0.90
C THR C 246 -2.17 -32.54 -0.87
N LEU C 247 -1.54 -32.32 0.28
CA LEU C 247 -0.51 -31.29 0.34
C LEU C 247 0.78 -31.72 -0.33
N VAL C 248 1.20 -32.96 -0.14
CA VAL C 248 2.47 -33.43 -0.69
C VAL C 248 2.39 -33.56 -2.21
N ILE C 249 1.24 -34.00 -2.72
CA ILE C 249 1.06 -34.15 -4.16
C ILE C 249 0.95 -32.80 -4.84
N LYS C 250 0.37 -31.82 -4.18
CA LYS C 250 0.25 -30.51 -4.80
C LYS C 250 1.55 -29.73 -4.77
N VAL C 251 2.28 -29.77 -3.66
CA VAL C 251 3.54 -29.02 -3.59
C VAL C 251 4.58 -29.59 -4.54
N SER C 252 4.68 -30.92 -4.62
CA SER C 252 5.60 -31.52 -5.57
C SER C 252 5.01 -31.58 -6.98
N GLY C 253 3.71 -31.37 -7.15
CA GLY C 253 3.16 -31.27 -8.49
C GLY C 253 3.38 -29.91 -9.11
N VAL C 254 3.36 -28.86 -8.29
CA VAL C 254 3.68 -27.51 -8.75
C VAL C 254 5.11 -27.44 -9.27
N ILE C 255 6.04 -27.99 -8.50
CA ILE C 255 7.45 -27.97 -8.87
C ILE C 255 7.68 -28.74 -10.16
N LEU C 256 7.06 -29.90 -10.30
CA LEU C 256 7.29 -30.69 -11.50
C LEU C 256 6.54 -30.20 -12.71
N SER C 257 5.51 -29.37 -12.55
CA SER C 257 4.87 -28.80 -13.73
C SER C 257 5.39 -27.42 -14.09
N VAL C 258 6.00 -26.70 -13.16
CA VAL C 258 6.62 -25.42 -13.49
C VAL C 258 8.01 -25.64 -14.08
N VAL C 259 8.78 -26.58 -13.54
CA VAL C 259 10.04 -26.96 -14.16
C VAL C 259 9.81 -27.61 -15.51
N GLY C 260 8.80 -28.46 -15.60
CA GLY C 260 8.51 -29.17 -16.84
C GLY C 260 8.05 -28.38 -18.03
N GLY C 261 8.11 -27.06 -17.97
CA GLY C 261 7.99 -26.23 -19.13
C GLY C 261 6.59 -25.88 -19.55
N LEU C 262 5.59 -26.18 -18.73
CA LEU C 262 4.22 -25.80 -19.05
C LEU C 262 4.05 -24.30 -18.89
N ALA C 263 2.99 -23.77 -19.50
CA ALA C 263 2.70 -22.34 -19.41
C ALA C 263 1.84 -22.06 -18.18
N VAL C 264 2.44 -22.31 -17.01
CA VAL C 264 1.71 -22.27 -15.74
C VAL C 264 2.46 -21.39 -14.75
N GLY C 265 1.81 -21.12 -13.63
CA GLY C 265 2.40 -20.33 -12.57
C GLY C 265 2.23 -21.02 -11.24
N LYS C 266 3.06 -20.61 -10.28
CA LYS C 266 3.13 -21.28 -8.99
C LYS C 266 2.52 -20.44 -7.86
N GLU C 267 1.74 -19.42 -8.19
CA GLU C 267 1.18 -18.51 -7.21
C GLU C 267 -0.26 -18.80 -6.86
N GLY C 268 -1.04 -19.34 -7.79
CA GLY C 268 -2.34 -19.87 -7.50
C GLY C 268 -2.32 -20.94 -6.43
N PRO C 269 -1.64 -22.06 -6.67
CA PRO C 269 -1.60 -23.12 -5.65
C PRO C 269 -0.69 -22.85 -4.47
N MET C 270 -0.68 -21.63 -3.97
CA MET C 270 -0.27 -21.31 -2.62
C MET C 270 -1.46 -21.03 -1.74
N ILE C 271 -2.58 -20.65 -2.33
CA ILE C 271 -3.79 -20.40 -1.56
C ILE C 271 -4.35 -21.69 -1.01
N HIS C 272 -4.37 -22.73 -1.85
CA HIS C 272 -4.85 -24.04 -1.43
C HIS C 272 -3.89 -24.66 -0.43
N SER C 273 -2.58 -24.63 -0.73
CA SER C 273 -1.56 -25.34 0.05
C SER C 273 -1.57 -24.92 1.50
N GLY C 274 -1.54 -23.61 1.74
CA GLY C 274 -1.58 -23.09 3.10
C GLY C 274 -2.87 -23.42 3.81
N SER C 275 -3.99 -23.49 3.09
CA SER C 275 -5.25 -23.89 3.72
C SER C 275 -5.18 -25.33 4.20
N VAL C 276 -4.46 -26.19 3.46
CA VAL C 276 -4.30 -27.57 3.88
C VAL C 276 -3.44 -27.63 5.13
N ILE C 277 -2.54 -26.68 5.30
CA ILE C 277 -1.80 -26.61 6.56
C ILE C 277 -2.71 -26.15 7.68
N ALA C 278 -3.62 -25.22 7.38
CA ALA C 278 -4.38 -24.55 8.42
C ALA C 278 -5.39 -25.48 9.06
N ALA C 279 -5.98 -26.36 8.28
CA ALA C 279 -6.88 -27.39 8.81
C ALA C 279 -6.13 -28.64 9.25
N GLY C 280 -4.81 -28.62 9.23
CA GLY C 280 -4.07 -29.78 9.69
C GLY C 280 -3.57 -29.62 11.10
N ILE C 281 -2.93 -28.49 11.40
CA ILE C 281 -2.34 -28.28 12.72
C ILE C 281 -3.32 -27.76 13.74
N SER C 282 -4.49 -27.30 13.32
CA SER C 282 -5.47 -26.83 14.29
C SER C 282 -6.11 -27.99 15.01
N GLN C 283 -6.66 -28.94 14.26
CA GLN C 283 -7.11 -30.21 14.83
C GLN C 283 -5.87 -31.05 15.03
N GLY C 284 -5.26 -30.94 16.21
CA GLY C 284 -3.89 -31.40 16.30
C GLY C 284 -3.78 -32.89 16.52
N ARG C 285 -3.65 -33.59 15.40
CA ARG C 285 -3.58 -35.04 15.31
C ARG C 285 -2.88 -35.37 13.98
N SER C 286 -2.98 -36.63 13.58
CA SER C 286 -2.66 -37.01 12.21
C SER C 286 -3.57 -38.19 11.89
N THR C 287 -4.63 -37.93 11.13
CA THR C 287 -5.55 -38.98 10.72
C THR C 287 -4.94 -39.93 9.71
N SER C 288 -3.82 -39.57 9.10
CA SER C 288 -3.12 -40.47 8.20
C SER C 288 -2.26 -41.47 8.96
N LEU C 289 -1.44 -40.98 9.89
CA LEU C 289 -0.51 -41.81 10.64
C LEU C 289 -1.12 -42.39 11.92
N LYS C 290 -2.37 -42.01 12.24
CA LYS C 290 -3.08 -42.43 13.45
C LYS C 290 -2.33 -42.05 14.73
N ARG C 291 -1.71 -40.89 14.70
CA ARG C 291 -0.95 -40.37 15.85
C ARG C 291 -1.70 -39.20 16.46
N ASP C 292 -1.89 -39.25 17.77
CA ASP C 292 -2.67 -38.26 18.50
C ASP C 292 -1.75 -37.36 19.30
N PHE C 293 -2.24 -36.15 19.57
CA PHE C 293 -1.55 -35.16 20.40
C PHE C 293 -2.60 -34.41 21.19
N LYS C 294 -2.55 -34.48 22.52
CA LYS C 294 -3.51 -33.75 23.34
C LYS C 294 -2.97 -32.33 23.52
N ILE C 295 -3.21 -31.50 22.52
CA ILE C 295 -2.79 -30.10 22.57
C ILE C 295 -3.95 -29.16 22.26
N PHE C 296 -4.74 -29.47 21.24
CA PHE C 296 -5.80 -28.58 20.76
C PHE C 296 -7.09 -29.35 20.57
N GLU C 297 -7.49 -30.09 21.61
CA GLU C 297 -8.75 -30.82 21.60
C GLU C 297 -9.94 -29.88 21.51
N TYR C 298 -9.79 -28.65 21.99
CA TYR C 298 -10.88 -27.68 21.98
C TYR C 298 -11.21 -27.21 20.56
N PHE C 299 -10.23 -27.20 19.65
CA PHE C 299 -10.40 -26.58 18.35
C PHE C 299 -10.88 -27.55 17.29
N ARG C 300 -11.59 -28.59 17.67
CA ARG C 300 -12.06 -29.63 16.77
C ARG C 300 -13.56 -29.57 16.57
N ARG C 301 -14.11 -28.37 16.42
CA ARG C 301 -15.55 -28.17 16.55
C ARG C 301 -16.27 -27.84 15.25
N ASP C 302 -15.53 -27.64 14.15
CA ASP C 302 -15.97 -27.36 12.77
C ASP C 302 -16.49 -25.94 12.62
N THR C 303 -16.66 -25.24 13.74
CA THR C 303 -16.75 -23.79 13.78
C THR C 303 -15.37 -23.16 13.70
N GLU C 304 -14.44 -23.73 14.46
CA GLU C 304 -13.07 -23.27 14.46
C GLU C 304 -12.37 -23.61 13.15
N LYS C 305 -12.74 -24.73 12.52
CA LYS C 305 -12.00 -25.21 11.37
C LYS C 305 -12.20 -24.33 10.16
N ARG C 306 -13.41 -23.81 9.95
CA ARG C 306 -13.63 -22.85 8.88
C ARG C 306 -13.01 -21.50 9.20
N ASP C 307 -12.79 -21.20 10.48
CA ASP C 307 -12.10 -19.97 10.81
C ASP C 307 -10.61 -20.05 10.51
N PHE C 308 -10.01 -21.24 10.63
CA PHE C 308 -8.58 -21.34 10.39
C PHE C 308 -8.25 -21.46 8.91
N VAL C 309 -9.13 -22.07 8.11
CA VAL C 309 -8.91 -22.14 6.66
C VAL C 309 -9.03 -20.75 6.03
N SER C 310 -9.77 -19.84 6.65
CA SER C 310 -9.76 -18.45 6.25
C SER C 310 -8.39 -17.82 6.47
N ALA C 311 -7.80 -18.07 7.64
CA ALA C 311 -6.49 -17.52 7.95
C ALA C 311 -5.41 -18.07 7.05
N GLY C 312 -5.51 -19.35 6.71
CA GLY C 312 -4.54 -20.01 5.87
C GLY C 312 -4.65 -19.62 4.42
N ALA C 313 -5.87 -19.46 3.91
CA ALA C 313 -6.05 -18.98 2.55
C ALA C 313 -5.55 -17.54 2.41
N ALA C 314 -5.78 -16.72 3.45
CA ALA C 314 -5.28 -15.35 3.46
C ALA C 314 -3.77 -15.30 3.49
N ALA C 315 -3.15 -16.13 4.31
CA ALA C 315 -1.69 -16.17 4.38
C ALA C 315 -1.08 -16.72 3.11
N GLY C 316 -1.77 -17.63 2.42
CA GLY C 316 -1.30 -18.07 1.13
C GLY C 316 -1.32 -16.97 0.09
N VAL C 317 -2.38 -16.15 0.07
CA VAL C 317 -2.42 -15.00 -0.84
C VAL C 317 -1.33 -13.99 -0.52
N SER C 318 -1.07 -13.76 0.77
CA SER C 318 -0.07 -12.74 1.12
C SER C 318 1.34 -13.22 0.87
N ALA C 319 1.64 -14.50 1.06
CA ALA C 319 2.96 -14.99 0.66
C ALA C 319 3.07 -15.17 -0.84
N ALA C 320 1.95 -15.26 -1.54
CA ALA C 320 2.03 -15.36 -2.99
C ALA C 320 2.35 -14.01 -3.61
N PHE C 321 1.69 -12.95 -3.18
CA PHE C 321 1.82 -11.67 -3.86
C PHE C 321 2.50 -10.59 -3.05
N GLY C 322 2.81 -10.82 -1.78
CA GLY C 322 3.26 -9.74 -0.94
C GLY C 322 2.16 -8.80 -0.54
N ALA C 323 0.93 -9.30 -0.48
CA ALA C 323 -0.27 -8.50 -0.28
C ALA C 323 -1.03 -9.01 0.94
N PRO C 324 -0.76 -8.47 2.12
CA PRO C 324 -1.48 -8.94 3.32
C PRO C 324 -2.95 -8.54 3.37
N VAL C 325 -3.31 -7.33 2.96
CA VAL C 325 -4.72 -6.95 3.04
C VAL C 325 -5.50 -7.60 1.90
N GLY C 326 -4.87 -7.83 0.75
CA GLY C 326 -5.51 -8.60 -0.30
C GLY C 326 -5.80 -10.02 0.11
N GLY C 327 -4.99 -10.59 0.99
CA GLY C 327 -5.33 -11.86 1.58
C GLY C 327 -6.49 -11.77 2.55
N VAL C 328 -6.51 -10.72 3.37
CA VAL C 328 -7.61 -10.55 4.33
C VAL C 328 -8.91 -10.26 3.61
N LEU C 329 -8.87 -9.43 2.57
CA LEU C 329 -10.06 -9.20 1.78
C LEU C 329 -10.45 -10.43 0.97
N PHE C 330 -9.49 -11.28 0.62
CA PHE C 330 -9.83 -12.54 -0.01
C PHE C 330 -10.61 -13.44 0.95
N SER C 331 -10.19 -13.49 2.21
CA SER C 331 -10.94 -14.29 3.18
C SER C 331 -12.27 -13.66 3.57
N LEU C 332 -12.41 -12.34 3.46
CA LEU C 332 -13.67 -11.74 3.87
C LEU C 332 -14.75 -11.91 2.83
N GLU C 333 -14.39 -11.85 1.54
CA GLU C 333 -15.36 -11.98 0.47
C GLU C 333 -15.86 -13.41 0.36
N GLU C 334 -14.95 -14.35 0.12
CA GLU C 334 -15.29 -15.76 0.10
C GLU C 334 -15.44 -16.24 1.53
N GLY C 335 -16.65 -16.60 1.91
CA GLY C 335 -16.90 -16.83 3.32
C GLY C 335 -17.53 -15.57 3.86
N ALA C 336 -18.55 -15.09 3.16
CA ALA C 336 -19.20 -13.82 3.45
C ALA C 336 -20.10 -13.98 4.67
N SER C 337 -19.51 -13.83 5.84
CA SER C 337 -20.23 -14.04 7.07
C SER C 337 -20.48 -12.71 7.77
N PHE C 338 -21.00 -12.78 8.99
CA PHE C 338 -21.12 -11.60 9.84
C PHE C 338 -19.74 -11.09 10.21
N TRP C 339 -19.65 -9.81 10.56
CA TRP C 339 -18.36 -9.21 10.87
C TRP C 339 -17.89 -9.70 12.24
N ASN C 340 -16.77 -10.40 12.26
CA ASN C 340 -16.14 -10.86 13.48
C ASN C 340 -14.83 -10.11 13.60
N GLN C 341 -14.66 -9.37 14.69
CA GLN C 341 -13.54 -8.44 14.84
C GLN C 341 -12.25 -9.17 15.14
N PHE C 342 -12.27 -10.01 16.16
CA PHE C 342 -11.08 -10.73 16.58
C PHE C 342 -10.64 -11.76 15.56
N LEU C 343 -11.60 -12.33 14.82
CA LEU C 343 -11.27 -13.22 13.72
C LEU C 343 -10.49 -12.49 12.65
N THR C 344 -10.96 -11.30 12.26
CA THR C 344 -10.31 -10.52 11.22
C THR C 344 -8.91 -10.09 11.64
N TRP C 345 -8.76 -9.76 12.91
CA TRP C 345 -7.45 -9.33 13.39
C TRP C 345 -6.46 -10.49 13.50
N ARG C 346 -6.95 -11.71 13.82
CA ARG C 346 -6.12 -12.91 13.74
C ARG C 346 -5.73 -13.25 12.30
N ILE C 347 -6.66 -13.09 11.35
CA ILE C 347 -6.37 -13.33 9.94
C ILE C 347 -5.29 -12.39 9.42
N PHE C 348 -5.36 -11.13 9.84
CA PHE C 348 -4.37 -10.14 9.42
C PHE C 348 -3.01 -10.42 10.04
N PHE C 349 -3.00 -10.89 11.29
CA PHE C 349 -1.76 -11.31 11.95
C PHE C 349 -1.10 -12.48 11.22
N ALA C 350 -1.92 -13.44 10.77
CA ALA C 350 -1.40 -14.58 10.01
C ALA C 350 -0.82 -14.15 8.66
N SER C 351 -1.49 -13.24 7.96
CA SER C 351 -0.99 -12.75 6.68
C SER C 351 0.33 -12.01 6.82
N MET C 352 0.47 -11.19 7.88
CA MET C 352 1.70 -10.44 8.06
C MET C 352 2.87 -11.35 8.40
N ILE C 353 2.66 -12.34 9.27
CA ILE C 353 3.74 -13.27 9.59
C ILE C 353 4.12 -14.13 8.39
N SER C 354 3.15 -14.45 7.53
CA SER C 354 3.43 -15.18 6.30
C SER C 354 4.37 -14.42 5.38
N THR C 355 4.04 -13.15 5.09
CA THR C 355 4.91 -12.40 4.18
C THR C 355 6.25 -12.04 4.80
N PHE C 356 6.31 -11.86 6.12
CA PHE C 356 7.60 -11.59 6.75
C PHE C 356 8.49 -12.83 6.74
N THR C 357 7.91 -14.01 6.96
CA THR C 357 8.69 -15.24 6.98
C THR C 357 9.30 -15.52 5.62
N LEU C 358 8.50 -15.37 4.56
CA LEU C 358 9.00 -15.52 3.19
C LEU C 358 10.13 -14.55 2.91
N ASN C 359 9.94 -13.27 3.24
CA ASN C 359 10.90 -12.24 2.91
C ASN C 359 12.23 -12.45 3.66
N PHE C 360 12.13 -12.81 4.94
CA PHE C 360 13.31 -13.01 5.78
C PHE C 360 14.12 -14.21 5.33
N VAL C 361 13.46 -15.34 5.06
CA VAL C 361 14.22 -16.54 4.73
C VAL C 361 14.81 -16.46 3.32
N LEU C 362 14.09 -15.85 2.37
CA LEU C 362 14.70 -15.66 1.05
C LEU C 362 15.83 -14.66 1.08
N SER C 363 15.78 -13.67 1.98
CA SER C 363 16.89 -12.74 2.08
C SER C 363 18.10 -13.40 2.72
N ILE C 364 17.93 -14.29 3.70
CA ILE C 364 19.12 -14.95 4.21
C ILE C 364 19.61 -16.05 3.28
N TYR C 365 18.77 -16.53 2.35
CA TYR C 365 19.23 -17.46 1.33
C TYR C 365 20.03 -16.74 0.25
N HIS C 366 19.57 -15.58 -0.19
CA HIS C 366 20.28 -14.82 -1.21
C HIS C 366 21.57 -14.18 -0.71
N GLY C 367 21.83 -14.19 0.59
CA GLY C 367 22.82 -13.33 1.19
C GLY C 367 22.25 -11.94 1.40
N ASN C 368 23.00 -11.13 2.17
CA ASN C 368 22.60 -9.77 2.57
C ASN C 368 21.27 -9.80 3.33
N MET C 369 21.36 -10.33 4.55
CA MET C 369 20.24 -10.50 5.46
C MET C 369 19.45 -9.22 5.69
N TRP C 370 20.11 -8.06 5.74
CA TRP C 370 19.37 -6.82 5.94
C TRP C 370 18.97 -6.17 4.62
N ASP C 371 18.40 -6.98 3.73
CA ASP C 371 17.81 -6.50 2.47
C ASP C 371 16.50 -7.28 2.31
N LEU C 372 15.43 -6.75 2.89
CA LEU C 372 14.12 -7.41 2.84
C LEU C 372 13.42 -6.93 1.57
N SER C 373 13.84 -7.50 0.45
CA SER C 373 13.38 -7.04 -0.85
C SER C 373 12.53 -8.07 -1.59
N SER C 374 12.05 -9.11 -0.92
CA SER C 374 11.24 -10.14 -1.56
C SER C 374 10.00 -10.48 -0.74
N PRO C 375 8.98 -9.62 -0.75
CA PRO C 375 7.79 -9.92 0.06
C PRO C 375 6.97 -11.10 -0.46
N GLY C 376 6.84 -11.27 -1.77
CA GLY C 376 6.06 -12.35 -2.34
C GLY C 376 6.85 -13.15 -3.34
N LEU C 377 6.17 -14.15 -3.92
CA LEU C 377 6.79 -14.93 -4.98
C LEU C 377 6.89 -14.15 -6.29
N ILE C 378 5.99 -13.21 -6.53
CA ILE C 378 6.13 -12.26 -7.62
C ILE C 378 6.21 -10.85 -7.03
N ASN C 379 7.23 -10.10 -7.45
CA ASN C 379 7.52 -8.80 -6.88
C ASN C 379 7.53 -7.79 -8.02
N PHE C 380 6.48 -6.97 -8.09
CA PHE C 380 6.29 -6.10 -9.25
C PHE C 380 7.30 -4.97 -9.32
N GLY C 381 7.98 -4.64 -8.23
CA GLY C 381 8.83 -3.47 -8.21
C GLY C 381 8.03 -2.18 -8.07
N ARG C 382 8.73 -1.11 -7.68
CA ARG C 382 8.03 0.11 -7.33
C ARG C 382 7.92 1.03 -8.54
N PHE C 383 6.79 1.74 -8.62
CA PHE C 383 6.41 2.59 -9.74
C PHE C 383 6.52 4.07 -9.39
N ASP C 384 7.56 4.47 -8.65
CA ASP C 384 7.78 5.87 -8.31
C ASP C 384 8.78 6.54 -9.23
N SER C 385 8.81 6.13 -10.50
CA SER C 385 9.86 6.51 -11.44
C SER C 385 9.60 7.84 -12.14
N GLU C 386 8.53 8.56 -11.76
CA GLU C 386 8.23 9.95 -12.13
C GLU C 386 7.92 10.16 -13.61
N LYS C 387 8.08 9.14 -14.43
CA LYS C 387 7.56 9.10 -15.79
C LYS C 387 6.47 8.04 -15.92
N MET C 388 6.21 7.31 -14.84
CA MET C 388 5.09 6.38 -14.73
C MET C 388 3.81 7.05 -14.27
N ALA C 389 3.83 8.35 -13.97
CA ALA C 389 2.65 9.03 -13.49
C ALA C 389 1.66 9.23 -14.62
N TYR C 390 0.38 9.06 -14.32
CA TYR C 390 -0.67 9.27 -15.29
C TYR C 390 -1.28 10.65 -15.10
N THR C 391 -2.18 11.01 -16.02
CA THR C 391 -2.93 12.25 -15.95
C THR C 391 -4.42 11.97 -16.10
N ILE C 392 -5.23 13.02 -16.21
CA ILE C 392 -6.66 12.82 -16.34
C ILE C 392 -7.09 12.65 -17.79
N HIS C 393 -6.30 13.11 -18.75
CA HIS C 393 -6.74 12.99 -20.13
C HIS C 393 -6.49 11.61 -20.71
N GLU C 394 -5.85 10.71 -19.97
CA GLU C 394 -5.68 9.34 -20.39
C GLU C 394 -6.42 8.36 -19.49
N ILE C 395 -7.49 8.82 -18.85
CA ILE C 395 -8.39 7.94 -18.12
C ILE C 395 -9.38 7.23 -19.05
N PRO C 396 -10.05 7.86 -20.04
CA PRO C 396 -10.85 7.05 -20.96
C PRO C 396 -10.04 6.21 -21.95
N VAL C 397 -8.73 6.35 -21.99
CA VAL C 397 -7.88 5.36 -22.64
C VAL C 397 -7.87 4.08 -21.83
N PHE C 398 -7.87 4.20 -20.50
CA PHE C 398 -7.87 3.03 -19.63
C PHE C 398 -9.22 2.32 -19.63
N ILE C 399 -10.31 3.05 -19.89
CA ILE C 399 -11.61 2.42 -20.04
C ILE C 399 -11.64 1.56 -21.29
N ALA C 400 -10.90 1.93 -22.32
CA ALA C 400 -10.83 1.11 -23.52
C ALA C 400 -9.99 -0.13 -23.33
N MET C 401 -8.98 -0.09 -22.46
CA MET C 401 -8.20 -1.29 -22.19
C MET C 401 -8.99 -2.30 -21.38
N GLY C 402 -9.95 -1.85 -20.59
CA GLY C 402 -10.82 -2.77 -19.89
C GLY C 402 -11.74 -3.52 -20.81
N VAL C 403 -12.15 -2.90 -21.91
CA VAL C 403 -13.04 -3.56 -22.86
C VAL C 403 -12.28 -4.61 -23.66
N VAL C 404 -11.06 -4.29 -24.09
CA VAL C 404 -10.19 -5.26 -24.76
C VAL C 404 -9.85 -6.41 -23.83
N GLY C 405 -9.57 -6.11 -22.57
CA GLY C 405 -9.32 -7.16 -21.59
C GLY C 405 -10.53 -8.03 -21.32
N GLY C 406 -11.73 -7.44 -21.35
CA GLY C 406 -12.93 -8.23 -21.15
C GLY C 406 -13.27 -9.12 -22.33
N VAL C 407 -13.06 -8.62 -23.55
CA VAL C 407 -13.33 -9.42 -24.74
C VAL C 407 -12.34 -10.58 -24.85
N LEU C 408 -11.06 -10.32 -24.56
CA LEU C 408 -10.08 -11.40 -24.61
C LEU C 408 -10.26 -12.38 -23.46
N GLY C 409 -10.68 -11.93 -22.28
CA GLY C 409 -11.02 -12.85 -21.22
C GLY C 409 -12.23 -13.70 -21.53
N ALA C 410 -13.19 -13.15 -22.25
CA ALA C 410 -14.33 -13.94 -22.69
C ALA C 410 -13.94 -14.97 -23.74
N VAL C 411 -13.00 -14.64 -24.63
CA VAL C 411 -12.54 -15.62 -25.63
C VAL C 411 -11.78 -16.74 -24.96
N PHE C 412 -10.94 -16.40 -23.97
CA PHE C 412 -10.24 -17.40 -23.18
C PHE C 412 -11.22 -18.35 -22.49
N ASN C 413 -12.23 -17.80 -21.83
CA ASN C 413 -13.20 -18.62 -21.11
C ASN C 413 -14.03 -19.48 -22.06
N ALA C 414 -14.35 -18.98 -23.24
CA ALA C 414 -15.13 -19.76 -24.20
C ALA C 414 -14.33 -20.94 -24.74
N LEU C 415 -13.09 -20.70 -25.18
CA LEU C 415 -12.25 -21.78 -25.70
C LEU C 415 -11.92 -22.79 -24.62
N ASN C 416 -11.73 -22.34 -23.38
CA ASN C 416 -11.45 -23.28 -22.31
C ASN C 416 -12.68 -24.08 -21.94
N TYR C 417 -13.86 -23.48 -22.00
CA TYR C 417 -15.08 -24.22 -21.72
C TYR C 417 -15.32 -25.32 -22.75
N TRP C 418 -15.03 -25.05 -24.02
CA TRP C 418 -15.21 -26.11 -24.99
C TRP C 418 -14.14 -27.18 -24.89
N LEU C 419 -12.92 -26.82 -24.48
CA LEU C 419 -11.93 -27.86 -24.14
C LEU C 419 -12.39 -28.74 -23.00
N THR C 420 -12.90 -28.13 -21.93
CA THR C 420 -13.28 -28.91 -20.75
C THR C 420 -14.49 -29.79 -21.04
N MET C 421 -15.42 -29.29 -21.84
CA MET C 421 -16.53 -30.12 -22.29
C MET C 421 -16.07 -31.23 -23.24
N PHE C 422 -14.99 -31.02 -23.99
CA PHE C 422 -14.41 -32.15 -24.72
C PHE C 422 -13.65 -33.09 -23.80
N ARG C 423 -13.23 -32.65 -22.63
CA ARG C 423 -12.40 -33.47 -21.76
C ARG C 423 -13.17 -34.10 -20.61
N ILE C 424 -14.39 -33.67 -20.33
CA ILE C 424 -15.20 -34.39 -19.35
C ILE C 424 -15.57 -35.76 -19.89
N ARG C 425 -16.18 -35.80 -21.06
CA ARG C 425 -16.19 -37.06 -21.78
C ARG C 425 -14.92 -37.18 -22.61
N TYR C 426 -14.76 -38.34 -23.24
CA TYR C 426 -13.71 -38.71 -24.19
C TYR C 426 -12.28 -38.75 -23.66
N ILE C 427 -11.94 -38.03 -22.58
CA ILE C 427 -10.62 -38.14 -21.97
C ILE C 427 -10.83 -38.13 -20.47
N HIS C 428 -11.06 -39.28 -19.88
CA HIS C 428 -11.39 -39.30 -18.47
C HIS C 428 -10.74 -40.45 -17.72
N ARG C 429 -10.19 -41.44 -18.40
CA ARG C 429 -9.31 -42.38 -17.75
C ARG C 429 -8.05 -41.66 -17.32
N PRO C 430 -7.39 -42.11 -16.26
CA PRO C 430 -6.15 -41.46 -15.85
C PRO C 430 -5.00 -41.64 -16.82
N CYS C 431 -4.99 -42.73 -17.59
CA CYS C 431 -3.90 -42.96 -18.54
C CYS C 431 -3.95 -41.97 -19.70
N LEU C 432 -5.14 -41.69 -20.22
CA LEU C 432 -5.28 -40.68 -21.27
C LEU C 432 -4.98 -39.29 -20.74
N GLN C 433 -5.27 -39.02 -19.47
CA GLN C 433 -4.92 -37.75 -18.86
C GLN C 433 -3.42 -37.57 -18.75
N VAL C 434 -2.70 -38.65 -18.41
CA VAL C 434 -1.24 -38.60 -18.36
C VAL C 434 -0.65 -38.38 -19.75
N ILE C 435 -1.19 -39.06 -20.77
CA ILE C 435 -0.65 -38.92 -22.12
C ILE C 435 -0.96 -37.53 -22.68
N GLU C 436 -2.12 -36.97 -22.35
CA GLU C 436 -2.42 -35.61 -22.80
C GLU C 436 -1.55 -34.58 -22.08
N ALA C 437 -1.24 -34.81 -20.81
CA ALA C 437 -0.34 -33.89 -20.11
C ALA C 437 1.06 -33.93 -20.67
N VAL C 438 1.50 -35.10 -21.15
CA VAL C 438 2.81 -35.19 -21.77
C VAL C 438 2.82 -34.51 -23.14
N LEU C 439 1.78 -34.72 -23.95
CA LEU C 439 1.78 -34.17 -25.30
C LEU C 439 1.60 -32.66 -25.33
N VAL C 440 1.06 -32.06 -24.28
CA VAL C 440 1.07 -30.61 -24.20
C VAL C 440 2.48 -30.10 -23.93
N ALA C 441 3.23 -30.77 -23.05
CA ALA C 441 4.56 -30.32 -22.69
C ALA C 441 5.58 -30.54 -23.78
N ALA C 442 5.36 -31.49 -24.68
CA ALA C 442 6.23 -31.65 -25.82
C ALA C 442 5.93 -30.66 -26.92
N VAL C 443 4.68 -30.21 -27.03
CA VAL C 443 4.34 -29.22 -28.04
C VAL C 443 4.83 -27.83 -27.63
N THR C 444 4.75 -27.49 -26.34
CA THR C 444 5.25 -26.19 -25.91
C THR C 444 6.77 -26.07 -26.01
N ALA C 445 7.49 -27.19 -26.11
CA ALA C 445 8.90 -27.14 -26.41
C ALA C 445 9.13 -26.83 -27.89
N THR C 446 8.43 -27.52 -28.78
CA THR C 446 8.72 -27.34 -30.20
C THR C 446 8.18 -26.04 -30.73
N VAL C 447 7.06 -25.56 -30.21
CA VAL C 447 6.55 -24.25 -30.61
C VAL C 447 7.53 -23.15 -30.20
N ALA C 448 8.09 -23.27 -29.00
CA ALA C 448 9.10 -22.33 -28.56
C ALA C 448 10.37 -22.42 -29.39
N PHE C 449 10.75 -23.64 -29.81
CA PHE C 449 11.96 -23.77 -30.63
C PHE C 449 11.75 -23.24 -32.03
N VAL C 450 10.55 -23.42 -32.59
CA VAL C 450 10.30 -22.91 -33.94
C VAL C 450 10.21 -21.39 -33.92
N LEU C 451 9.75 -20.80 -32.82
CA LEU C 451 9.81 -19.35 -32.72
C LEU C 451 11.22 -18.84 -32.48
N ILE C 452 12.02 -19.56 -31.69
CA ILE C 452 13.42 -19.16 -31.46
C ILE C 452 14.24 -19.30 -32.73
N TYR C 453 14.01 -20.36 -33.49
CA TYR C 453 14.83 -20.68 -34.64
C TYR C 453 14.57 -19.74 -35.80
N SER C 454 13.31 -19.42 -36.06
CA SER C 454 12.99 -18.55 -37.19
C SER C 454 13.11 -17.07 -36.87
N SER C 455 13.46 -16.72 -35.64
CA SER C 455 13.53 -15.32 -35.24
C SER C 455 14.81 -14.70 -35.73
N ARG C 456 14.70 -13.48 -36.25
CA ARG C 456 15.86 -12.83 -36.84
C ARG C 456 16.57 -11.88 -35.87
N ASP C 457 15.81 -11.06 -35.15
CA ASP C 457 16.42 -9.97 -34.38
C ASP C 457 17.15 -10.47 -33.13
N CYS C 458 18.16 -9.71 -32.72
CA CYS C 458 18.91 -10.03 -31.53
C CYS C 458 19.60 -8.81 -30.97
N GLN C 459 19.73 -8.80 -29.64
CA GLN C 459 20.08 -7.67 -28.81
C GLN C 459 21.48 -7.83 -28.23
N PRO C 460 22.19 -6.73 -27.94
CA PRO C 460 23.59 -6.86 -27.54
C PRO C 460 23.88 -7.16 -26.07
N LEU C 461 22.91 -7.70 -25.32
CA LEU C 461 23.06 -8.12 -23.91
C LEU C 461 23.46 -6.94 -23.01
N GLN C 462 22.48 -6.08 -22.79
CA GLN C 462 22.63 -4.90 -21.95
C GLN C 462 23.08 -5.27 -20.53
N GLY C 463 22.21 -5.94 -19.77
CA GLY C 463 22.54 -6.20 -18.38
C GLY C 463 22.19 -7.61 -17.92
N GLY C 464 21.58 -7.72 -16.75
CA GLY C 464 21.07 -9.00 -16.30
C GLY C 464 19.63 -9.20 -16.73
N SER C 465 19.42 -9.25 -18.05
CA SER C 465 18.08 -9.25 -18.62
C SER C 465 17.72 -10.53 -19.36
N MET C 466 18.66 -11.47 -19.51
CA MET C 466 18.38 -12.69 -20.24
C MET C 466 18.55 -13.95 -19.39
N SER C 467 19.67 -14.04 -18.67
CA SER C 467 20.06 -15.07 -17.70
C SER C 467 20.43 -16.41 -18.32
N TYR C 468 20.06 -16.64 -19.59
CA TYR C 468 20.59 -17.74 -20.40
C TYR C 468 20.63 -17.28 -21.84
N PRO C 469 21.61 -16.47 -22.20
CA PRO C 469 21.59 -15.87 -23.53
C PRO C 469 22.04 -16.84 -24.61
N LEU C 470 21.29 -16.85 -25.72
CA LEU C 470 21.56 -17.73 -26.85
C LEU C 470 22.03 -16.91 -28.06
N GLN C 471 23.31 -16.98 -28.36
CA GLN C 471 23.84 -16.47 -29.61
C GLN C 471 23.68 -17.59 -30.63
N LEU C 472 22.45 -17.72 -31.13
CA LEU C 472 22.17 -18.85 -32.00
C LEU C 472 22.71 -18.60 -33.40
N PHE C 473 22.13 -17.64 -34.11
CA PHE C 473 22.57 -17.29 -35.45
C PHE C 473 23.03 -15.85 -35.51
N CYS C 474 23.42 -15.29 -34.38
CA CYS C 474 23.78 -13.89 -34.22
C CYS C 474 25.29 -13.75 -34.06
N ALA C 475 25.73 -12.51 -33.97
CA ALA C 475 27.11 -12.14 -34.26
C ALA C 475 27.93 -11.89 -32.99
N ASP C 476 28.12 -12.95 -32.19
CA ASP C 476 29.17 -13.06 -31.17
C ASP C 476 29.08 -12.11 -29.99
N GLY C 477 28.23 -11.09 -30.05
CA GLY C 477 28.01 -10.22 -28.93
C GLY C 477 26.52 -10.07 -28.72
N GLU C 478 25.80 -10.39 -29.77
CA GLU C 478 24.35 -10.30 -29.78
C GLU C 478 23.76 -11.65 -29.44
N TYR C 479 22.68 -11.62 -28.68
CA TYR C 479 21.98 -12.80 -28.23
C TYR C 479 20.53 -12.65 -28.58
N ASN C 480 19.88 -13.78 -28.85
CA ASN C 480 18.57 -13.80 -29.47
C ASN C 480 17.50 -13.26 -28.53
N SER C 481 16.59 -12.47 -29.08
CA SER C 481 15.60 -11.79 -28.26
C SER C 481 14.33 -12.60 -28.06
N MET C 482 13.95 -13.44 -29.04
CA MET C 482 12.84 -14.36 -28.81
C MET C 482 13.20 -15.41 -27.77
N ALA C 483 14.46 -15.82 -27.72
CA ALA C 483 14.90 -16.85 -26.79
C ALA C 483 14.87 -16.37 -25.34
N ALA C 484 14.76 -15.07 -25.09
CA ALA C 484 14.61 -14.57 -23.74
C ALA C 484 13.16 -14.45 -23.30
N ALA C 485 12.20 -14.49 -24.22
CA ALA C 485 10.80 -14.57 -23.83
C ALA C 485 10.47 -15.94 -23.26
N PHE C 486 11.07 -16.98 -23.84
CA PHE C 486 11.15 -18.31 -23.26
C PHE C 486 12.44 -18.33 -22.45
N PHE C 487 12.89 -19.50 -21.98
CA PHE C 487 14.15 -19.65 -21.22
C PHE C 487 14.21 -18.78 -19.97
N ASN C 488 13.06 -18.41 -19.41
CA ASN C 488 13.04 -17.31 -18.47
C ASN C 488 11.74 -17.43 -17.71
N THR C 489 11.81 -17.24 -16.40
CA THR C 489 10.62 -17.41 -15.59
C THR C 489 9.63 -16.29 -15.86
N PRO C 490 8.33 -16.60 -15.90
CA PRO C 490 7.34 -15.57 -16.27
C PRO C 490 7.25 -14.42 -15.30
N GLU C 491 7.69 -14.61 -14.06
CA GLU C 491 7.82 -13.49 -13.14
C GLU C 491 8.81 -12.46 -13.66
N LYS C 492 9.97 -12.91 -14.13
CA LYS C 492 10.97 -11.98 -14.65
C LYS C 492 10.51 -11.33 -15.95
N SER C 493 9.77 -12.06 -16.78
CA SER C 493 9.20 -11.46 -17.99
C SER C 493 8.18 -10.38 -17.67
N VAL C 494 7.29 -10.64 -16.71
CA VAL C 494 6.26 -9.66 -16.35
C VAL C 494 6.90 -8.43 -15.70
N VAL C 495 7.91 -8.65 -14.85
CA VAL C 495 8.59 -7.54 -14.21
C VAL C 495 9.40 -6.73 -15.20
N SER C 496 9.98 -7.37 -16.22
CA SER C 496 10.71 -6.61 -17.23
C SER C 496 9.81 -5.94 -18.25
N LEU C 497 8.58 -6.40 -18.42
CA LEU C 497 7.63 -5.66 -19.24
C LEU C 497 7.08 -4.42 -18.54
N PHE C 498 7.27 -4.32 -17.23
CA PHE C 498 7.02 -3.11 -16.47
C PHE C 498 8.36 -2.40 -16.35
N HIS C 499 8.33 -1.08 -16.14
CA HIS C 499 9.50 -0.20 -15.95
C HIS C 499 10.74 -0.55 -16.74
N ASP C 500 10.65 -0.40 -18.05
CA ASP C 500 11.73 -0.78 -18.95
C ASP C 500 11.86 0.37 -19.92
N PRO C 501 13.07 0.68 -20.39
CA PRO C 501 13.23 1.79 -21.32
C PRO C 501 12.57 1.49 -22.64
N PRO C 502 11.92 2.48 -23.25
CA PRO C 502 11.26 2.24 -24.54
C PRO C 502 12.26 1.92 -25.64
N GLY C 503 11.75 1.31 -26.69
CA GLY C 503 12.61 0.76 -27.70
C GLY C 503 13.30 -0.52 -27.31
N SER C 504 12.77 -1.22 -26.30
CA SER C 504 13.37 -2.47 -25.85
C SER C 504 12.74 -3.70 -26.45
N TYR C 505 11.55 -3.60 -27.03
CA TYR C 505 10.86 -4.75 -27.57
C TYR C 505 10.52 -4.50 -29.03
N ASN C 506 10.96 -5.40 -29.89
CA ASN C 506 10.49 -5.43 -31.27
C ASN C 506 9.03 -5.85 -31.27
N PRO C 507 8.14 -5.10 -31.92
CA PRO C 507 6.70 -5.46 -31.86
C PRO C 507 6.35 -6.77 -32.52
N LEU C 508 7.15 -7.26 -33.47
CA LEU C 508 6.84 -8.56 -34.07
C LEU C 508 7.14 -9.68 -33.10
N THR C 509 8.19 -9.52 -32.29
CA THR C 509 8.53 -10.53 -31.29
C THR C 509 7.47 -10.63 -30.21
N LEU C 510 7.03 -9.50 -29.65
CA LEU C 510 5.93 -9.57 -28.69
C LEU C 510 4.61 -9.97 -29.33
N GLY C 511 4.41 -9.64 -30.61
CA GLY C 511 3.19 -10.07 -31.26
C GLY C 511 3.10 -11.57 -31.38
N LEU C 512 4.19 -12.19 -31.79
CA LEU C 512 4.23 -13.65 -31.91
C LEU C 512 4.21 -14.33 -30.55
N PHE C 513 4.92 -13.77 -29.57
CA PHE C 513 4.93 -14.35 -28.23
C PHE C 513 3.56 -14.26 -27.57
N THR C 514 2.88 -13.13 -27.71
CA THR C 514 1.55 -12.97 -27.12
C THR C 514 0.54 -13.80 -27.86
N LEU C 515 0.74 -13.99 -29.16
CA LEU C 515 -0.20 -14.78 -29.94
C LEU C 515 -0.11 -16.26 -29.58
N VAL C 516 1.10 -16.81 -29.45
CA VAL C 516 1.14 -18.23 -29.15
C VAL C 516 1.01 -18.51 -27.67
N TYR C 517 1.31 -17.56 -26.79
CA TYR C 517 1.22 -17.85 -25.37
C TYR C 517 -0.21 -17.74 -24.86
N PHE C 518 -1.07 -16.99 -25.56
CA PHE C 518 -2.49 -16.96 -25.24
C PHE C 518 -3.13 -18.31 -25.48
N PHE C 519 -2.67 -19.05 -26.47
CA PHE C 519 -3.26 -20.35 -26.75
C PHE C 519 -2.61 -21.49 -26.01
N LEU C 520 -1.30 -21.41 -25.72
CA LEU C 520 -0.68 -22.44 -24.91
C LEU C 520 -1.17 -22.37 -23.48
N ALA C 521 -1.48 -21.18 -22.98
CA ALA C 521 -2.05 -21.07 -21.64
C ALA C 521 -3.50 -21.50 -21.60
N CYS C 522 -4.25 -21.31 -22.68
CA CYS C 522 -5.64 -21.73 -22.72
C CYS C 522 -5.79 -23.23 -22.86
N TRP C 523 -4.78 -23.89 -23.42
CA TRP C 523 -4.79 -25.31 -23.68
C TRP C 523 -4.16 -26.10 -22.55
N THR C 524 -3.63 -25.44 -21.54
CA THR C 524 -2.97 -26.09 -20.43
C THR C 524 -3.80 -26.04 -19.16
N TYR C 525 -4.87 -25.25 -19.12
CA TYR C 525 -5.55 -25.00 -17.84
C TYR C 525 -6.35 -26.20 -17.37
N GLY C 526 -7.00 -26.91 -18.27
CA GLY C 526 -7.81 -28.01 -17.76
C GLY C 526 -7.09 -29.31 -17.49
N LEU C 527 -5.76 -29.32 -17.57
CA LEU C 527 -5.00 -30.55 -17.47
C LEU C 527 -4.97 -31.03 -16.03
N THR C 528 -4.54 -32.28 -15.86
CA THR C 528 -4.39 -32.87 -14.53
C THR C 528 -2.96 -32.72 -14.05
N VAL C 529 -2.55 -31.46 -13.92
CA VAL C 529 -1.34 -31.06 -13.22
C VAL C 529 -1.74 -29.98 -12.24
N SER C 530 -0.86 -29.68 -11.30
CA SER C 530 -1.07 -28.57 -10.38
C SER C 530 -0.55 -27.30 -11.02
N ALA C 531 -1.40 -26.29 -11.14
CA ALA C 531 -1.09 -25.21 -12.04
C ALA C 531 -1.89 -23.98 -11.67
N GLY C 532 -1.31 -22.81 -11.91
CA GLY C 532 -2.05 -21.59 -11.70
C GLY C 532 -2.32 -20.83 -12.98
N VAL C 533 -3.23 -19.86 -12.94
CA VAL C 533 -3.61 -19.08 -14.10
C VAL C 533 -3.47 -17.58 -13.86
N PHE C 534 -3.03 -17.17 -12.67
CA PHE C 534 -2.76 -15.76 -12.40
C PHE C 534 -1.59 -15.24 -13.20
N ILE C 535 -0.49 -15.99 -13.21
CA ILE C 535 0.74 -15.55 -13.85
C ILE C 535 0.65 -15.63 -15.38
N PRO C 536 0.06 -16.65 -16.02
CA PRO C 536 -0.16 -16.52 -17.46
C PRO C 536 -1.12 -15.39 -17.85
N SER C 537 -2.10 -15.07 -17.02
CA SER C 537 -2.99 -13.95 -17.30
C SER C 537 -2.25 -12.62 -17.20
N LEU C 538 -1.38 -12.48 -16.18
CA LEU C 538 -0.57 -11.27 -16.07
C LEU C 538 0.41 -11.17 -17.22
N LEU C 539 0.92 -12.30 -17.72
CA LEU C 539 1.92 -12.23 -18.78
C LEU C 539 1.27 -11.91 -20.12
N ILE C 540 0.09 -12.47 -20.38
CA ILE C 540 -0.65 -12.10 -21.58
C ILE C 540 -1.00 -10.63 -21.53
N GLY C 541 -1.55 -10.17 -20.42
CA GLY C 541 -1.96 -8.80 -20.30
C GLY C 541 -0.84 -7.78 -20.30
N ALA C 542 0.30 -8.13 -19.73
CA ALA C 542 1.45 -7.24 -19.77
C ALA C 542 2.09 -7.28 -21.13
N ALA C 543 1.84 -8.32 -21.90
CA ALA C 543 2.46 -8.43 -23.20
C ALA C 543 1.71 -7.62 -24.25
N TRP C 544 0.39 -7.83 -24.41
CA TRP C 544 -0.35 -6.99 -25.36
C TRP C 544 -0.57 -5.59 -24.81
N GLY C 545 -0.51 -5.41 -23.51
CA GLY C 545 -0.62 -4.06 -22.96
C GLY C 545 0.58 -3.22 -23.28
N ARG C 546 1.76 -3.85 -23.39
CA ARG C 546 2.98 -3.16 -23.77
C ARG C 546 2.98 -2.82 -25.26
N LEU C 547 2.33 -3.65 -26.08
CA LEU C 547 2.21 -3.34 -27.51
C LEU C 547 1.33 -2.13 -27.74
N PHE C 548 0.28 -1.99 -26.94
CA PHE C 548 -0.62 -0.85 -27.05
C PHE C 548 0.10 0.44 -26.65
N GLY C 549 1.01 0.36 -25.69
CA GLY C 549 1.80 1.53 -25.35
C GLY C 549 2.89 1.82 -26.35
N ILE C 550 3.37 0.80 -27.06
CA ILE C 550 4.27 1.02 -28.18
C ILE C 550 3.56 1.73 -29.32
N SER C 551 2.32 1.35 -29.62
CA SER C 551 1.63 1.95 -30.75
C SER C 551 1.14 3.36 -30.44
N LEU C 552 1.06 3.76 -29.16
CA LEU C 552 0.83 5.15 -28.82
C LEU C 552 2.11 5.96 -28.73
N SER C 553 3.24 5.31 -28.47
CA SER C 553 4.54 5.94 -28.55
C SER C 553 5.03 6.09 -29.98
N TYR C 554 4.24 5.62 -30.95
CA TYR C 554 4.48 5.85 -32.36
C TYR C 554 3.62 6.97 -32.91
N LEU C 555 2.34 7.02 -32.53
CA LEU C 555 1.43 8.04 -33.04
C LEU C 555 1.80 9.42 -32.50
N THR C 556 1.94 9.54 -31.20
CA THR C 556 2.20 10.83 -30.57
C THR C 556 3.65 11.26 -30.69
N GLY C 557 4.53 10.43 -31.23
CA GLY C 557 5.91 10.81 -31.43
C GLY C 557 6.72 10.82 -30.15
N ALA C 558 6.63 9.72 -29.39
CA ALA C 558 7.40 9.48 -28.16
C ALA C 558 7.11 10.54 -27.09
N ALA C 559 5.82 10.76 -26.82
CA ALA C 559 5.41 11.69 -25.79
C ALA C 559 5.71 11.11 -24.41
N ILE C 560 5.66 11.97 -23.40
CA ILE C 560 6.04 11.53 -22.06
C ILE C 560 4.91 10.75 -21.41
N TRP C 561 3.66 11.13 -21.69
CA TRP C 561 2.54 10.39 -21.14
C TRP C 561 2.30 9.07 -21.84
N ALA C 562 2.83 8.88 -23.04
CA ALA C 562 2.68 7.63 -23.76
C ALA C 562 3.88 6.71 -23.49
N ASP C 563 4.10 6.44 -22.22
CA ASP C 563 5.15 5.51 -21.84
C ASP C 563 4.64 4.08 -21.93
N PRO C 564 5.33 3.19 -22.64
CA PRO C 564 4.78 1.85 -22.85
C PRO C 564 4.84 0.95 -21.64
N GLY C 565 5.71 1.22 -20.68
CA GLY C 565 5.76 0.39 -19.49
C GLY C 565 4.65 0.62 -18.52
N LYS C 566 3.92 1.72 -18.67
CA LYS C 566 2.77 2.01 -17.83
C LYS C 566 1.54 1.29 -18.33
N TYR C 567 1.42 1.15 -19.65
CA TYR C 567 0.27 0.47 -20.22
C TYR C 567 0.37 -1.03 -20.10
N ALA C 568 1.57 -1.57 -19.85
CA ALA C 568 1.70 -2.98 -19.52
C ALA C 568 1.07 -3.29 -18.18
N LEU C 569 1.00 -2.33 -17.27
CA LEU C 569 0.38 -2.54 -15.99
C LEU C 569 -1.13 -2.61 -16.10
N MET C 570 -1.72 -1.80 -16.97
CA MET C 570 -3.17 -1.76 -17.10
C MET C 570 -3.69 -2.89 -17.97
N GLY C 571 -2.90 -3.33 -18.95
CA GLY C 571 -3.28 -4.50 -19.72
C GLY C 571 -3.23 -5.75 -18.88
N ALA C 572 -2.29 -5.81 -17.94
CA ALA C 572 -2.16 -6.97 -17.07
C ALA C 572 -3.36 -7.13 -16.16
N ALA C 573 -3.79 -6.02 -15.56
CA ALA C 573 -4.98 -6.02 -14.72
C ALA C 573 -6.23 -6.23 -15.55
N ALA C 574 -6.27 -5.69 -16.77
CA ALA C 574 -7.43 -5.90 -17.64
C ALA C 574 -7.60 -7.35 -18.00
N GLN C 575 -6.50 -8.03 -18.32
CA GLN C 575 -6.60 -9.43 -18.73
C GLN C 575 -6.87 -10.34 -17.56
N LEU C 576 -6.23 -10.08 -16.41
CA LEU C 576 -6.50 -10.89 -15.23
C LEU C 576 -7.92 -10.66 -14.71
N GLY C 577 -8.44 -9.44 -14.80
CA GLY C 577 -9.81 -9.22 -14.40
C GLY C 577 -10.82 -9.73 -15.40
N GLY C 578 -10.44 -9.82 -16.67
CA GLY C 578 -11.32 -10.37 -17.67
C GLY C 578 -11.42 -11.88 -17.63
N ILE C 579 -10.31 -12.56 -17.36
CA ILE C 579 -10.35 -14.02 -17.31
C ILE C 579 -11.00 -14.50 -16.02
N VAL C 580 -10.39 -14.20 -14.87
CA VAL C 580 -11.00 -14.49 -13.58
C VAL C 580 -11.61 -13.21 -13.03
N ARG C 581 -12.92 -13.21 -12.88
CA ARG C 581 -13.64 -11.96 -12.70
C ARG C 581 -13.86 -11.65 -11.22
N MET C 582 -12.75 -11.54 -10.49
CA MET C 582 -12.78 -11.09 -9.11
C MET C 582 -12.28 -9.65 -9.02
N THR C 583 -12.99 -8.86 -8.21
CA THR C 583 -12.62 -7.49 -7.90
C THR C 583 -12.65 -7.34 -6.38
N LEU C 584 -12.21 -6.16 -5.91
CA LEU C 584 -12.17 -5.67 -4.53
C LEU C 584 -11.14 -6.37 -3.66
N SER C 585 -10.65 -7.50 -4.09
CA SER C 585 -9.49 -8.12 -3.51
C SER C 585 -8.38 -8.24 -4.51
N LEU C 586 -8.72 -8.38 -5.79
CA LEU C 586 -7.74 -8.24 -6.84
C LEU C 586 -7.27 -6.81 -6.99
N THR C 587 -8.14 -5.84 -6.72
CA THR C 587 -7.75 -4.43 -6.79
C THR C 587 -6.73 -4.08 -5.71
N VAL C 588 -6.95 -4.59 -4.50
CA VAL C 588 -6.10 -4.24 -3.38
C VAL C 588 -4.77 -4.99 -3.44
N ILE C 589 -4.74 -6.17 -4.06
CA ILE C 589 -3.47 -6.86 -4.33
C ILE C 589 -2.62 -6.04 -5.30
N MET C 590 -3.25 -5.44 -6.31
CA MET C 590 -2.51 -4.64 -7.27
C MET C 590 -1.97 -3.35 -6.67
N MET C 591 -2.65 -2.76 -5.69
CA MET C 591 -2.14 -1.54 -5.06
C MET C 591 -0.99 -1.81 -4.13
N GLU C 592 -0.98 -2.96 -3.47
CA GLU C 592 0.11 -3.28 -2.57
C GLU C 592 1.30 -3.90 -3.27
N ALA C 593 1.12 -4.39 -4.48
CA ALA C 593 2.24 -4.93 -5.22
C ALA C 593 2.93 -3.87 -6.07
N THR C 594 2.18 -2.90 -6.58
CA THR C 594 2.79 -1.74 -7.22
C THR C 594 3.32 -0.72 -6.24
N SER C 595 2.86 -0.78 -4.98
CA SER C 595 3.26 0.15 -3.91
C SER C 595 2.99 1.60 -4.27
N ASN C 596 1.83 1.85 -4.87
CA ASN C 596 1.49 3.18 -5.35
C ASN C 596 -0.02 3.34 -5.21
N VAL C 597 -0.43 4.29 -4.36
CA VAL C 597 -1.85 4.45 -4.04
C VAL C 597 -2.58 5.14 -5.19
N THR C 598 -1.90 6.03 -5.90
CA THR C 598 -2.52 6.79 -6.98
C THR C 598 -2.90 5.91 -8.16
N TYR C 599 -2.28 4.75 -8.30
CA TYR C 599 -2.67 3.79 -9.33
C TYR C 599 -3.94 3.04 -9.03
N GLY C 600 -4.47 3.13 -7.81
CA GLY C 600 -5.61 2.33 -7.47
C GLY C 600 -6.89 2.76 -8.15
N PHE C 601 -6.95 3.97 -8.63
CA PHE C 601 -8.12 4.47 -9.32
C PHE C 601 -8.17 4.04 -10.80
N PRO C 602 -7.08 4.15 -11.60
CA PRO C 602 -7.15 3.54 -12.93
C PRO C 602 -7.28 2.03 -12.93
N ILE C 603 -6.60 1.34 -12.00
CA ILE C 603 -6.69 -0.11 -11.91
C ILE C 603 -8.11 -0.53 -11.52
N MET C 604 -8.78 0.25 -10.68
CA MET C 604 -10.16 -0.07 -10.33
C MET C 604 -11.10 0.15 -11.51
N LEU C 605 -10.91 1.22 -12.28
CA LEU C 605 -11.77 1.44 -13.44
C LEU C 605 -11.55 0.38 -14.52
N VAL C 606 -10.30 -0.04 -14.70
CA VAL C 606 -9.97 -1.11 -15.64
C VAL C 606 -10.61 -2.42 -15.23
N LEU C 607 -10.52 -2.77 -13.94
CA LEU C 607 -11.09 -4.04 -13.47
C LEU C 607 -12.61 -4.04 -13.47
N MET C 608 -13.23 -2.93 -13.08
CA MET C 608 -14.69 -2.77 -13.19
C MET C 608 -15.17 -2.94 -14.61
N THR C 609 -14.51 -2.26 -15.55
CA THR C 609 -14.94 -2.32 -16.95
C THR C 609 -14.75 -3.72 -17.51
N ALA C 610 -13.64 -4.39 -17.15
CA ALA C 610 -13.35 -5.71 -17.66
C ALA C 610 -14.35 -6.74 -17.14
N LYS C 611 -14.75 -6.61 -15.87
CA LYS C 611 -15.79 -7.50 -15.35
C LYS C 611 -17.15 -7.25 -15.99
N ILE C 612 -17.54 -5.97 -16.16
CA ILE C 612 -18.85 -5.67 -16.73
C ILE C 612 -18.94 -6.10 -18.19
N VAL C 613 -17.85 -5.92 -18.95
CA VAL C 613 -17.86 -6.36 -20.34
C VAL C 613 -17.75 -7.87 -20.45
N GLY C 614 -17.04 -8.53 -19.55
CA GLY C 614 -16.92 -9.97 -19.65
C GLY C 614 -18.16 -10.71 -19.22
N ASP C 615 -18.95 -10.12 -18.32
CA ASP C 615 -20.12 -10.82 -17.80
C ASP C 615 -21.27 -10.92 -18.79
N VAL C 616 -21.22 -10.24 -19.93
CA VAL C 616 -22.35 -10.26 -20.85
C VAL C 616 -22.12 -11.34 -21.89
N PHE C 617 -21.04 -12.11 -21.74
CA PHE C 617 -20.76 -13.23 -22.63
C PHE C 617 -20.74 -14.56 -21.90
N ILE C 618 -19.88 -14.71 -20.90
CA ILE C 618 -19.50 -15.98 -20.33
C ILE C 618 -19.05 -15.71 -18.90
N GLU C 619 -19.30 -16.66 -18.01
CA GLU C 619 -18.97 -16.44 -16.61
C GLU C 619 -17.47 -16.55 -16.39
N GLY C 620 -17.05 -16.24 -15.16
CA GLY C 620 -15.65 -16.29 -14.82
C GLY C 620 -15.13 -17.70 -14.79
N LEU C 621 -13.80 -17.82 -14.77
CA LEU C 621 -13.15 -19.11 -14.94
C LEU C 621 -13.38 -20.01 -13.72
N TYR C 622 -13.28 -19.42 -12.53
CA TYR C 622 -13.47 -20.19 -11.31
C TYR C 622 -14.93 -20.55 -11.11
N ASP C 623 -15.85 -19.64 -11.46
CA ASP C 623 -17.27 -19.93 -11.39
C ASP C 623 -17.65 -21.04 -12.37
N MET C 624 -17.00 -21.07 -13.52
CA MET C 624 -17.24 -22.11 -14.51
C MET C 624 -16.78 -23.47 -14.01
N HIS C 625 -15.58 -23.55 -13.45
CA HIS C 625 -15.12 -24.83 -12.95
C HIS C 625 -15.79 -25.24 -11.64
N ILE C 626 -16.39 -24.29 -10.91
CA ILE C 626 -17.28 -24.64 -9.81
C ILE C 626 -18.56 -25.25 -10.35
N GLN C 627 -19.18 -24.60 -11.35
CA GLN C 627 -20.51 -25.05 -11.75
C GLN C 627 -20.48 -26.25 -12.69
N LEU C 628 -19.34 -26.60 -13.28
CA LEU C 628 -19.29 -27.84 -14.07
C LEU C 628 -19.36 -29.07 -13.17
N GLN C 629 -18.84 -28.96 -11.95
CA GLN C 629 -19.09 -29.97 -10.94
C GLN C 629 -20.39 -29.65 -10.23
N SER C 630 -21.14 -30.68 -9.86
CA SER C 630 -22.51 -30.48 -9.40
C SER C 630 -22.53 -30.15 -7.91
N VAL C 631 -22.06 -28.94 -7.59
CA VAL C 631 -21.94 -28.51 -6.19
C VAL C 631 -23.13 -27.64 -5.81
N PRO C 632 -23.53 -27.63 -4.53
CA PRO C 632 -24.50 -26.63 -4.05
C PRO C 632 -23.85 -25.36 -3.53
N PHE C 633 -23.53 -24.44 -4.44
CA PHE C 633 -22.75 -23.25 -4.15
C PHE C 633 -23.67 -22.04 -4.02
N LEU C 634 -23.43 -21.23 -2.99
CA LEU C 634 -24.24 -20.04 -2.74
C LEU C 634 -23.48 -18.80 -3.16
N HIS C 635 -24.23 -17.78 -3.57
CA HIS C 635 -23.68 -16.53 -4.06
C HIS C 635 -23.78 -15.45 -2.99
N TRP C 636 -23.46 -14.20 -3.35
CA TRP C 636 -23.58 -13.12 -2.38
C TRP C 636 -25.02 -12.63 -2.27
N GLU C 637 -25.81 -12.77 -3.33
CA GLU C 637 -27.19 -12.30 -3.33
C GLU C 637 -28.16 -13.39 -3.77
N SER C 642 -34.94 -11.54 -5.40
CA SER C 642 -36.27 -12.04 -5.75
C SER C 642 -37.22 -12.00 -4.55
N HIS C 643 -37.65 -10.79 -4.17
CA HIS C 643 -38.54 -10.63 -3.04
C HIS C 643 -39.95 -11.13 -3.31
N SER C 644 -40.31 -11.33 -4.58
CA SER C 644 -41.65 -11.80 -4.92
C SER C 644 -41.87 -13.26 -4.56
N LEU C 645 -40.80 -14.03 -4.45
CA LEU C 645 -40.86 -15.44 -4.08
C LEU C 645 -40.63 -15.54 -2.58
N THR C 646 -41.65 -15.92 -1.83
CA THR C 646 -41.51 -16.04 -0.39
C THR C 646 -40.89 -17.38 -0.03
N ALA C 647 -40.66 -17.60 1.27
CA ALA C 647 -40.02 -18.81 1.74
C ALA C 647 -40.94 -20.02 1.76
N ARG C 648 -42.21 -19.85 1.40
CA ARG C 648 -43.13 -20.97 1.33
C ARG C 648 -42.83 -21.87 0.13
N GLU C 649 -42.37 -21.29 -0.98
CA GLU C 649 -42.00 -22.06 -2.16
C GLU C 649 -40.55 -22.54 -2.12
N VAL C 650 -39.83 -22.31 -1.04
CA VAL C 650 -38.44 -22.73 -0.93
C VAL C 650 -38.26 -23.94 -0.01
N MET C 651 -39.17 -24.14 0.95
CA MET C 651 -39.06 -25.22 1.92
C MET C 651 -39.22 -26.59 1.25
N SER C 652 -38.80 -27.62 1.98
CA SER C 652 -39.01 -29.01 1.58
C SER C 652 -40.08 -29.60 2.48
N THR C 653 -41.22 -29.95 1.90
CA THR C 653 -42.42 -30.37 2.62
C THR C 653 -42.27 -31.70 3.38
N PRO C 654 -41.65 -32.81 2.84
CA PRO C 654 -41.47 -33.98 3.72
C PRO C 654 -40.45 -33.74 4.82
N VAL C 655 -40.93 -33.53 6.03
CA VAL C 655 -40.10 -33.23 7.18
C VAL C 655 -40.27 -34.36 8.19
N THR C 656 -39.21 -35.14 8.38
CA THR C 656 -39.20 -36.16 9.42
C THR C 656 -38.68 -35.53 10.72
N CYS C 657 -39.59 -35.39 11.68
CA CYS C 657 -39.29 -34.79 12.98
C CYS C 657 -39.09 -35.88 14.01
N LEU C 658 -38.16 -35.64 14.92
CA LEU C 658 -37.99 -36.51 16.06
C LEU C 658 -38.76 -35.96 17.24
N ARG C 659 -38.88 -36.75 18.29
CA ARG C 659 -39.56 -36.32 19.50
C ARG C 659 -38.52 -36.03 20.58
N ARG C 660 -38.99 -35.47 21.69
CA ARG C 660 -38.10 -35.17 22.80
C ARG C 660 -37.69 -36.44 23.53
N ARG C 661 -38.66 -37.29 23.86
CA ARG C 661 -38.38 -38.53 24.56
C ARG C 661 -38.71 -39.71 23.66
N GLU C 662 -38.24 -39.65 22.41
CA GLU C 662 -38.60 -40.66 21.43
C GLU C 662 -37.92 -41.98 21.71
N LYS C 663 -38.66 -43.07 21.52
CA LYS C 663 -38.16 -44.41 21.76
C LYS C 663 -37.09 -44.76 20.73
N VAL C 664 -36.05 -45.45 21.18
CA VAL C 664 -35.00 -45.90 20.28
C VAL C 664 -35.53 -47.03 19.41
N GLY C 665 -35.22 -46.97 18.12
CA GLY C 665 -35.67 -48.00 17.20
C GLY C 665 -36.33 -47.37 16.00
N VAL C 666 -37.11 -46.31 16.25
CA VAL C 666 -37.54 -45.44 15.17
C VAL C 666 -36.51 -44.36 14.91
N ILE C 667 -35.59 -44.12 15.84
CA ILE C 667 -34.39 -43.33 15.52
C ILE C 667 -33.52 -44.10 14.52
N VAL C 668 -33.40 -45.41 14.71
CA VAL C 668 -32.67 -46.26 13.79
C VAL C 668 -33.40 -46.35 12.44
N ASP C 669 -34.73 -46.31 12.45
CA ASP C 669 -35.48 -46.34 11.21
C ASP C 669 -35.39 -45.01 10.46
N VAL C 670 -35.39 -43.89 11.19
CA VAL C 670 -35.24 -42.57 10.56
C VAL C 670 -33.84 -42.43 9.96
N LEU C 671 -32.82 -42.88 10.69
CA LEU C 671 -31.47 -42.82 10.13
C LEU C 671 -31.21 -43.89 9.09
N SER C 672 -32.05 -44.93 9.03
CA SER C 672 -31.84 -46.06 8.14
C SER C 672 -32.86 -46.09 7.02
N ASP C 673 -33.19 -44.92 6.47
CA ASP C 673 -34.09 -44.88 5.32
C ASP C 673 -33.40 -45.43 4.08
N THR C 674 -32.19 -44.94 3.80
CA THR C 674 -31.41 -45.19 2.57
C THR C 674 -32.19 -44.85 1.31
N ALA C 675 -33.12 -43.89 1.41
CA ALA C 675 -33.84 -43.37 0.27
C ALA C 675 -33.93 -41.86 0.31
N SER C 676 -33.49 -41.24 1.40
CA SER C 676 -33.47 -39.78 1.53
C SER C 676 -32.42 -39.44 2.57
N ASN C 677 -31.32 -38.84 2.14
CA ASN C 677 -30.27 -38.42 3.06
C ASN C 677 -30.73 -37.21 3.85
N HIS C 678 -30.55 -37.25 5.17
CA HIS C 678 -30.86 -36.12 6.02
C HIS C 678 -29.82 -36.05 7.13
N ASN C 679 -29.38 -34.84 7.45
CA ASN C 679 -28.42 -34.65 8.52
C ASN C 679 -28.96 -33.74 9.62
N GLY C 680 -30.24 -33.37 9.54
CA GLY C 680 -30.82 -32.53 10.58
C GLY C 680 -32.27 -32.86 10.82
N PHE C 681 -32.62 -33.09 12.08
CA PHE C 681 -33.93 -33.61 12.46
C PHE C 681 -34.45 -32.71 13.56
N PRO C 682 -35.55 -31.98 13.35
CA PRO C 682 -36.07 -31.13 14.41
C PRO C 682 -36.82 -31.92 15.47
N VAL C 683 -36.59 -31.54 16.73
CA VAL C 683 -37.18 -32.19 17.88
C VAL C 683 -38.46 -31.46 18.25
N VAL C 684 -39.58 -32.18 18.28
CA VAL C 684 -40.89 -31.58 18.57
C VAL C 684 -41.51 -32.24 19.78
N GLU C 685 -42.71 -31.79 20.16
CA GLU C 685 -43.54 -32.47 21.15
C GLU C 685 -45.01 -32.17 20.89
N PRO C 692 -50.99 -31.15 18.76
CA PRO C 692 -50.00 -30.29 18.09
C PRO C 692 -48.60 -30.92 18.07
N ALA C 693 -47.72 -30.37 17.24
CA ALA C 693 -46.30 -30.75 17.21
C ALA C 693 -45.48 -29.45 17.23
N ARG C 694 -45.26 -28.93 18.43
CA ARG C 694 -44.58 -27.66 18.60
C ARG C 694 -43.07 -27.86 18.64
N LEU C 695 -42.35 -26.97 17.95
CA LEU C 695 -40.91 -27.10 17.81
C LEU C 695 -40.19 -26.85 19.14
N GLN C 696 -39.22 -27.71 19.44
CA GLN C 696 -38.40 -27.58 20.64
C GLN C 696 -36.92 -27.41 20.35
N GLY C 697 -36.45 -27.84 19.19
CA GLY C 697 -35.04 -27.71 18.86
C GLY C 697 -34.67 -28.59 17.68
N LEU C 698 -33.36 -28.78 17.52
CA LEU C 698 -32.82 -29.45 16.35
C LEU C 698 -31.67 -30.36 16.77
N ILE C 699 -31.68 -31.60 16.26
CA ILE C 699 -30.62 -32.57 16.54
C ILE C 699 -30.05 -33.04 15.21
N LEU C 700 -28.75 -33.30 15.21
CA LEU C 700 -28.02 -33.64 13.99
C LEU C 700 -28.01 -35.15 13.78
N ARG C 701 -27.32 -35.60 12.72
CA ARG C 701 -27.10 -37.02 12.51
C ARG C 701 -25.88 -37.53 13.25
N SER C 702 -24.78 -36.79 13.18
CA SER C 702 -23.52 -37.25 13.77
C SER C 702 -23.58 -37.33 15.28
N GLN C 703 -24.23 -36.35 15.91
CA GLN C 703 -24.45 -36.38 17.35
C GLN C 703 -25.33 -37.55 17.74
N LEU C 704 -26.29 -37.90 16.89
CA LEU C 704 -27.23 -38.96 17.19
C LEU C 704 -26.58 -40.34 17.03
N ILE C 705 -25.65 -40.46 16.09
CA ILE C 705 -24.84 -41.67 15.96
C ILE C 705 -23.91 -41.83 17.16
N VAL C 706 -23.37 -40.72 17.65
CA VAL C 706 -22.53 -40.77 18.86
C VAL C 706 -23.37 -41.21 20.07
N LEU C 707 -24.59 -40.70 20.19
CA LEU C 707 -25.48 -41.10 21.28
C LEU C 707 -25.97 -42.54 21.16
N LEU C 708 -25.99 -43.11 19.95
CA LEU C 708 -26.34 -44.52 19.77
C LEU C 708 -25.18 -45.47 20.00
N LYS C 709 -24.10 -45.05 20.65
CA LYS C 709 -23.02 -45.96 20.98
C LYS C 709 -22.33 -45.50 22.26
N LEU C 728 -18.95 -32.78 26.64
CA LEU C 728 -18.97 -32.60 25.20
C LEU C 728 -17.62 -32.89 24.61
N LYS C 729 -16.84 -33.73 25.29
CA LYS C 729 -15.57 -34.21 24.78
C LYS C 729 -15.64 -35.62 24.24
N ASP C 730 -16.75 -36.32 24.45
CA ASP C 730 -17.05 -37.56 23.76
C ASP C 730 -17.73 -37.34 22.43
N PHE C 731 -18.03 -36.09 22.10
CA PHE C 731 -18.53 -35.72 20.78
C PHE C 731 -17.45 -35.14 19.89
N ARG C 732 -16.34 -34.66 20.45
CA ARG C 732 -15.24 -34.15 19.67
C ARG C 732 -14.18 -35.19 19.34
N ASP C 733 -14.10 -36.29 20.09
CA ASP C 733 -13.11 -37.31 19.78
C ASP C 733 -13.49 -38.10 18.53
N ALA C 734 -14.78 -38.23 18.25
CA ALA C 734 -15.23 -38.91 17.05
C ALA C 734 -15.25 -38.00 15.82
N TYR C 735 -14.88 -36.75 15.98
CA TYR C 735 -14.93 -35.79 14.88
C TYR C 735 -13.77 -36.01 13.91
N PRO C 736 -14.03 -36.21 12.61
CA PRO C 736 -12.94 -36.29 11.64
C PRO C 736 -12.43 -34.92 11.23
N ASP C 756 -34.44 -40.32 25.60
CA ASP C 756 -34.51 -38.87 25.71
C ASP C 756 -33.27 -38.25 25.12
N LEU C 757 -33.46 -37.11 24.47
CA LEU C 757 -32.39 -36.32 23.89
C LEU C 757 -32.62 -34.85 24.17
N SER C 758 -33.12 -34.54 25.37
CA SER C 758 -33.40 -33.16 25.73
C SER C 758 -32.13 -32.37 26.02
N GLU C 759 -31.12 -33.01 26.60
CA GLU C 759 -29.90 -32.29 26.96
C GLU C 759 -28.98 -32.07 25.77
N PHE C 760 -29.13 -32.85 24.71
CA PHE C 760 -28.15 -32.90 23.63
C PHE C 760 -28.55 -32.04 22.44
N MET C 761 -29.84 -31.77 22.29
CA MET C 761 -30.36 -31.02 21.17
C MET C 761 -30.00 -29.55 21.28
N ASN C 762 -29.85 -28.92 20.13
CA ASN C 762 -29.73 -27.47 20.01
C ASN C 762 -31.05 -26.89 20.47
N PRO C 763 -31.11 -26.16 21.59
CA PRO C 763 -32.41 -25.70 22.10
C PRO C 763 -32.97 -24.51 21.36
N SER C 764 -32.13 -23.69 20.73
CA SER C 764 -32.57 -22.45 20.09
C SER C 764 -32.09 -22.41 18.65
N PRO C 765 -32.73 -23.15 17.75
CA PRO C 765 -32.34 -23.11 16.35
C PRO C 765 -32.93 -21.88 15.67
N TYR C 766 -32.32 -21.48 14.57
CA TYR C 766 -32.80 -20.31 13.84
C TYR C 766 -34.00 -20.69 13.00
N THR C 767 -35.09 -19.92 13.17
CA THR C 767 -36.34 -20.18 12.44
C THR C 767 -36.76 -18.92 11.71
N VAL C 768 -37.57 -19.12 10.67
CA VAL C 768 -38.26 -18.04 9.97
C VAL C 768 -39.71 -18.44 9.80
N PRO C 769 -40.66 -17.51 9.75
CA PRO C 769 -42.04 -17.88 9.42
C PRO C 769 -42.19 -18.13 7.93
N GLN C 770 -43.36 -18.63 7.55
CA GLN C 770 -43.55 -19.05 6.17
C GLN C 770 -43.87 -17.90 5.22
N GLU C 771 -44.07 -16.69 5.73
CA GLU C 771 -44.34 -15.53 4.90
C GLU C 771 -43.12 -14.63 4.71
N ALA C 772 -41.94 -15.09 5.09
CA ALA C 772 -40.72 -14.34 4.88
C ALA C 772 -40.29 -14.39 3.42
N SER C 773 -39.71 -13.30 2.94
CA SER C 773 -39.25 -13.23 1.57
C SER C 773 -37.92 -13.97 1.42
N LEU C 774 -37.58 -14.32 0.18
CA LEU C 774 -36.35 -15.06 -0.08
C LEU C 774 -35.05 -14.26 0.11
N PRO C 775 -34.96 -12.95 -0.19
CA PRO C 775 -33.75 -12.22 0.24
C PRO C 775 -33.63 -12.05 1.74
N ARG C 776 -34.74 -12.11 2.48
CA ARG C 776 -34.62 -12.12 3.94
C ARG C 776 -34.17 -13.49 4.45
N VAL C 777 -34.57 -14.56 3.77
CA VAL C 777 -34.10 -15.90 4.12
C VAL C 777 -32.64 -16.09 3.71
N PHE C 778 -32.27 -15.62 2.52
CA PHE C 778 -30.91 -15.83 2.02
C PHE C 778 -29.89 -14.98 2.80
N LYS C 779 -30.32 -13.85 3.35
CA LYS C 779 -29.41 -13.03 4.15
C LYS C 779 -29.06 -13.72 5.46
N LEU C 780 -30.03 -14.42 6.04
CA LEU C 780 -29.81 -15.08 7.32
C LEU C 780 -29.03 -16.38 7.16
N PHE C 781 -29.18 -17.04 6.02
CA PHE C 781 -28.63 -18.37 5.85
C PHE C 781 -27.16 -18.32 5.45
N ARG C 782 -26.79 -17.34 4.62
CA ARG C 782 -25.43 -17.23 4.13
C ARG C 782 -24.50 -16.58 5.15
N ALA C 783 -24.98 -15.52 5.80
CA ALA C 783 -24.13 -14.72 6.69
C ALA C 783 -23.91 -15.38 8.04
N LEU C 784 -24.76 -16.32 8.43
CA LEU C 784 -24.51 -17.08 9.64
C LEU C 784 -23.91 -18.45 9.37
N GLY C 785 -23.84 -18.88 8.12
CA GLY C 785 -23.21 -20.14 7.79
C GLY C 785 -24.04 -21.35 8.16
N LEU C 786 -25.36 -21.25 8.06
CA LEU C 786 -26.25 -22.32 8.47
C LEU C 786 -26.23 -23.48 7.49
N ARG C 787 -26.59 -24.67 7.98
CA ARG C 787 -26.93 -25.78 7.11
C ARG C 787 -28.34 -26.27 7.37
N HIS C 788 -29.05 -25.70 8.34
CA HIS C 788 -30.46 -25.99 8.55
C HIS C 788 -31.17 -24.71 8.97
N LEU C 789 -32.42 -24.59 8.53
CA LEU C 789 -33.27 -23.45 8.87
C LEU C 789 -34.70 -23.96 8.90
N VAL C 790 -35.34 -23.91 10.06
CA VAL C 790 -36.65 -24.51 10.25
C VAL C 790 -37.72 -23.45 9.95
N VAL C 791 -38.57 -23.72 8.97
CA VAL C 791 -39.68 -22.82 8.66
C VAL C 791 -40.89 -23.25 9.48
N VAL C 792 -41.52 -22.29 10.16
CA VAL C 792 -42.62 -22.58 11.08
C VAL C 792 -43.90 -21.87 10.64
N ASP C 793 -44.98 -22.14 11.36
CA ASP C 793 -46.30 -21.56 11.11
C ASP C 793 -46.43 -20.30 11.97
N ASN C 794 -47.66 -19.79 12.18
CA ASN C 794 -47.88 -18.69 13.11
C ASN C 794 -47.49 -19.07 14.54
N ARG C 795 -47.80 -20.29 14.94
CA ARG C 795 -47.29 -20.85 16.18
C ARG C 795 -45.97 -21.55 15.89
N ASN C 796 -45.43 -22.30 16.84
CA ASN C 796 -44.19 -23.03 16.54
C ASN C 796 -44.46 -24.44 16.02
N GLN C 797 -45.36 -24.60 15.07
CA GLN C 797 -45.51 -25.88 14.40
C GLN C 797 -44.69 -25.86 13.13
N VAL C 798 -43.95 -26.95 12.89
CA VAL C 798 -42.98 -26.98 11.82
C VAL C 798 -43.67 -27.27 10.50
N VAL C 799 -43.43 -26.41 9.51
CA VAL C 799 -43.88 -26.62 8.14
C VAL C 799 -42.65 -26.34 7.26
N GLY C 800 -41.90 -27.37 6.94
CA GLY C 800 -40.80 -27.24 6.00
C GLY C 800 -39.49 -26.84 6.65
N LEU C 801 -38.40 -27.09 5.93
CA LEU C 801 -37.05 -26.90 6.45
C LEU C 801 -36.10 -26.71 5.27
N VAL C 802 -35.05 -25.91 5.49
CA VAL C 802 -34.14 -25.45 4.43
C VAL C 802 -32.74 -26.00 4.67
N THR C 803 -32.21 -26.76 3.69
CA THR C 803 -30.90 -27.41 3.78
C THR C 803 -30.03 -27.11 2.57
N ARG C 804 -30.00 -25.84 2.13
CA ARG C 804 -29.05 -25.25 1.17
C ARG C 804 -28.94 -25.87 -0.21
N LYS C 805 -29.69 -26.93 -0.50
CA LYS C 805 -29.85 -27.33 -1.90
C LYS C 805 -30.90 -26.46 -2.55
N ASP C 806 -31.84 -25.99 -1.74
CA ASP C 806 -32.99 -25.25 -2.21
C ASP C 806 -32.63 -23.81 -2.55
N LEU C 807 -31.60 -23.27 -1.92
CA LEU C 807 -31.12 -21.94 -2.23
C LEU C 807 -30.12 -21.96 -3.38
N ALA C 808 -29.43 -23.07 -3.59
CA ALA C 808 -28.54 -23.19 -4.74
C ALA C 808 -29.31 -23.48 -6.02
N ARG C 809 -30.44 -24.20 -5.94
CA ARG C 809 -31.16 -24.58 -7.15
C ARG C 809 -31.93 -23.42 -7.77
N TYR C 810 -32.12 -22.32 -7.06
CA TYR C 810 -32.85 -21.18 -7.59
C TYR C 810 -31.89 -20.08 -8.02
N TYR D 114 -31.70 10.02 22.78
CA TYR D 114 -30.91 9.30 21.78
C TYR D 114 -31.74 8.18 21.17
N GLU D 115 -32.31 8.43 20.01
CA GLU D 115 -33.13 7.44 19.33
C GLU D 115 -32.27 6.58 18.40
N SER D 116 -32.88 5.50 17.93
CA SER D 116 -32.21 4.57 17.04
C SER D 116 -32.74 4.73 15.62
N LEU D 117 -32.05 4.12 14.67
CA LEU D 117 -32.53 4.06 13.30
C LEU D 117 -32.78 2.60 12.92
N ASP D 118 -33.92 2.35 12.28
CA ASP D 118 -34.32 1.01 11.89
C ASP D 118 -33.61 0.62 10.59
N TYR D 119 -32.39 0.11 10.77
CA TYR D 119 -31.63 -0.36 9.62
C TYR D 119 -32.22 -1.65 9.03
N ASP D 120 -33.00 -2.39 9.81
CA ASP D 120 -33.80 -3.48 9.27
C ASP D 120 -34.99 -2.88 8.53
N ASN D 121 -35.25 -3.34 7.32
CA ASN D 121 -36.28 -2.72 6.52
C ASN D 121 -37.65 -3.30 6.86
N SER D 122 -38.70 -2.55 6.52
CA SER D 122 -40.04 -2.86 6.98
C SER D 122 -40.60 -4.12 6.34
N GLU D 123 -40.41 -4.28 5.03
CA GLU D 123 -40.80 -5.47 4.25
C GLU D 123 -42.29 -5.80 4.35
N ASN D 124 -43.13 -4.78 4.48
CA ASN D 124 -44.57 -5.01 4.65
C ASN D 124 -45.25 -5.30 3.32
N GLN D 125 -46.58 -5.18 3.28
CA GLN D 125 -47.28 -5.40 2.01
C GLN D 125 -46.97 -4.28 1.01
N LEU D 126 -46.91 -3.05 1.49
CA LEU D 126 -46.63 -1.92 0.61
C LEU D 126 -45.17 -1.87 0.17
N PHE D 127 -44.26 -2.49 0.91
CA PHE D 127 -42.91 -2.61 0.40
C PHE D 127 -42.83 -3.67 -0.69
N LEU D 128 -43.62 -4.73 -0.58
CA LEU D 128 -43.59 -5.76 -1.61
C LEU D 128 -44.31 -5.33 -2.88
N GLU D 129 -45.37 -4.53 -2.76
CA GLU D 129 -46.05 -4.05 -3.96
C GLU D 129 -45.20 -3.04 -4.71
N GLU D 130 -44.56 -2.12 -3.99
CA GLU D 130 -43.74 -1.10 -4.62
C GLU D 130 -42.34 -1.58 -4.94
N GLU D 131 -41.98 -2.81 -4.54
CA GLU D 131 -40.79 -3.45 -5.07
C GLU D 131 -41.02 -3.88 -6.50
N ARG D 132 -42.26 -4.15 -6.87
CA ARG D 132 -42.62 -4.33 -8.26
C ARG D 132 -42.65 -2.97 -8.96
N ARG D 133 -42.83 -3.03 -10.28
CA ARG D 133 -42.82 -1.91 -11.23
C ARG D 133 -41.48 -1.19 -11.31
N ILE D 134 -40.41 -1.72 -10.69
CA ILE D 134 -39.06 -1.30 -11.00
C ILE D 134 -38.28 -2.53 -11.44
N ASN D 135 -38.73 -3.70 -11.00
CA ASN D 135 -38.21 -4.97 -11.51
C ASN D 135 -39.08 -5.54 -12.62
N HIS D 136 -40.25 -4.92 -12.87
CA HIS D 136 -41.22 -5.39 -13.84
C HIS D 136 -40.72 -5.17 -15.27
N ARG D 140 -33.64 -1.68 -13.95
CA ARG D 140 -32.80 -1.57 -12.77
C ARG D 140 -32.02 -0.26 -12.80
N THR D 141 -32.65 0.81 -12.32
CA THR D 141 -32.02 2.11 -12.24
C THR D 141 -31.78 2.54 -10.81
N VAL D 142 -32.17 1.72 -9.84
CA VAL D 142 -31.86 2.00 -8.45
C VAL D 142 -30.40 1.76 -8.12
N GLU D 143 -29.81 0.68 -8.63
CA GLU D 143 -28.40 0.41 -8.43
C GLU D 143 -27.49 1.43 -9.12
N ILE D 144 -27.88 1.97 -10.26
CA ILE D 144 -27.09 3.01 -10.92
C ILE D 144 -27.08 4.31 -10.12
N LYS D 145 -28.21 4.67 -9.50
CA LYS D 145 -28.26 5.89 -8.70
C LYS D 145 -27.38 5.82 -7.47
N ARG D 146 -27.17 4.62 -6.91
CA ARG D 146 -26.29 4.50 -5.75
C ARG D 146 -24.83 4.77 -6.12
N TRP D 147 -24.38 4.27 -7.27
CA TRP D 147 -23.02 4.56 -7.71
C TRP D 147 -22.86 6.02 -8.09
N VAL D 148 -23.91 6.63 -8.63
CA VAL D 148 -23.90 8.07 -8.89
C VAL D 148 -23.76 8.86 -7.60
N ILE D 149 -24.53 8.49 -6.56
CA ILE D 149 -24.46 9.23 -5.31
C ILE D 149 -23.12 9.00 -4.61
N CYS D 150 -22.57 7.80 -4.70
CA CYS D 150 -21.25 7.54 -4.11
C CYS D 150 -20.14 8.30 -4.82
N ALA D 151 -20.24 8.45 -6.15
CA ALA D 151 -19.30 9.30 -6.87
C ALA D 151 -19.42 10.76 -6.45
N LEU D 152 -20.65 11.23 -6.22
CA LEU D 152 -20.84 12.59 -5.74
C LEU D 152 -20.27 12.80 -4.36
N ILE D 153 -20.42 11.80 -3.49
CA ILE D 153 -19.86 11.87 -2.13
C ILE D 153 -18.35 11.97 -2.19
N GLY D 154 -17.72 11.17 -3.05
CA GLY D 154 -16.27 11.23 -3.17
C GLY D 154 -15.76 12.56 -3.69
N ILE D 155 -16.42 13.10 -4.72
CA ILE D 155 -16.00 14.38 -5.29
C ILE D 155 -16.19 15.51 -4.30
N LEU D 156 -17.33 15.55 -3.60
CA LEU D 156 -17.59 16.65 -2.68
C LEU D 156 -16.68 16.59 -1.45
N THR D 157 -16.39 15.38 -0.95
CA THR D 157 -15.48 15.28 0.19
C THR D 157 -14.05 15.68 -0.20
N GLY D 158 -13.59 15.27 -1.39
CA GLY D 158 -12.29 15.73 -1.86
C GLY D 158 -12.20 17.23 -2.06
N LEU D 159 -13.29 17.86 -2.52
CA LEU D 159 -13.28 19.30 -2.73
C LEU D 159 -13.29 20.08 -1.42
N VAL D 160 -14.04 19.59 -0.42
CA VAL D 160 -14.02 20.24 0.89
C VAL D 160 -12.64 20.12 1.51
N ALA D 161 -11.97 18.97 1.33
CA ALA D 161 -10.60 18.82 1.81
C ALA D 161 -9.65 19.81 1.15
N CYS D 162 -9.80 20.02 -0.17
CA CYS D 162 -9.00 21.00 -0.88
C CYS D 162 -9.25 22.42 -0.37
N PHE D 163 -10.51 22.78 -0.12
CA PHE D 163 -10.86 24.10 0.39
C PHE D 163 -10.23 24.36 1.75
N ILE D 164 -10.29 23.37 2.65
CA ILE D 164 -9.68 23.50 3.96
C ILE D 164 -8.16 23.67 3.85
N ASP D 165 -7.53 22.86 3.00
CA ASP D 165 -6.07 22.92 2.85
C ASP D 165 -5.61 24.25 2.31
N ILE D 166 -6.32 24.79 1.30
CA ILE D 166 -5.91 26.04 0.68
C ILE D 166 -6.14 27.23 1.61
N VAL D 167 -7.30 27.29 2.26
CA VAL D 167 -7.59 28.43 3.13
C VAL D 167 -6.70 28.43 4.37
N VAL D 168 -6.43 27.24 4.94
CA VAL D 168 -5.54 27.18 6.10
C VAL D 168 -4.11 27.56 5.71
N GLU D 169 -3.64 27.13 4.54
CA GLU D 169 -2.30 27.49 4.08
C GLU D 169 -2.15 29.00 3.91
N ASN D 170 -3.14 29.65 3.30
CA ASN D 170 -2.99 31.08 3.05
C ASN D 170 -3.17 31.92 4.31
N LEU D 171 -4.13 31.57 5.17
CA LEU D 171 -4.33 32.36 6.39
C LEU D 171 -3.19 32.18 7.37
N ALA D 172 -2.68 30.96 7.53
CA ALA D 172 -1.54 30.78 8.42
C ALA D 172 -0.28 31.41 7.84
N GLY D 173 -0.18 31.48 6.51
CA GLY D 173 0.92 32.21 5.92
C GLY D 173 0.88 33.70 6.22
N LEU D 174 -0.31 34.29 6.11
CA LEU D 174 -0.47 35.70 6.45
C LEU D 174 -0.15 35.97 7.92
N LYS D 175 -0.59 35.09 8.82
CA LYS D 175 -0.36 35.31 10.25
C LYS D 175 1.11 35.19 10.61
N TYR D 176 1.79 34.18 10.08
CA TYR D 176 3.20 34.02 10.39
C TYR D 176 4.06 35.08 9.73
N ARG D 177 3.63 35.61 8.59
CA ARG D 177 4.38 36.70 7.97
C ARG D 177 4.27 37.97 8.79
N VAL D 178 3.06 38.28 9.30
CA VAL D 178 2.88 39.43 10.17
C VAL D 178 3.66 39.29 11.48
N ILE D 179 3.63 38.09 12.08
CA ILE D 179 4.29 37.89 13.36
C ILE D 179 5.80 37.89 13.21
N LYS D 180 6.32 37.29 12.13
CA LYS D 180 7.76 37.30 11.89
C LYS D 180 8.26 38.69 11.55
N GLY D 181 7.47 39.47 10.82
CA GLY D 181 7.89 40.81 10.47
C GLY D 181 7.96 41.78 11.62
N ASN D 182 7.36 41.43 12.76
CA ASN D 182 7.40 42.29 13.93
C ASN D 182 8.45 41.84 14.94
N ILE D 183 8.87 40.58 14.90
CA ILE D 183 10.01 40.15 15.71
C ILE D 183 11.31 40.69 15.14
N ASP D 184 11.47 40.64 13.81
CA ASP D 184 12.71 41.07 13.17
C ASP D 184 12.90 42.58 13.24
N LYS D 185 11.83 43.34 13.40
CA LYS D 185 11.93 44.78 13.58
C LYS D 185 12.33 45.15 15.00
N PHE D 186 11.81 44.46 15.99
CA PHE D 186 12.04 44.82 17.39
C PHE D 186 13.29 44.22 17.98
N THR D 187 14.11 43.52 17.21
CA THR D 187 15.23 42.81 17.81
C THR D 187 16.40 43.74 18.13
N GLU D 188 16.80 44.61 17.19
CA GLU D 188 17.88 45.53 17.51
C GLU D 188 17.37 46.79 18.19
N LYS D 189 16.13 47.20 17.94
CA LYS D 189 15.54 48.31 18.68
C LYS D 189 15.35 47.95 20.15
N GLY D 190 14.59 46.89 20.42
CA GLY D 190 14.55 46.34 21.76
C GLY D 190 13.17 46.21 22.38
N GLY D 191 12.12 46.31 21.58
CA GLY D 191 10.79 46.13 22.13
C GLY D 191 10.17 44.78 21.95
N LEU D 192 10.86 43.68 22.27
CA LEU D 192 10.30 42.34 22.04
C LEU D 192 9.14 41.99 22.95
N SER D 193 8.86 42.78 23.97
CA SER D 193 7.66 42.54 24.76
C SER D 193 6.40 42.88 24.00
N PHE D 194 6.44 43.89 23.13
CA PHE D 194 5.27 44.24 22.34
C PHE D 194 5.04 43.29 21.19
N SER D 195 5.99 42.43 20.88
CA SER D 195 5.79 41.40 19.88
C SER D 195 5.22 40.12 20.45
N LEU D 196 5.33 39.92 21.76
CA LEU D 196 4.59 38.84 22.40
C LEU D 196 3.12 39.16 22.48
N LEU D 197 2.75 40.42 22.70
CA LEU D 197 1.35 40.79 22.75
C LEU D 197 0.69 40.78 21.39
N LEU D 198 1.47 40.79 20.31
CA LEU D 198 0.86 40.65 19.00
C LEU D 198 0.46 39.22 18.74
N TRP D 199 1.32 38.26 19.08
CA TRP D 199 1.03 36.86 18.85
C TRP D 199 0.15 36.27 19.93
N ALA D 200 0.07 36.88 21.10
CA ALA D 200 -0.93 36.46 22.06
C ALA D 200 -2.31 36.96 21.69
N THR D 201 -2.42 37.95 20.83
CA THR D 201 -3.69 38.54 20.41
C THR D 201 -4.14 38.01 19.06
N LEU D 202 -3.21 37.79 18.12
CA LEU D 202 -3.58 37.16 16.87
C LEU D 202 -4.05 35.73 17.06
N ASN D 203 -3.52 35.02 18.06
CA ASN D 203 -4.10 33.72 18.35
C ASN D 203 -5.45 33.84 19.05
N ALA D 204 -5.57 34.78 19.98
CA ALA D 204 -6.80 34.91 20.74
C ALA D 204 -7.91 35.63 19.98
N ALA D 205 -7.69 36.02 18.73
CA ALA D 205 -8.73 36.62 17.92
C ALA D 205 -9.31 35.64 16.90
N PHE D 206 -8.49 34.75 16.36
CA PHE D 206 -9.04 33.69 15.52
C PHE D 206 -9.77 32.64 16.35
N VAL D 207 -9.30 32.38 17.55
CA VAL D 207 -9.93 31.37 18.41
C VAL D 207 -11.19 31.94 19.06
N LEU D 208 -11.23 33.24 19.30
CA LEU D 208 -12.46 33.86 19.80
C LEU D 208 -13.58 33.77 18.79
N VAL D 209 -13.27 33.95 17.50
CA VAL D 209 -14.30 33.88 16.47
C VAL D 209 -14.73 32.44 16.24
N GLY D 210 -13.77 31.53 16.23
CA GLY D 210 -14.02 30.12 16.01
C GLY D 210 -14.50 29.33 17.19
N SER D 211 -14.84 29.98 18.29
CA SER D 211 -15.40 29.32 19.46
C SER D 211 -16.69 29.93 19.95
N VAL D 212 -17.03 31.13 19.50
CA VAL D 212 -18.37 31.66 19.71
C VAL D 212 -19.38 30.86 18.90
N ILE D 213 -19.01 30.49 17.68
CA ILE D 213 -19.95 29.75 16.84
C ILE D 213 -20.08 28.30 17.28
N VAL D 214 -19.13 27.75 18.03
CA VAL D 214 -19.30 26.39 18.50
C VAL D 214 -20.02 26.39 19.85
N ALA D 215 -19.72 27.31 20.74
CA ALA D 215 -20.39 27.30 22.04
C ALA D 215 -21.81 27.84 21.95
N PHE D 216 -22.03 28.90 21.18
CA PHE D 216 -23.35 29.52 21.16
C PHE D 216 -24.28 28.98 20.10
N ILE D 217 -23.78 28.45 18.98
CA ILE D 217 -24.70 28.04 17.91
C ILE D 217 -24.85 26.53 17.86
N GLU D 218 -23.77 25.79 17.62
CA GLU D 218 -23.83 24.33 17.51
C GLU D 218 -22.76 23.64 18.34
N PRO D 219 -23.06 23.26 19.57
CA PRO D 219 -22.09 22.53 20.39
C PRO D 219 -21.87 21.09 19.97
N VAL D 220 -22.61 20.57 18.99
CA VAL D 220 -22.35 19.22 18.51
C VAL D 220 -21.16 19.22 17.55
N ALA D 221 -20.76 20.39 17.05
CA ALA D 221 -19.60 20.54 16.18
C ALA D 221 -18.31 20.75 16.95
N ALA D 222 -18.25 20.28 18.19
CA ALA D 222 -17.10 20.48 19.06
C ALA D 222 -16.22 19.26 19.01
N GLY D 223 -14.91 19.48 19.06
CA GLY D 223 -13.99 18.38 19.00
C GLY D 223 -13.96 17.78 17.61
N SER D 224 -13.49 16.55 17.54
CA SER D 224 -13.62 15.76 16.34
C SER D 224 -14.97 15.06 16.34
N GLY D 225 -15.51 14.83 15.16
CA GLY D 225 -16.81 14.19 15.14
C GLY D 225 -16.80 12.69 15.27
N ILE D 226 -15.65 12.07 15.48
CA ILE D 226 -15.46 10.62 15.48
C ILE D 226 -16.26 9.89 16.57
N PRO D 227 -16.41 10.39 17.81
CA PRO D 227 -17.39 9.73 18.69
C PRO D 227 -18.83 9.83 18.21
N GLN D 228 -19.25 10.96 17.65
CA GLN D 228 -20.62 11.09 17.17
C GLN D 228 -20.88 10.23 15.95
N ILE D 229 -19.91 10.15 15.03
CA ILE D 229 -20.10 9.32 13.85
C ILE D 229 -19.98 7.85 14.23
N LYS D 230 -19.15 7.55 15.21
CA LYS D 230 -19.00 6.19 15.70
C LYS D 230 -20.25 5.72 16.41
N CYS D 231 -20.97 6.62 17.06
CA CYS D 231 -22.26 6.29 17.62
C CYS D 231 -23.36 6.29 16.59
N PHE D 232 -23.20 7.01 15.48
CA PHE D 232 -24.21 6.97 14.43
C PHE D 232 -24.21 5.62 13.73
N LEU D 233 -23.03 5.05 13.49
CA LEU D 233 -22.95 3.82 12.73
C LEU D 233 -23.34 2.60 13.55
N ASN D 234 -23.34 2.69 14.88
CA ASN D 234 -24.03 1.71 15.69
C ASN D 234 -25.53 1.88 15.58
N GLY D 235 -26.01 3.12 15.59
CA GLY D 235 -27.42 3.37 15.43
C GLY D 235 -27.94 4.45 16.33
N VAL D 236 -27.13 4.92 17.28
CA VAL D 236 -27.55 5.98 18.19
C VAL D 236 -27.57 7.30 17.43
N LYS D 237 -28.68 8.01 17.51
CA LYS D 237 -28.85 9.28 16.79
C LYS D 237 -28.71 10.43 17.78
N ILE D 238 -27.53 11.00 17.82
CA ILE D 238 -27.29 12.26 18.53
C ILE D 238 -27.95 13.39 17.74
N PRO D 239 -28.74 14.26 18.37
CA PRO D 239 -29.86 14.93 17.67
C PRO D 239 -29.53 15.82 16.48
N HIS D 240 -28.40 16.53 16.45
CA HIS D 240 -28.16 17.47 15.36
C HIS D 240 -26.87 17.17 14.61
N VAL D 241 -26.59 15.90 14.35
CA VAL D 241 -25.24 15.54 13.93
C VAL D 241 -25.03 15.69 12.42
N VAL D 242 -26.08 15.57 11.61
CA VAL D 242 -25.90 15.53 10.16
C VAL D 242 -26.67 16.63 9.44
N ARG D 243 -26.84 17.78 10.07
CA ARG D 243 -27.45 18.91 9.40
C ARG D 243 -26.41 19.69 8.61
N LEU D 244 -26.88 20.57 7.73
CA LEU D 244 -25.99 21.42 6.95
C LEU D 244 -25.27 22.44 7.83
N LYS D 245 -25.97 22.95 8.85
CA LYS D 245 -25.39 23.94 9.74
C LYS D 245 -24.20 23.38 10.51
N THR D 246 -24.24 22.09 10.85
CA THR D 246 -23.09 21.43 11.47
C THR D 246 -21.90 21.37 10.53
N LEU D 247 -22.14 21.15 9.23
CA LEU D 247 -21.05 21.14 8.26
C LEU D 247 -20.40 22.51 8.12
N VAL D 248 -21.22 23.55 8.03
CA VAL D 248 -20.69 24.91 7.86
C VAL D 248 -19.88 25.32 9.09
N ILE D 249 -20.44 25.04 10.27
CA ILE D 249 -19.78 25.44 11.51
C ILE D 249 -18.53 24.62 11.75
N LYS D 250 -18.55 23.34 11.40
CA LYS D 250 -17.37 22.53 11.66
C LYS D 250 -16.23 22.83 10.69
N VAL D 251 -16.55 23.13 9.43
CA VAL D 251 -15.50 23.47 8.47
C VAL D 251 -14.87 24.82 8.80
N SER D 252 -15.70 25.84 9.01
CA SER D 252 -15.14 27.16 9.35
C SER D 252 -14.50 27.16 10.73
N GLY D 253 -15.02 26.36 11.66
CA GLY D 253 -14.42 26.28 12.98
C GLY D 253 -13.11 25.54 13.02
N VAL D 254 -12.93 24.52 12.17
CA VAL D 254 -11.62 23.87 12.17
C VAL D 254 -10.60 24.75 11.46
N ILE D 255 -11.04 25.58 10.50
CA ILE D 255 -10.12 26.55 9.90
C ILE D 255 -9.67 27.58 10.94
N LEU D 256 -10.62 28.15 11.68
CA LEU D 256 -10.27 29.16 12.67
C LEU D 256 -9.53 28.59 13.87
N SER D 257 -9.72 27.31 14.16
CA SER D 257 -9.00 26.66 15.25
C SER D 257 -7.58 26.29 14.87
N VAL D 258 -7.33 25.95 13.60
CA VAL D 258 -5.96 25.65 13.17
C VAL D 258 -5.18 26.95 12.96
N VAL D 259 -5.80 27.98 12.38
CA VAL D 259 -5.10 29.24 12.15
C VAL D 259 -4.78 29.94 13.46
N GLY D 260 -5.70 29.91 14.40
CA GLY D 260 -5.46 30.52 15.70
C GLY D 260 -4.50 29.81 16.63
N GLY D 261 -3.74 28.84 16.13
CA GLY D 261 -2.56 28.38 16.82
C GLY D 261 -2.77 27.49 18.00
N LEU D 262 -3.88 26.77 18.06
CA LEU D 262 -4.05 25.75 19.07
C LEU D 262 -3.18 24.54 18.74
N ALA D 263 -2.93 23.70 19.74
CA ALA D 263 -2.15 22.49 19.54
C ALA D 263 -3.10 21.35 19.15
N VAL D 264 -3.69 21.51 17.97
CA VAL D 264 -4.67 20.58 17.42
C VAL D 264 -4.28 20.25 15.99
N GLY D 265 -5.06 19.36 15.38
CA GLY D 265 -4.92 19.04 13.98
C GLY D 265 -6.21 19.33 13.22
N LYS D 266 -6.18 18.98 11.94
CA LYS D 266 -7.29 19.29 11.05
C LYS D 266 -7.80 18.10 10.26
N GLU D 267 -7.21 16.91 10.43
CA GLU D 267 -7.60 15.72 9.69
C GLU D 267 -8.70 14.91 10.36
N GLY D 268 -8.77 14.95 11.67
CA GLY D 268 -9.87 14.37 12.42
C GLY D 268 -11.26 14.82 12.03
N PRO D 269 -11.51 16.14 11.92
CA PRO D 269 -12.83 16.60 11.47
C PRO D 269 -13.16 16.32 10.01
N MET D 270 -12.33 15.65 9.23
CA MET D 270 -12.71 15.29 7.88
C MET D 270 -13.67 14.11 7.81
N ILE D 271 -13.72 13.28 8.83
CA ILE D 271 -14.62 12.12 8.80
C ILE D 271 -16.06 12.57 9.00
N HIS D 272 -16.28 13.44 9.99
CA HIS D 272 -17.60 13.98 10.25
C HIS D 272 -18.09 14.85 9.10
N SER D 273 -17.19 15.62 8.48
CA SER D 273 -17.58 16.47 7.36
C SER D 273 -18.02 15.64 6.16
N GLY D 274 -17.29 14.58 5.85
CA GLY D 274 -17.66 13.73 4.74
C GLY D 274 -18.95 12.99 4.97
N SER D 275 -19.18 12.53 6.21
CA SER D 275 -20.43 11.83 6.47
C SER D 275 -21.63 12.78 6.55
N VAL D 276 -21.41 14.04 6.92
CA VAL D 276 -22.49 15.01 6.85
C VAL D 276 -22.85 15.34 5.40
N ILE D 277 -21.84 15.43 4.52
CA ILE D 277 -22.10 15.57 3.08
C ILE D 277 -22.89 14.37 2.57
N ALA D 278 -22.54 13.17 3.05
CA ALA D 278 -23.19 11.95 2.59
C ALA D 278 -24.63 11.84 3.06
N ALA D 279 -24.90 12.21 4.31
CA ALA D 279 -26.29 12.26 4.76
C ALA D 279 -27.08 13.39 4.13
N GLY D 280 -26.41 14.44 3.70
CA GLY D 280 -27.09 15.53 3.05
C GLY D 280 -27.53 15.24 1.64
N ILE D 281 -26.60 14.87 0.75
CA ILE D 281 -26.96 14.77 -0.65
C ILE D 281 -27.68 13.49 -1.00
N SER D 282 -27.71 12.51 -0.10
CA SER D 282 -28.39 11.26 -0.39
C SER D 282 -29.90 11.42 -0.34
N GLN D 283 -30.38 12.29 0.53
CA GLN D 283 -31.82 12.49 0.66
C GLN D 283 -32.40 13.27 -0.52
N GLY D 284 -31.60 14.11 -1.14
CA GLY D 284 -32.10 14.96 -2.20
C GLY D 284 -33.00 16.06 -1.72
N ARG D 285 -32.98 16.38 -0.43
CA ARG D 285 -33.84 17.37 0.20
C ARG D 285 -33.03 18.12 1.24
N SER D 286 -33.16 19.45 1.24
CA SER D 286 -32.30 20.27 2.08
C SER D 286 -32.83 20.35 3.50
N THR D 287 -34.13 20.62 3.67
CA THR D 287 -34.85 20.85 4.93
C THR D 287 -34.25 22.02 5.74
N SER D 288 -33.51 22.89 5.06
CA SER D 288 -32.91 24.11 5.59
C SER D 288 -33.19 25.30 4.70
N LEU D 289 -33.27 25.10 3.39
CA LEU D 289 -33.64 26.13 2.45
C LEU D 289 -35.13 26.14 2.13
N LYS D 290 -35.89 25.22 2.74
CA LYS D 290 -37.29 24.95 2.43
C LYS D 290 -37.43 24.61 0.93
N ARG D 291 -36.79 23.51 0.55
CA ARG D 291 -36.76 23.05 -0.83
C ARG D 291 -37.16 21.58 -0.89
N ASP D 292 -37.40 21.10 -2.11
CA ASP D 292 -37.81 19.72 -2.33
C ASP D 292 -36.82 18.95 -3.19
N PHE D 293 -36.49 19.46 -4.38
CA PHE D 293 -35.55 18.85 -5.33
C PHE D 293 -35.99 17.43 -5.71
N LYS D 294 -37.07 17.36 -6.47
CA LYS D 294 -37.77 16.10 -6.75
C LYS D 294 -36.92 15.22 -7.67
N ILE D 295 -35.91 14.57 -7.08
CA ILE D 295 -34.99 13.78 -7.89
C ILE D 295 -34.83 12.33 -7.40
N PHE D 296 -34.62 12.11 -6.10
CA PHE D 296 -34.17 10.81 -5.61
C PHE D 296 -35.31 9.93 -5.08
N GLU D 297 -35.98 10.37 -4.02
CA GLU D 297 -37.31 9.91 -3.59
C GLU D 297 -37.30 8.48 -3.03
N TYR D 298 -36.21 7.75 -3.18
CA TYR D 298 -36.15 6.33 -2.84
C TYR D 298 -35.18 6.04 -1.71
N PHE D 299 -34.18 6.90 -1.51
CA PHE D 299 -33.11 6.66 -0.55
C PHE D 299 -33.39 7.38 0.76
N ARG D 300 -34.65 7.45 1.14
CA ARG D 300 -35.09 8.14 2.35
C ARG D 300 -35.58 7.14 3.38
N ARG D 301 -34.84 6.05 3.51
CA ARG D 301 -34.98 5.08 4.57
C ARG D 301 -33.80 5.23 5.51
N ASP D 302 -33.87 4.54 6.64
CA ASP D 302 -32.71 4.48 7.51
C ASP D 302 -31.78 3.35 7.14
N THR D 303 -32.19 2.46 6.25
CA THR D 303 -31.31 1.42 5.78
C THR D 303 -30.42 1.89 4.65
N GLU D 304 -30.82 2.93 3.94
CA GLU D 304 -30.00 3.50 2.89
C GLU D 304 -29.10 4.60 3.43
N LYS D 305 -29.63 5.43 4.32
CA LYS D 305 -28.89 6.60 4.78
C LYS D 305 -27.71 6.21 5.65
N ARG D 306 -27.81 5.13 6.42
CA ARG D 306 -26.68 4.67 7.22
C ARG D 306 -25.57 4.13 6.33
N ASP D 307 -25.93 3.48 5.24
CA ASP D 307 -24.92 3.01 4.28
C ASP D 307 -24.25 4.17 3.57
N PHE D 308 -25.01 5.21 3.23
CA PHE D 308 -24.40 6.38 2.60
C PHE D 308 -23.48 7.10 3.57
N VAL D 309 -23.88 7.22 4.84
CA VAL D 309 -23.03 7.83 5.86
C VAL D 309 -21.75 7.02 6.06
N SER D 310 -21.85 5.70 5.95
CA SER D 310 -20.67 4.84 6.01
C SER D 310 -19.72 5.12 4.85
N ALA D 311 -20.26 5.27 3.64
CA ALA D 311 -19.42 5.62 2.48
C ALA D 311 -18.80 7.00 2.64
N GLY D 312 -19.51 7.93 3.25
CA GLY D 312 -18.99 9.28 3.41
C GLY D 312 -17.90 9.37 4.45
N ALA D 313 -18.03 8.63 5.55
CA ALA D 313 -16.96 8.57 6.53
C ALA D 313 -15.73 7.89 5.98
N ALA D 314 -15.92 6.88 5.10
CA ALA D 314 -14.78 6.25 4.44
C ALA D 314 -14.07 7.21 3.49
N ALA D 315 -14.83 7.97 2.70
CA ALA D 315 -14.22 8.98 1.83
C ALA D 315 -13.52 10.07 2.63
N GLY D 316 -14.03 10.36 3.82
CA GLY D 316 -13.37 11.31 4.72
C GLY D 316 -12.02 10.82 5.19
N VAL D 317 -11.92 9.56 5.60
CA VAL D 317 -10.64 8.98 6.00
C VAL D 317 -9.68 8.94 4.81
N SER D 318 -10.20 8.63 3.63
CA SER D 318 -9.37 8.50 2.44
C SER D 318 -8.75 9.83 2.03
N ALA D 319 -9.52 10.91 2.06
CA ALA D 319 -8.94 12.23 1.82
C ALA D 319 -8.12 12.73 2.99
N ALA D 320 -8.38 12.26 4.20
CA ALA D 320 -7.64 12.76 5.35
C ALA D 320 -6.23 12.21 5.37
N PHE D 321 -6.02 10.97 4.94
CA PHE D 321 -4.69 10.39 5.00
C PHE D 321 -4.11 9.93 3.68
N GLY D 322 -4.89 9.83 2.62
CA GLY D 322 -4.35 9.27 1.40
C GLY D 322 -4.37 7.77 1.38
N ALA D 323 -5.36 7.16 2.03
CA ALA D 323 -5.40 5.72 2.26
C ALA D 323 -6.83 5.26 2.12
N PRO D 324 -7.23 4.80 0.94
CA PRO D 324 -8.62 4.39 0.74
C PRO D 324 -9.00 3.06 1.39
N VAL D 325 -8.05 2.12 1.43
CA VAL D 325 -8.35 0.81 2.01
C VAL D 325 -8.50 0.92 3.51
N GLY D 326 -7.71 1.79 4.14
CA GLY D 326 -7.90 2.08 5.55
C GLY D 326 -9.22 2.76 5.85
N GLY D 327 -9.73 3.56 4.91
CA GLY D 327 -11.05 4.14 5.10
C GLY D 327 -12.16 3.12 4.98
N VAL D 328 -11.99 2.15 4.08
CA VAL D 328 -12.93 1.03 3.98
C VAL D 328 -12.93 0.20 5.26
N LEU D 329 -11.75 -0.10 5.80
CA LEU D 329 -11.70 -0.89 7.02
C LEU D 329 -12.15 -0.08 8.23
N PHE D 330 -12.03 1.24 8.19
CA PHE D 330 -12.66 2.08 9.20
C PHE D 330 -14.18 1.94 9.16
N SER D 331 -14.78 2.11 7.99
CA SER D 331 -16.22 2.02 7.91
C SER D 331 -16.75 0.60 8.04
N LEU D 332 -15.88 -0.42 8.01
CA LEU D 332 -16.32 -1.78 8.31
C LEU D 332 -16.18 -2.15 9.78
N GLU D 333 -15.20 -1.59 10.49
CA GLU D 333 -15.13 -1.76 11.94
C GLU D 333 -16.39 -1.26 12.63
N GLU D 334 -16.73 0.01 12.43
CA GLU D 334 -17.99 0.54 12.92
C GLU D 334 -19.10 0.17 11.97
N GLY D 335 -20.24 -0.22 12.51
CA GLY D 335 -21.25 -0.76 11.64
C GLY D 335 -20.90 -2.19 11.32
N ALA D 336 -20.62 -2.96 12.37
CA ALA D 336 -20.27 -4.37 12.24
C ALA D 336 -21.51 -5.15 11.84
N SER D 337 -21.64 -5.46 10.56
CA SER D 337 -22.84 -6.08 10.05
C SER D 337 -22.51 -7.38 9.34
N PHE D 338 -23.51 -7.91 8.64
CA PHE D 338 -23.29 -8.97 7.69
C PHE D 338 -22.45 -8.44 6.52
N TRP D 339 -21.79 -9.34 5.81
CA TRP D 339 -21.00 -8.92 4.66
C TRP D 339 -21.92 -8.58 3.52
N ASN D 340 -21.83 -7.35 3.02
CA ASN D 340 -22.53 -6.91 1.83
C ASN D 340 -21.46 -6.60 0.80
N GLN D 341 -21.43 -7.38 -0.27
CA GLN D 341 -20.38 -7.24 -1.29
C GLN D 341 -20.50 -5.93 -2.05
N PHE D 342 -21.70 -5.61 -2.51
CA PHE D 342 -21.88 -4.44 -3.37
C PHE D 342 -21.78 -3.15 -2.59
N LEU D 343 -22.16 -3.19 -1.31
CA LEU D 343 -21.99 -2.03 -0.44
C LEU D 343 -20.51 -1.69 -0.26
N THR D 344 -19.69 -2.68 0.05
CA THR D 344 -18.27 -2.41 0.25
C THR D 344 -17.58 -2.03 -1.05
N TRP D 345 -18.09 -2.50 -2.18
CA TRP D 345 -17.50 -2.12 -3.45
C TRP D 345 -17.86 -0.66 -3.79
N ARG D 346 -19.06 -0.20 -3.41
CA ARG D 346 -19.38 1.23 -3.51
C ARG D 346 -18.57 2.08 -2.54
N ILE D 347 -18.35 1.58 -1.33
CA ILE D 347 -17.56 2.31 -0.34
C ILE D 347 -16.12 2.49 -0.81
N PHE D 348 -15.56 1.46 -1.42
CA PHE D 348 -14.23 1.54 -2.00
C PHE D 348 -14.18 2.49 -3.20
N PHE D 349 -15.25 2.51 -4.00
CA PHE D 349 -15.35 3.45 -5.11
C PHE D 349 -15.35 4.90 -4.62
N ALA D 350 -16.11 5.18 -3.56
CA ALA D 350 -16.16 6.54 -3.01
C ALA D 350 -14.83 6.96 -2.39
N SER D 351 -14.14 6.05 -1.70
CA SER D 351 -12.84 6.39 -1.14
C SER D 351 -11.79 6.66 -2.23
N MET D 352 -11.82 5.90 -3.33
CA MET D 352 -10.88 6.16 -4.42
C MET D 352 -11.14 7.50 -5.09
N ILE D 353 -12.41 7.82 -5.34
CA ILE D 353 -12.80 9.12 -5.89
C ILE D 353 -12.31 10.26 -4.99
N SER D 354 -12.43 10.08 -3.68
CA SER D 354 -12.03 11.11 -2.71
C SER D 354 -10.54 11.41 -2.77
N THR D 355 -9.71 10.36 -2.69
CA THR D 355 -8.26 10.55 -2.77
C THR D 355 -7.84 11.14 -4.11
N PHE D 356 -8.45 10.69 -5.21
CA PHE D 356 -8.10 11.21 -6.52
C PHE D 356 -8.47 12.67 -6.68
N THR D 357 -9.62 13.10 -6.17
CA THR D 357 -10.05 14.48 -6.33
C THR D 357 -9.16 15.42 -5.53
N LEU D 358 -8.82 15.03 -4.30
CA LEU D 358 -7.88 15.83 -3.50
C LEU D 358 -6.53 15.98 -4.20
N ASN D 359 -5.99 14.87 -4.71
CA ASN D 359 -4.67 14.90 -5.34
C ASN D 359 -4.68 15.70 -6.64
N PHE D 360 -5.74 15.56 -7.43
CA PHE D 360 -5.83 16.23 -8.71
C PHE D 360 -5.99 17.73 -8.55
N VAL D 361 -6.76 18.18 -7.56
CA VAL D 361 -6.91 19.63 -7.43
C VAL D 361 -5.70 20.24 -6.73
N LEU D 362 -5.12 19.56 -5.74
CA LEU D 362 -3.91 20.11 -5.14
C LEU D 362 -2.71 20.05 -6.06
N SER D 363 -2.74 19.26 -7.14
CA SER D 363 -1.68 19.35 -8.13
C SER D 363 -1.85 20.58 -9.01
N ILE D 364 -3.08 20.88 -9.44
CA ILE D 364 -3.28 22.03 -10.32
C ILE D 364 -3.35 23.34 -9.56
N TYR D 365 -3.26 23.32 -8.23
CA TYR D 365 -3.05 24.52 -7.45
C TYR D 365 -1.58 24.86 -7.32
N HIS D 366 -0.72 23.85 -7.21
CA HIS D 366 0.71 24.07 -7.21
C HIS D 366 1.28 24.24 -8.60
N GLY D 367 0.46 24.14 -9.63
CA GLY D 367 0.87 24.42 -10.99
C GLY D 367 1.78 23.39 -11.62
N ASN D 368 1.53 22.10 -11.38
CA ASN D 368 2.30 21.06 -12.05
C ASN D 368 1.43 20.13 -12.89
N MET D 369 0.36 19.61 -12.31
CA MET D 369 -0.71 18.80 -12.92
C MET D 369 -0.25 17.40 -13.35
N TRP D 370 1.04 17.11 -13.28
CA TRP D 370 1.55 15.82 -13.73
C TRP D 370 2.02 14.92 -12.61
N ASP D 371 2.58 15.48 -11.53
CA ASP D 371 3.23 14.64 -10.54
C ASP D 371 2.24 13.89 -9.66
N LEU D 372 1.14 14.56 -9.29
CA LEU D 372 0.14 14.05 -8.36
C LEU D 372 0.77 13.58 -7.06
N SER D 373 1.37 14.53 -6.35
CA SER D 373 2.25 14.21 -5.24
C SER D 373 1.55 14.16 -3.89
N SER D 374 0.31 14.60 -3.78
CA SER D 374 -0.36 14.72 -2.48
C SER D 374 -1.63 13.89 -2.44
N PRO D 375 -1.55 12.62 -2.05
CA PRO D 375 -2.76 11.79 -1.97
C PRO D 375 -3.69 12.17 -0.84
N GLY D 376 -3.14 12.51 0.33
CA GLY D 376 -3.95 12.94 1.46
C GLY D 376 -3.52 14.28 2.02
N LEU D 377 -4.05 14.66 3.17
CA LEU D 377 -3.69 15.95 3.78
C LEU D 377 -2.37 15.90 4.51
N ILE D 378 -1.90 14.71 4.89
CA ILE D 378 -0.57 14.51 5.41
C ILE D 378 0.09 13.43 4.55
N ASN D 379 1.35 13.65 4.21
CA ASN D 379 2.05 12.81 3.23
C ASN D 379 3.37 12.39 3.83
N PHE D 380 3.48 11.12 4.21
CA PHE D 380 4.63 10.68 5.00
C PHE D 380 5.90 10.57 4.19
N GLY D 381 5.82 10.40 2.87
CA GLY D 381 6.99 10.22 2.04
C GLY D 381 7.26 8.75 1.73
N ARG D 382 8.41 8.50 1.11
CA ARG D 382 8.78 7.17 0.69
C ARG D 382 9.86 6.59 1.59
N PHE D 383 9.58 5.42 2.14
CA PHE D 383 10.42 4.77 3.13
C PHE D 383 11.22 3.63 2.49
N ASP D 384 12.10 3.97 1.56
CA ASP D 384 12.81 2.93 0.82
C ASP D 384 14.27 3.28 0.54
N SER D 385 14.90 4.10 1.38
CA SER D 385 16.18 4.71 1.07
C SER D 385 17.37 3.91 1.57
N GLU D 386 17.16 2.64 1.94
CA GLU D 386 18.16 1.63 2.35
C GLU D 386 18.75 1.94 3.74
N LYS D 387 18.48 3.12 4.28
CA LYS D 387 18.71 3.39 5.68
C LYS D 387 17.48 3.07 6.51
N MET D 388 16.33 2.95 5.86
CA MET D 388 15.04 2.67 6.48
C MET D 388 14.84 1.21 6.83
N ALA D 389 15.70 0.31 6.36
CA ALA D 389 15.44 -1.12 6.47
C ALA D 389 15.66 -1.61 7.88
N TYR D 390 14.74 -2.44 8.38
CA TYR D 390 14.86 -3.00 9.71
C TYR D 390 15.32 -4.45 9.63
N THR D 391 15.60 -5.02 10.80
CA THR D 391 16.17 -6.35 10.92
C THR D 391 15.43 -7.05 12.04
N ILE D 392 15.56 -8.38 12.12
CA ILE D 392 14.76 -9.15 13.07
C ILE D 392 15.22 -8.93 14.51
N HIS D 393 16.49 -8.61 14.73
CA HIS D 393 17.02 -8.50 16.08
C HIS D 393 16.49 -7.29 16.83
N GLU D 394 16.00 -6.27 16.12
CA GLU D 394 15.36 -5.14 16.76
C GLU D 394 13.86 -5.24 16.78
N ILE D 395 13.31 -6.41 16.46
CA ILE D 395 11.89 -6.67 16.75
C ILE D 395 11.58 -6.65 18.24
N PRO D 396 12.45 -7.11 19.17
CA PRO D 396 12.18 -6.81 20.59
C PRO D 396 12.16 -5.33 20.95
N VAL D 397 13.03 -4.53 20.32
CA VAL D 397 13.14 -3.09 20.61
C VAL D 397 11.81 -2.40 20.34
N PHE D 398 11.18 -2.74 19.22
CA PHE D 398 9.88 -2.16 18.84
C PHE D 398 8.82 -2.50 19.87
N ILE D 399 8.88 -3.72 20.43
CA ILE D 399 7.93 -4.12 21.46
C ILE D 399 8.09 -3.24 22.68
N ALA D 400 9.33 -2.87 23.00
CA ALA D 400 9.58 -1.98 24.13
C ALA D 400 8.97 -0.61 23.88
N MET D 401 9.02 -0.14 22.63
CA MET D 401 8.41 1.14 22.30
C MET D 401 6.90 1.09 22.46
N GLY D 402 6.32 -0.07 22.15
CA GLY D 402 4.90 -0.24 22.34
C GLY D 402 4.49 -0.22 23.79
N VAL D 403 5.42 -0.55 24.69
CA VAL D 403 5.09 -0.41 26.10
C VAL D 403 5.11 1.06 26.50
N VAL D 404 6.08 1.82 25.96
CA VAL D 404 6.25 3.20 26.38
C VAL D 404 5.11 4.06 25.87
N GLY D 405 4.67 3.83 24.64
CA GLY D 405 3.49 4.51 24.16
C GLY D 405 2.19 4.03 24.76
N GLY D 406 2.20 2.94 25.49
CA GLY D 406 0.99 2.49 26.13
C GLY D 406 0.88 3.10 27.50
N VAL D 407 2.04 3.34 28.12
CA VAL D 407 2.08 4.07 29.38
C VAL D 407 1.74 5.53 29.17
N LEU D 408 2.36 6.17 28.18
CA LEU D 408 2.16 7.60 27.96
C LEU D 408 0.77 7.92 27.44
N GLY D 409 0.20 7.03 26.63
CA GLY D 409 -1.18 7.22 26.21
C GLY D 409 -2.17 7.08 27.34
N ALA D 410 -1.89 6.21 28.30
CA ALA D 410 -2.71 6.12 29.50
C ALA D 410 -2.60 7.36 30.36
N VAL D 411 -1.41 7.97 30.42
CA VAL D 411 -1.22 9.22 31.17
C VAL D 411 -2.00 10.35 30.51
N PHE D 412 -1.95 10.42 29.18
CA PHE D 412 -2.72 11.41 28.42
C PHE D 412 -4.21 11.25 28.68
N ASN D 413 -4.71 10.02 28.63
CA ASN D 413 -6.12 9.80 28.79
C ASN D 413 -6.56 9.99 30.23
N ALA D 414 -5.68 9.73 31.20
CA ALA D 414 -6.03 9.95 32.60
C ALA D 414 -6.07 11.43 32.93
N LEU D 415 -5.06 12.18 32.49
CA LEU D 415 -5.04 13.62 32.71
C LEU D 415 -6.16 14.32 31.97
N ASN D 416 -6.58 13.77 30.84
CA ASN D 416 -7.69 14.35 30.12
C ASN D 416 -9.03 13.94 30.71
N TYR D 417 -9.09 12.77 31.36
CA TYR D 417 -10.32 12.39 32.05
C TYR D 417 -10.55 13.25 33.26
N TRP D 418 -9.50 13.56 34.02
CA TRP D 418 -9.73 14.37 35.21
C TRP D 418 -9.89 15.84 34.91
N LEU D 419 -9.70 16.27 33.68
CA LEU D 419 -9.98 17.64 33.29
C LEU D 419 -11.34 17.81 32.65
N THR D 420 -11.79 16.81 31.88
CA THR D 420 -13.15 16.86 31.35
C THR D 420 -14.16 16.72 32.46
N MET D 421 -13.82 15.94 33.48
CA MET D 421 -14.66 15.81 34.67
C MET D 421 -14.71 17.11 35.45
N PHE D 422 -13.65 17.91 35.42
CA PHE D 422 -13.70 19.25 36.01
C PHE D 422 -14.58 20.17 35.18
N ARG D 423 -14.46 20.10 33.87
CA ARG D 423 -15.11 21.06 32.99
C ARG D 423 -16.60 20.81 32.84
N ILE D 424 -17.06 19.56 32.97
CA ILE D 424 -18.49 19.29 32.91
C ILE D 424 -19.20 19.90 34.11
N ARG D 425 -18.60 19.84 35.29
CA ARG D 425 -19.25 20.36 36.48
C ARG D 425 -19.17 21.87 36.57
N TYR D 426 -18.01 22.45 36.29
CA TYR D 426 -17.78 23.84 36.65
C TYR D 426 -17.73 24.80 35.48
N ILE D 427 -17.34 24.38 34.29
CA ILE D 427 -17.24 25.28 33.14
C ILE D 427 -18.17 24.75 32.06
N HIS D 428 -19.43 25.16 32.12
CA HIS D 428 -20.41 24.66 31.17
C HIS D 428 -21.34 25.72 30.63
N ARG D 429 -21.26 26.95 31.11
CA ARG D 429 -21.98 28.04 30.47
C ARG D 429 -21.30 28.34 29.13
N PRO D 430 -22.06 28.74 28.11
CA PRO D 430 -21.43 29.03 26.83
C PRO D 430 -20.54 30.26 26.84
N CYS D 431 -20.82 31.24 27.69
CA CYS D 431 -19.92 32.39 27.76
C CYS D 431 -18.63 32.02 28.46
N LEU D 432 -18.70 31.11 29.42
CA LEU D 432 -17.57 30.78 30.26
C LEU D 432 -16.70 29.71 29.65
N GLN D 433 -17.12 29.08 28.57
CA GLN D 433 -16.26 28.15 27.86
C GLN D 433 -15.78 28.70 26.53
N VAL D 434 -16.15 29.92 26.18
CA VAL D 434 -15.44 30.70 25.16
C VAL D 434 -14.20 31.33 25.76
N ILE D 435 -14.30 31.81 27.00
CA ILE D 435 -13.19 32.48 27.67
C ILE D 435 -12.04 31.50 27.95
N GLU D 436 -12.35 30.22 28.16
CA GLU D 436 -11.30 29.23 28.39
C GLU D 436 -10.48 28.98 27.13
N ALA D 437 -11.12 28.94 25.97
CA ALA D 437 -10.40 28.70 24.73
C ALA D 437 -9.53 29.89 24.34
N VAL D 438 -9.96 31.10 24.72
CA VAL D 438 -9.14 32.28 24.51
C VAL D 438 -7.89 32.25 25.38
N LEU D 439 -8.02 31.77 26.61
CA LEU D 439 -6.85 31.73 27.49
C LEU D 439 -5.89 30.64 27.09
N VAL D 440 -6.39 29.50 26.62
CA VAL D 440 -5.52 28.45 26.12
C VAL D 440 -4.83 28.89 24.83
N ALA D 441 -5.54 29.63 23.98
CA ALA D 441 -4.94 30.14 22.75
C ALA D 441 -3.88 31.18 23.01
N ALA D 442 -4.01 31.97 24.08
CA ALA D 442 -2.95 32.91 24.44
C ALA D 442 -1.77 32.22 25.11
N VAL D 443 -2.05 31.19 25.90
CA VAL D 443 -0.99 30.52 26.65
C VAL D 443 -0.12 29.66 25.74
N THR D 444 -0.67 29.09 24.66
CA THR D 444 0.18 28.37 23.71
C THR D 444 1.20 29.30 23.04
N ALA D 445 0.76 30.50 22.70
CA ALA D 445 1.67 31.51 22.14
C ALA D 445 2.71 31.94 23.15
N THR D 446 2.31 32.12 24.42
CA THR D 446 3.24 32.57 25.44
C THR D 446 4.32 31.55 25.73
N VAL D 447 3.93 30.28 25.87
CA VAL D 447 4.91 29.22 26.15
C VAL D 447 5.81 29.00 24.95
N ALA D 448 5.26 29.13 23.74
CA ALA D 448 6.08 29.01 22.54
C ALA D 448 7.12 30.11 22.46
N PHE D 449 6.72 31.36 22.71
CA PHE D 449 7.65 32.49 22.66
C PHE D 449 8.70 32.39 23.75
N VAL D 450 8.33 31.90 24.93
CA VAL D 450 9.29 31.76 26.02
C VAL D 450 10.33 30.70 25.70
N LEU D 451 9.91 29.58 25.12
CA LEU D 451 10.90 28.57 24.73
C LEU D 451 11.74 29.01 23.55
N ILE D 452 11.19 29.84 22.65
CA ILE D 452 11.96 30.36 21.53
C ILE D 452 12.99 31.36 22.02
N TYR D 453 12.61 32.21 22.97
CA TYR D 453 13.48 33.29 23.44
C TYR D 453 14.68 32.77 24.19
N SER D 454 14.48 31.80 25.07
CA SER D 454 15.52 31.32 25.96
C SER D 454 16.39 30.22 25.38
N SER D 455 16.25 29.87 24.11
CA SER D 455 17.03 28.77 23.57
C SER D 455 18.30 29.29 22.92
N ARG D 456 19.24 28.38 22.73
CA ARG D 456 20.61 28.73 22.39
C ARG D 456 21.05 28.30 21.00
N ASP D 457 20.61 27.14 20.52
CA ASP D 457 21.17 26.61 19.30
C ASP D 457 20.63 27.31 18.07
N CYS D 458 21.49 27.41 17.07
CA CYS D 458 21.17 28.09 15.82
C CYS D 458 21.60 27.19 14.68
N GLN D 459 21.19 27.54 13.47
CA GLN D 459 21.33 26.59 12.38
C GLN D 459 21.24 27.31 11.05
N PRO D 460 22.08 26.99 10.06
CA PRO D 460 21.93 27.58 8.73
C PRO D 460 20.82 26.96 7.92
N LEU D 461 20.68 27.35 6.65
CA LEU D 461 19.61 26.81 5.82
C LEU D 461 19.88 25.37 5.41
N GLN D 462 18.80 24.61 5.27
CA GLN D 462 18.85 23.26 4.72
C GLN D 462 17.93 23.11 3.52
N GLY D 463 17.53 24.22 2.89
CA GLY D 463 16.72 24.16 1.70
C GLY D 463 15.24 24.03 1.99
N GLY D 464 14.68 25.00 2.72
CA GLY D 464 13.27 24.98 3.03
C GLY D 464 12.92 24.10 4.22
N SER D 465 13.82 23.95 5.17
CA SER D 465 13.56 23.17 6.37
C SER D 465 12.90 23.99 7.48
N MET D 466 12.67 25.27 7.26
CA MET D 466 12.07 26.12 8.28
C MET D 466 10.83 26.84 7.81
N SER D 467 10.80 27.30 6.55
CA SER D 467 9.69 27.95 5.83
C SER D 467 9.36 29.35 6.33
N TYR D 468 9.84 29.72 7.52
CA TYR D 468 9.86 31.09 8.00
C TYR D 468 11.08 31.22 8.89
N PRO D 469 12.27 31.34 8.31
CA PRO D 469 13.48 31.30 9.12
C PRO D 469 13.65 32.54 9.98
N LEU D 470 13.49 32.34 11.28
CA LEU D 470 13.56 33.42 12.26
C LEU D 470 14.98 33.49 12.81
N GLN D 471 15.69 34.55 12.49
CA GLN D 471 16.90 34.88 13.20
C GLN D 471 16.52 35.77 14.37
N LEU D 472 16.85 35.35 15.58
CA LEU D 472 16.51 36.14 16.74
C LEU D 472 17.75 36.67 17.43
N PHE D 473 18.63 35.82 17.90
CA PHE D 473 19.90 36.28 18.45
C PHE D 473 21.05 35.48 17.88
N CYS D 474 20.87 34.90 16.71
CA CYS D 474 21.83 34.02 16.10
C CYS D 474 22.89 34.84 15.37
N ALA D 475 23.71 34.18 14.55
CA ALA D 475 24.94 34.78 14.03
C ALA D 475 24.83 35.20 12.58
N ASP D 476 23.67 35.76 12.20
CA ASP D 476 23.44 36.54 10.99
C ASP D 476 23.43 35.71 9.70
N GLY D 477 23.77 34.44 9.79
CA GLY D 477 23.59 33.53 8.67
C GLY D 477 22.84 32.30 9.15
N GLU D 478 22.71 32.21 10.47
CA GLU D 478 22.06 31.12 11.16
C GLU D 478 20.65 31.52 11.54
N TYR D 479 19.86 30.56 12.00
CA TYR D 479 18.49 30.82 12.37
C TYR D 479 18.12 30.01 13.60
N ASN D 480 17.18 30.54 14.37
CA ASN D 480 16.76 29.91 15.62
C ASN D 480 16.00 28.64 15.33
N SER D 481 16.34 27.56 16.03
CA SER D 481 15.77 26.26 15.72
C SER D 481 14.68 25.80 16.67
N MET D 482 14.49 26.46 17.80
CA MET D 482 13.28 26.22 18.57
C MET D 482 12.08 26.80 17.86
N ALA D 483 12.26 27.93 17.16
CA ALA D 483 11.19 28.55 16.40
C ALA D 483 10.83 27.80 15.14
N ALA D 484 11.51 26.69 14.83
CA ALA D 484 11.14 25.83 13.71
C ALA D 484 10.25 24.67 14.12
N ALA D 485 10.25 24.30 15.40
CA ALA D 485 9.27 23.36 15.90
C ALA D 485 7.89 24.01 15.94
N PHE D 486 7.82 25.24 16.42
CA PHE D 486 6.70 26.14 16.22
C PHE D 486 6.86 26.76 14.84
N PHE D 487 5.95 27.65 14.43
CA PHE D 487 5.96 28.32 13.12
C PHE D 487 5.94 27.41 11.89
N ASN D 488 5.84 26.09 12.07
CA ASN D 488 5.55 25.15 11.02
C ASN D 488 4.17 24.57 11.24
N THR D 489 3.67 23.91 10.22
CA THR D 489 2.57 23.01 10.43
C THR D 489 3.08 21.82 11.23
N PRO D 490 2.21 21.19 12.04
CA PRO D 490 2.61 19.92 12.63
C PRO D 490 2.85 18.83 11.61
N GLU D 491 2.24 18.94 10.43
CA GLU D 491 2.48 18.02 9.34
C GLU D 491 3.93 18.06 8.88
N LYS D 492 4.46 19.27 8.65
CA LYS D 492 5.83 19.39 8.17
C LYS D 492 6.82 18.99 9.24
N SER D 493 6.49 19.23 10.51
CA SER D 493 7.34 18.79 11.60
C SER D 493 7.38 17.28 11.72
N VAL D 494 6.26 16.60 11.42
CA VAL D 494 6.28 15.14 11.46
C VAL D 494 7.02 14.59 10.25
N VAL D 495 6.81 15.18 9.07
CA VAL D 495 7.49 14.73 7.85
C VAL D 495 9.00 14.97 7.95
N SER D 496 9.42 15.98 8.70
CA SER D 496 10.84 16.20 8.91
C SER D 496 11.40 15.44 10.10
N LEU D 497 10.58 14.98 11.05
CA LEU D 497 11.13 14.09 12.07
C LEU D 497 11.30 12.69 11.54
N PHE D 498 10.53 12.31 10.54
CA PHE D 498 10.89 11.21 9.66
C PHE D 498 11.89 11.77 8.65
N HIS D 499 12.60 10.92 7.93
CA HIS D 499 13.37 11.31 6.75
C HIS D 499 14.52 12.29 6.94
N ASP D 500 14.78 12.80 8.17
CA ASP D 500 15.94 13.68 8.19
C ASP D 500 17.23 12.92 8.44
N PRO D 501 18.37 13.43 7.97
CA PRO D 501 19.64 12.78 8.27
C PRO D 501 19.99 12.93 9.74
N PRO D 502 20.77 12.00 10.29
CA PRO D 502 21.12 12.08 11.71
C PRO D 502 22.07 13.23 12.00
N GLY D 503 21.91 13.83 13.16
CA GLY D 503 22.60 15.05 13.49
C GLY D 503 21.83 16.31 13.19
N SER D 504 20.54 16.19 12.87
CA SER D 504 19.73 17.32 12.46
C SER D 504 19.03 17.99 13.63
N TYR D 505 18.91 17.31 14.76
CA TYR D 505 18.15 17.79 15.90
C TYR D 505 19.01 17.75 17.16
N ASN D 506 18.95 18.82 17.92
CA ASN D 506 19.52 18.85 19.26
C ASN D 506 18.60 18.12 20.21
N PRO D 507 19.08 17.18 21.02
CA PRO D 507 18.19 16.48 21.95
C PRO D 507 17.65 17.33 23.08
N LEU D 508 18.18 18.52 23.32
CA LEU D 508 17.62 19.36 24.37
C LEU D 508 16.41 20.13 23.86
N THR D 509 16.52 20.73 22.68
CA THR D 509 15.40 21.50 22.14
C THR D 509 14.27 20.57 21.69
N LEU D 510 14.62 19.41 21.15
CA LEU D 510 13.59 18.45 20.76
C LEU D 510 12.92 17.83 21.96
N GLY D 511 13.68 17.57 23.01
CA GLY D 511 13.11 16.98 24.20
C GLY D 511 12.39 17.95 25.08
N LEU D 512 12.61 19.25 24.90
CA LEU D 512 11.88 20.28 25.61
C LEU D 512 10.67 20.78 24.84
N PHE D 513 10.70 20.69 23.50
CA PHE D 513 9.48 20.82 22.71
C PHE D 513 8.54 19.64 22.90
N THR D 514 9.07 18.45 23.13
CA THR D 514 8.24 17.27 23.29
C THR D 514 7.48 17.30 24.60
N LEU D 515 8.16 17.70 25.67
CA LEU D 515 7.58 17.75 27.00
C LEU D 515 6.48 18.78 27.11
N VAL D 516 6.56 19.86 26.35
CA VAL D 516 5.62 20.96 26.44
C VAL D 516 4.40 20.72 25.57
N TYR D 517 4.62 20.20 24.36
CA TYR D 517 3.53 19.96 23.43
C TYR D 517 2.62 18.87 23.92
N PHE D 518 3.13 17.96 24.75
CA PHE D 518 2.31 16.93 25.39
C PHE D 518 1.23 17.56 26.26
N PHE D 519 1.61 18.48 27.14
CA PHE D 519 0.63 19.09 28.02
C PHE D 519 -0.23 20.13 27.31
N LEU D 520 0.32 20.80 26.29
CA LEU D 520 -0.52 21.70 25.51
C LEU D 520 -1.54 20.92 24.69
N ALA D 521 -1.20 19.75 24.21
CA ALA D 521 -2.15 18.94 23.46
C ALA D 521 -3.13 18.23 24.36
N CYS D 522 -2.75 17.96 25.60
CA CYS D 522 -3.65 17.33 26.55
C CYS D 522 -4.65 18.31 27.14
N TRP D 523 -4.24 19.56 27.33
CA TRP D 523 -5.11 20.59 27.88
C TRP D 523 -6.00 21.23 26.82
N THR D 524 -5.78 20.93 25.56
CA THR D 524 -6.55 21.55 24.49
C THR D 524 -7.69 20.67 24.01
N TYR D 525 -7.65 19.35 24.26
CA TYR D 525 -8.55 18.45 23.52
C TYR D 525 -9.99 18.56 23.97
N GLY D 526 -10.24 18.75 25.24
CA GLY D 526 -11.64 18.87 25.60
C GLY D 526 -12.30 20.21 25.37
N LEU D 527 -11.64 21.15 24.71
CA LEU D 527 -12.18 22.49 24.51
C LEU D 527 -13.37 22.46 23.56
N THR D 528 -14.08 23.58 23.53
CA THR D 528 -15.28 23.72 22.70
C THR D 528 -14.91 24.38 21.37
N VAL D 529 -14.00 23.72 20.65
CA VAL D 529 -13.60 24.11 19.31
C VAL D 529 -13.56 22.84 18.46
N SER D 530 -13.63 23.02 17.15
CA SER D 530 -13.51 21.90 16.22
C SER D 530 -12.03 21.58 15.99
N ALA D 531 -11.66 20.32 16.20
CA ALA D 531 -10.25 19.99 16.37
C ALA D 531 -10.06 18.49 16.21
N GLY D 532 -8.84 18.03 16.42
CA GLY D 532 -8.52 16.61 16.34
C GLY D 532 -7.21 16.31 17.01
N VAL D 533 -7.03 15.03 17.38
CA VAL D 533 -5.80 14.59 18.03
C VAL D 533 -5.11 13.45 17.31
N PHE D 534 -5.24 13.37 15.99
CA PHE D 534 -4.35 12.49 15.25
C PHE D 534 -2.98 13.10 15.09
N ILE D 535 -2.91 14.30 14.55
CA ILE D 535 -1.65 14.97 14.25
C ILE D 535 -0.95 15.45 15.53
N PRO D 536 -1.64 15.87 16.60
CA PRO D 536 -0.91 15.95 17.88
C PRO D 536 -0.32 14.64 18.36
N SER D 537 -1.03 13.52 18.24
CA SER D 537 -0.49 12.25 18.73
C SER D 537 0.68 11.77 17.88
N LEU D 538 0.57 11.97 16.57
CA LEU D 538 1.68 11.65 15.68
C LEU D 538 2.89 12.53 15.92
N LEU D 539 2.70 13.76 16.38
CA LEU D 539 3.85 14.63 16.60
C LEU D 539 4.45 14.39 17.98
N ILE D 540 3.63 14.01 18.96
CA ILE D 540 4.18 13.64 20.26
C ILE D 540 5.00 12.36 20.11
N GLY D 541 4.49 11.40 19.35
CA GLY D 541 5.18 10.16 19.16
C GLY D 541 6.41 10.21 18.29
N ALA D 542 6.41 11.05 17.26
CA ALA D 542 7.57 11.10 16.37
C ALA D 542 8.73 11.83 17.02
N ALA D 543 8.47 12.51 18.13
CA ALA D 543 9.50 13.30 18.78
C ALA D 543 10.30 12.47 19.78
N TRP D 544 9.64 11.73 20.68
CA TRP D 544 10.40 10.85 21.57
C TRP D 544 10.86 9.59 20.86
N GLY D 545 10.28 9.26 19.71
CA GLY D 545 10.86 8.22 18.89
C GLY D 545 12.13 8.67 18.21
N ARG D 546 12.20 9.96 17.85
CA ARG D 546 13.43 10.51 17.32
C ARG D 546 14.48 10.66 18.41
N LEU D 547 14.06 10.88 19.65
CA LEU D 547 15.00 10.90 20.76
C LEU D 547 15.50 9.52 21.09
N PHE D 548 14.66 8.51 20.89
CA PHE D 548 15.05 7.13 21.09
C PHE D 548 16.12 6.71 20.09
N GLY D 549 15.98 7.13 18.84
CA GLY D 549 17.00 6.90 17.84
C GLY D 549 18.32 7.58 18.14
N ILE D 550 18.28 8.75 18.78
CA ILE D 550 19.51 9.45 19.16
C ILE D 550 20.27 8.69 20.24
N SER D 551 19.57 8.17 21.25
CA SER D 551 20.27 7.42 22.28
C SER D 551 20.72 6.06 21.79
N LEU D 552 20.00 5.45 20.84
CA LEU D 552 20.51 4.21 20.24
C LEU D 552 21.74 4.47 19.39
N SER D 553 21.73 5.54 18.60
CA SER D 553 22.88 5.88 17.78
C SER D 553 24.02 6.48 18.59
N TYR D 554 23.80 6.77 19.86
CA TYR D 554 24.88 7.15 20.77
C TYR D 554 25.45 5.95 21.52
N LEU D 555 24.61 4.98 21.89
CA LEU D 555 25.13 3.82 22.60
C LEU D 555 25.95 2.93 21.69
N THR D 556 25.46 2.67 20.47
CA THR D 556 26.11 1.74 19.57
C THR D 556 27.22 2.40 18.75
N GLY D 557 27.48 3.67 18.95
CA GLY D 557 28.32 4.39 18.03
C GLY D 557 27.54 4.72 16.77
N ALA D 558 28.26 5.23 15.77
CA ALA D 558 27.62 5.64 14.54
C ALA D 558 27.19 4.43 13.71
N ALA D 559 26.13 3.75 14.15
CA ALA D 559 25.70 2.52 13.52
C ALA D 559 24.86 2.82 12.28
N ILE D 560 24.38 1.76 11.64
CA ILE D 560 23.53 1.88 10.48
C ILE D 560 22.10 1.45 10.76
N TRP D 561 21.91 0.40 11.56
CA TRP D 561 20.57 0.00 11.98
C TRP D 561 19.97 0.92 13.02
N ALA D 562 20.74 1.86 13.56
CA ALA D 562 20.31 2.75 14.64
C ALA D 562 19.81 4.07 14.10
N ASP D 563 19.13 4.01 12.97
CA ASP D 563 18.64 5.18 12.26
C ASP D 563 17.51 5.84 13.04
N PRO D 564 17.63 7.12 13.40
CA PRO D 564 16.57 7.78 14.18
C PRO D 564 15.30 8.08 13.40
N GLY D 565 15.30 8.04 12.08
CA GLY D 565 14.07 8.29 11.35
C GLY D 565 13.21 7.05 11.22
N LYS D 566 13.83 5.91 11.46
CA LYS D 566 13.10 4.65 11.52
C LYS D 566 12.37 4.51 12.83
N TYR D 567 13.01 4.94 13.92
CA TYR D 567 12.41 4.89 15.24
C TYR D 567 11.50 6.07 15.51
N ALA D 568 11.52 7.11 14.69
CA ALA D 568 10.51 8.14 14.83
C ALA D 568 9.18 7.65 14.31
N LEU D 569 9.17 6.77 13.33
CA LEU D 569 7.93 6.20 12.82
C LEU D 569 7.29 5.25 13.83
N MET D 570 8.10 4.43 14.49
CA MET D 570 7.57 3.48 15.45
C MET D 570 7.07 4.19 16.70
N GLY D 571 7.71 5.30 17.08
CA GLY D 571 7.21 6.09 18.18
C GLY D 571 5.90 6.80 17.88
N ALA D 572 5.72 7.26 16.63
CA ALA D 572 4.46 7.89 16.26
C ALA D 572 3.33 6.87 16.26
N ALA D 573 3.60 5.68 15.74
CA ALA D 573 2.61 4.62 15.76
C ALA D 573 2.28 4.18 17.18
N ALA D 574 3.28 4.10 18.05
CA ALA D 574 3.06 3.70 19.43
C ALA D 574 2.24 4.72 20.20
N GLN D 575 2.52 6.02 20.01
CA GLN D 575 1.75 7.04 20.73
C GLN D 575 0.34 7.15 20.19
N LEU D 576 0.17 7.08 18.87
CA LEU D 576 -1.17 7.14 18.30
C LEU D 576 -1.99 5.91 18.66
N GLY D 577 -1.37 4.74 18.77
CA GLY D 577 -2.12 3.56 19.22
C GLY D 577 -2.38 3.55 20.71
N GLY D 578 -1.51 4.20 21.49
CA GLY D 578 -1.72 4.25 22.92
C GLY D 578 -2.82 5.22 23.31
N ILE D 579 -2.88 6.37 22.64
CA ILE D 579 -3.94 7.33 22.94
C ILE D 579 -5.25 6.89 22.34
N VAL D 580 -5.30 6.78 21.02
CA VAL D 580 -6.48 6.28 20.32
C VAL D 580 -6.27 4.78 20.16
N ARG D 581 -6.89 4.00 21.02
CA ARG D 581 -6.67 2.55 21.00
C ARG D 581 -7.47 1.97 19.85
N MET D 582 -6.78 1.75 18.73
CA MET D 582 -7.42 1.45 17.46
C MET D 582 -6.38 0.73 16.62
N THR D 583 -6.70 -0.49 16.19
CA THR D 583 -5.66 -1.37 15.66
C THR D 583 -5.85 -1.75 14.21
N LEU D 584 -7.00 -2.28 13.83
CA LEU D 584 -7.12 -2.92 12.52
C LEU D 584 -7.15 -1.91 11.38
N SER D 585 -7.81 -0.78 11.57
CA SER D 585 -7.84 0.21 10.51
C SER D 585 -6.62 1.11 10.53
N LEU D 586 -6.14 1.43 11.74
CA LEU D 586 -5.00 2.33 11.88
C LEU D 586 -3.72 1.71 11.37
N THR D 587 -3.58 0.38 11.50
CA THR D 587 -2.42 -0.31 10.95
C THR D 587 -2.41 -0.22 9.44
N VAL D 588 -3.59 -0.31 8.81
CA VAL D 588 -3.65 -0.27 7.36
C VAL D 588 -3.41 1.15 6.85
N ILE D 589 -3.88 2.16 7.60
CA ILE D 589 -3.57 3.55 7.28
C ILE D 589 -2.07 3.82 7.40
N MET D 590 -1.42 3.26 8.43
CA MET D 590 0.03 3.41 8.57
C MET D 590 0.79 2.69 7.48
N MET D 591 0.39 1.47 7.15
CA MET D 591 1.11 0.65 6.20
C MET D 591 0.93 1.14 4.78
N GLU D 592 -0.19 1.79 4.50
CA GLU D 592 -0.47 2.34 3.20
C GLU D 592 0.06 3.75 3.04
N ALA D 593 0.14 4.50 4.14
CA ALA D 593 0.59 5.88 4.10
C ALA D 593 2.10 6.00 3.94
N THR D 594 2.86 5.00 4.35
CA THR D 594 4.30 4.95 4.13
C THR D 594 4.69 4.19 2.87
N SER D 595 3.73 3.51 2.24
CA SER D 595 3.89 2.79 0.97
C SER D 595 4.93 1.68 1.04
N ASN D 596 5.09 1.07 2.20
CA ASN D 596 6.02 -0.02 2.38
C ASN D 596 5.26 -1.15 3.05
N VAL D 597 5.31 -2.33 2.44
CA VAL D 597 4.58 -3.49 2.94
C VAL D 597 5.33 -4.19 4.06
N THR D 598 6.66 -4.15 4.03
CA THR D 598 7.47 -4.81 5.06
C THR D 598 7.38 -4.10 6.40
N TYR D 599 6.89 -2.87 6.43
CA TYR D 599 6.74 -2.14 7.68
C TYR D 599 5.50 -2.49 8.46
N GLY D 600 4.54 -3.22 7.88
CA GLY D 600 3.35 -3.54 8.62
C GLY D 600 3.59 -4.52 9.73
N PHE D 601 4.61 -5.34 9.61
CA PHE D 601 4.87 -6.33 10.64
C PHE D 601 5.45 -5.72 11.91
N PRO D 602 6.41 -4.78 11.88
CA PRO D 602 6.72 -4.11 13.16
C PRO D 602 5.60 -3.23 13.65
N ILE D 603 4.93 -2.50 12.76
CA ILE D 603 3.89 -1.53 13.14
C ILE D 603 2.73 -2.22 13.82
N MET D 604 2.25 -3.35 13.29
CA MET D 604 1.15 -4.01 13.96
C MET D 604 1.58 -4.71 15.23
N LEU D 605 2.88 -4.97 15.44
CA LEU D 605 3.26 -5.42 16.76
C LEU D 605 3.18 -4.26 17.73
N VAL D 606 3.65 -3.09 17.28
CA VAL D 606 3.68 -1.89 18.11
C VAL D 606 2.27 -1.46 18.48
N LEU D 607 1.34 -1.55 17.53
CA LEU D 607 -0.04 -1.22 17.81
C LEU D 607 -0.75 -2.30 18.61
N MET D 608 -0.24 -3.53 18.63
CA MET D 608 -0.85 -4.54 19.48
C MET D 608 -0.49 -4.29 20.93
N THR D 609 0.81 -4.13 21.20
CA THR D 609 1.33 -3.94 22.55
C THR D 609 0.75 -2.70 23.20
N ALA D 610 0.77 -1.58 22.48
CA ALA D 610 0.20 -0.33 22.95
C ALA D 610 -1.28 -0.42 23.25
N LYS D 611 -2.01 -1.35 22.63
CA LYS D 611 -3.39 -1.51 23.04
C LYS D 611 -3.47 -2.21 24.38
N ILE D 612 -2.72 -3.32 24.51
CA ILE D 612 -2.81 -4.19 25.70
C ILE D 612 -2.36 -3.45 26.93
N VAL D 613 -1.14 -2.90 26.88
CA VAL D 613 -0.57 -2.10 27.95
C VAL D 613 -1.40 -0.85 28.22
N GLY D 614 -2.15 -0.37 27.24
CA GLY D 614 -3.03 0.74 27.53
C GLY D 614 -4.26 0.30 28.29
N ASP D 615 -4.86 -0.81 27.86
CA ASP D 615 -6.19 -1.19 28.35
C ASP D 615 -6.18 -1.69 29.78
N VAL D 616 -5.01 -1.89 30.38
CA VAL D 616 -4.99 -2.23 31.78
C VAL D 616 -5.27 -1.01 32.66
N PHE D 617 -5.02 0.21 32.16
CA PHE D 617 -5.20 1.40 33.00
C PHE D 617 -6.52 2.12 32.72
N ILE D 618 -6.69 2.58 31.48
CA ILE D 618 -7.70 3.55 31.12
C ILE D 618 -8.32 3.07 29.81
N GLU D 619 -9.45 3.65 29.43
CA GLU D 619 -10.27 3.05 28.39
C GLU D 619 -9.75 3.35 26.98
N GLY D 620 -9.75 4.60 26.57
CA GLY D 620 -9.40 4.97 25.21
C GLY D 620 -10.13 6.28 24.98
N LEU D 621 -9.55 7.12 24.13
CA LEU D 621 -9.95 8.53 24.12
C LEU D 621 -11.32 8.71 23.49
N TYR D 622 -11.59 8.02 22.41
CA TYR D 622 -12.89 8.14 21.76
C TYR D 622 -13.95 7.34 22.49
N ASP D 623 -13.55 6.37 23.31
CA ASP D 623 -14.51 5.53 24.04
C ASP D 623 -14.87 6.15 25.37
N MET D 624 -13.92 6.83 26.00
CA MET D 624 -14.16 7.53 27.25
C MET D 624 -15.14 8.68 27.03
N HIS D 625 -15.02 9.39 25.92
CA HIS D 625 -15.95 10.47 25.63
C HIS D 625 -17.29 9.99 25.11
N ILE D 626 -17.39 8.75 24.64
CA ILE D 626 -18.71 8.15 24.43
C ILE D 626 -19.34 7.81 25.77
N GLN D 627 -18.55 7.29 26.71
CA GLN D 627 -19.10 6.93 28.01
C GLN D 627 -19.47 8.15 28.84
N LEU D 628 -18.74 9.25 28.70
CA LEU D 628 -19.02 10.46 29.48
C LEU D 628 -20.29 11.19 29.06
N GLN D 629 -20.94 10.76 27.99
CA GLN D 629 -22.33 11.07 27.72
C GLN D 629 -23.15 9.80 27.91
N SER D 630 -24.42 9.94 28.26
CA SER D 630 -25.23 8.75 28.52
C SER D 630 -25.70 8.19 27.18
N VAL D 631 -24.80 7.44 26.53
CA VAL D 631 -25.01 6.90 25.19
C VAL D 631 -25.02 5.39 25.31
N PRO D 632 -25.99 4.68 24.68
CA PRO D 632 -26.01 3.20 24.73
C PRO D 632 -24.77 2.49 24.19
N PHE D 633 -24.44 2.66 22.90
CA PHE D 633 -23.19 2.22 22.29
C PHE D 633 -22.95 0.72 22.44
N LEU D 634 -23.65 -0.09 21.66
CA LEU D 634 -23.35 -1.51 21.57
C LEU D 634 -21.91 -1.74 21.12
N HIS D 635 -21.24 -2.67 21.80
CA HIS D 635 -19.85 -3.01 21.52
C HIS D 635 -19.78 -4.17 20.53
N TRP D 636 -18.59 -4.78 20.39
CA TRP D 636 -18.38 -5.82 19.40
C TRP D 636 -19.13 -7.10 19.73
N GLU D 637 -18.91 -7.64 20.92
CA GLU D 637 -19.51 -8.88 21.37
C GLU D 637 -20.10 -8.70 22.76
N ALA D 638 -20.61 -9.79 23.33
CA ALA D 638 -21.15 -9.73 24.68
C ALA D 638 -20.01 -9.73 25.69
N PRO D 639 -20.20 -9.07 26.85
CA PRO D 639 -19.20 -9.12 27.92
C PRO D 639 -19.07 -10.49 28.54
N LEU D 645 -26.22 -15.82 30.98
CA LEU D 645 -27.48 -15.11 30.88
C LEU D 645 -28.25 -15.49 29.63
N THR D 646 -29.54 -15.75 29.77
CA THR D 646 -30.39 -16.06 28.64
C THR D 646 -31.22 -14.83 28.27
N ALA D 647 -32.11 -14.99 27.30
CA ALA D 647 -32.96 -13.90 26.86
C ALA D 647 -34.09 -13.59 27.83
N ARG D 648 -34.38 -14.50 28.75
CA ARG D 648 -35.41 -14.23 29.76
C ARG D 648 -34.94 -13.19 30.77
N GLU D 649 -33.63 -13.12 31.04
CA GLU D 649 -33.12 -12.15 32.01
C GLU D 649 -33.12 -10.72 31.47
N VAL D 650 -32.79 -10.53 30.20
CA VAL D 650 -32.53 -9.20 29.67
C VAL D 650 -33.68 -8.67 28.83
N MET D 651 -34.86 -9.28 28.92
CA MET D 651 -36.03 -8.80 28.18
C MET D 651 -36.79 -7.77 28.99
N SER D 652 -37.97 -7.37 28.50
CA SER D 652 -38.83 -6.40 29.16
C SER D 652 -40.29 -6.85 29.07
N THR D 653 -40.77 -7.53 30.12
CA THR D 653 -42.11 -8.10 30.26
C THR D 653 -43.34 -7.18 30.22
N PRO D 654 -43.29 -5.85 30.53
CA PRO D 654 -44.51 -5.04 30.33
C PRO D 654 -44.77 -4.58 28.90
N VAL D 655 -44.34 -5.37 27.90
CA VAL D 655 -44.26 -5.09 26.47
C VAL D 655 -45.43 -4.30 25.84
N THR D 656 -46.66 -4.55 26.29
CA THR D 656 -47.90 -3.89 25.83
C THR D 656 -48.09 -4.03 24.30
N CYS D 657 -48.38 -5.26 23.90
CA CYS D 657 -48.62 -5.62 22.51
C CYS D 657 -49.94 -5.05 22.00
N LEU D 658 -50.24 -5.32 20.73
CA LEU D 658 -51.30 -4.61 20.01
C LEU D 658 -52.06 -5.59 19.12
N ARG D 659 -53.37 -5.38 18.98
CA ARG D 659 -54.20 -6.28 18.19
C ARG D 659 -54.17 -5.87 16.71
N ARG D 660 -54.32 -6.86 15.81
CA ARG D 660 -54.40 -6.57 14.38
C ARG D 660 -55.60 -5.71 14.04
N ARG D 661 -56.77 -6.09 14.53
CA ARG D 661 -57.99 -5.28 14.33
C ARG D 661 -58.22 -4.37 15.53
N GLU D 662 -57.24 -3.50 15.77
CA GLU D 662 -57.22 -2.70 16.99
C GLU D 662 -58.24 -1.56 16.91
N LYS D 663 -59.07 -1.46 17.93
CA LYS D 663 -59.95 -0.31 18.07
C LYS D 663 -59.14 0.94 18.38
N VAL D 664 -59.21 1.94 17.49
CA VAL D 664 -58.49 3.19 17.70
C VAL D 664 -59.11 3.94 18.88
N GLY D 665 -58.36 4.88 19.43
CA GLY D 665 -58.61 5.37 20.75
C GLY D 665 -57.79 4.68 21.80
N VAL D 666 -57.57 3.38 21.67
CA VAL D 666 -56.52 2.68 22.38
C VAL D 666 -55.15 3.07 21.83
N ILE D 667 -55.05 3.23 20.50
CA ILE D 667 -53.78 3.55 19.86
C ILE D 667 -53.32 4.96 20.24
N VAL D 668 -54.25 5.91 20.32
CA VAL D 668 -53.86 7.24 20.75
C VAL D 668 -53.62 7.30 22.26
N ASP D 669 -54.06 6.30 23.01
CA ASP D 669 -53.74 6.22 24.43
C ASP D 669 -52.49 5.41 24.70
N VAL D 670 -52.21 4.40 23.88
CA VAL D 670 -50.95 3.67 24.03
C VAL D 670 -49.78 4.55 23.59
N LEU D 671 -49.93 5.28 22.49
CA LEU D 671 -48.88 6.19 22.04
C LEU D 671 -48.72 7.40 22.96
N SER D 672 -49.75 7.73 23.74
CA SER D 672 -49.64 8.80 24.72
C SER D 672 -50.27 8.42 26.06
N ASN D 677 -40.26 6.55 24.29
CA ASN D 677 -40.92 5.64 25.21
C ASN D 677 -41.69 4.61 24.41
N HIS D 678 -41.07 3.44 24.22
CA HIS D 678 -41.64 2.30 23.48
C HIS D 678 -42.00 2.70 22.04
N ASN D 679 -40.96 2.91 21.24
CA ASN D 679 -41.17 3.25 19.84
C ASN D 679 -41.69 2.08 19.01
N GLY D 680 -41.55 0.86 19.46
CA GLY D 680 -41.97 -0.31 18.70
C GLY D 680 -42.98 -1.15 19.46
N PHE D 681 -44.00 -1.61 18.75
CA PHE D 681 -45.09 -2.36 19.35
C PHE D 681 -45.26 -3.64 18.55
N PRO D 682 -45.13 -4.81 19.15
CA PRO D 682 -45.46 -6.04 18.41
C PRO D 682 -46.96 -6.21 18.31
N VAL D 683 -47.37 -6.87 17.24
CA VAL D 683 -48.76 -6.99 16.85
C VAL D 683 -49.19 -8.43 17.09
N VAL D 684 -50.17 -8.64 17.97
CA VAL D 684 -50.53 -9.98 18.39
C VAL D 684 -52.00 -10.25 18.11
N GLU D 685 -52.32 -11.54 18.02
CA GLU D 685 -53.66 -12.13 17.92
C GLU D 685 -54.45 -11.59 16.73
N PRO D 692 -55.43 -17.24 23.46
CA PRO D 692 -54.11 -16.70 23.78
C PRO D 692 -53.81 -15.42 23.01
N ALA D 693 -52.54 -15.22 22.63
CA ALA D 693 -52.16 -14.07 21.81
C ALA D 693 -50.89 -14.46 21.05
N ARG D 694 -51.07 -14.87 19.80
CA ARG D 694 -49.96 -15.32 18.98
C ARG D 694 -49.35 -14.16 18.22
N LEU D 695 -48.04 -14.23 18.02
CA LEU D 695 -47.30 -13.15 17.37
C LEU D 695 -47.64 -13.07 15.89
N GLN D 696 -47.87 -11.86 15.41
CA GLN D 696 -48.12 -11.62 14.00
C GLN D 696 -47.13 -10.65 13.36
N GLY D 697 -46.48 -9.79 14.12
CA GLY D 697 -45.48 -8.91 13.57
C GLY D 697 -45.27 -7.69 14.45
N LEU D 698 -44.50 -6.74 13.93
CA LEU D 698 -44.19 -5.49 14.60
C LEU D 698 -44.82 -4.31 13.88
N ILE D 699 -45.09 -3.25 14.64
CA ILE D 699 -45.47 -1.94 14.09
C ILE D 699 -44.63 -0.91 14.84
N LEU D 700 -44.36 0.21 14.18
CA LEU D 700 -43.55 1.27 14.75
C LEU D 700 -44.42 2.40 15.27
N ARG D 701 -43.81 3.32 16.02
CA ARG D 701 -44.52 4.51 16.45
C ARG D 701 -44.78 5.45 15.29
N SER D 702 -43.83 5.55 14.36
CA SER D 702 -43.94 6.49 13.24
C SER D 702 -45.04 6.09 12.27
N GLN D 703 -45.13 4.79 11.95
CA GLN D 703 -46.12 4.35 10.98
C GLN D 703 -47.53 4.43 11.53
N LEU D 704 -47.67 4.33 12.85
CA LEU D 704 -48.98 4.54 13.46
C LEU D 704 -49.40 5.99 13.42
N ILE D 705 -48.44 6.92 13.51
CA ILE D 705 -48.77 8.33 13.41
C ILE D 705 -49.13 8.70 11.98
N VAL D 706 -48.42 8.13 11.00
CA VAL D 706 -48.76 8.37 9.59
C VAL D 706 -50.14 7.82 9.25
N LEU D 707 -50.48 6.65 9.78
CA LEU D 707 -51.82 6.11 9.62
C LEU D 707 -52.87 6.90 10.40
N LEU D 708 -52.46 7.66 11.41
CA LEU D 708 -53.36 8.56 12.11
C LEU D 708 -53.22 9.98 11.56
N LEU D 728 -46.56 3.30 0.07
CA LEU D 728 -45.31 3.20 0.80
C LEU D 728 -44.53 4.51 0.63
N LYS D 729 -45.01 5.36 -0.28
CA LYS D 729 -44.42 6.66 -0.51
C LYS D 729 -44.95 7.75 0.42
N ASP D 730 -45.98 7.46 1.21
CA ASP D 730 -46.48 8.41 2.21
C ASP D 730 -45.69 8.34 3.51
N PHE D 731 -45.36 7.12 3.93
CA PHE D 731 -44.47 6.91 5.05
C PHE D 731 -43.07 7.46 4.76
N ARG D 732 -42.67 7.47 3.49
CA ARG D 732 -41.38 8.00 3.07
C ARG D 732 -41.46 9.48 2.69
N ASP D 733 -42.66 9.97 2.35
CA ASP D 733 -42.87 11.41 2.23
C ASP D 733 -42.76 12.09 3.58
N ALA D 734 -43.40 11.52 4.60
CA ALA D 734 -43.35 12.08 5.94
C ALA D 734 -42.14 11.59 6.74
N TYR D 735 -41.11 11.05 6.07
CA TYR D 735 -39.93 10.46 6.70
C TYR D 735 -39.08 11.42 7.56
N PRO D 736 -38.80 12.67 7.15
CA PRO D 736 -38.12 13.56 8.12
C PRO D 736 -39.10 14.03 9.18
N ARG D 737 -38.72 13.82 10.45
CA ARG D 737 -39.29 14.51 11.62
C ARG D 737 -40.78 14.16 11.79
N PHE D 738 -41.00 12.89 12.13
CA PHE D 738 -42.35 12.35 12.25
C PHE D 738 -43.15 13.08 13.32
N PRO D 739 -44.41 13.45 13.02
CA PRO D 739 -45.20 14.30 13.91
C PRO D 739 -45.74 13.56 15.13
N GLU D 750 -66.10 11.61 20.18
CA GLU D 750 -65.66 10.30 20.63
C GLU D 750 -64.33 9.94 20.02
N ARG D 751 -64.07 8.63 19.91
CA ARG D 751 -62.82 8.13 19.32
C ARG D 751 -63.00 6.93 18.42
N GLU D 752 -64.21 6.39 18.27
CA GLU D 752 -64.38 5.01 17.82
C GLU D 752 -64.21 4.88 16.31
N CYS D 753 -63.19 4.11 15.92
CA CYS D 753 -63.09 3.46 14.62
C CYS D 753 -62.27 2.19 14.82
N THR D 754 -61.97 1.50 13.72
CA THR D 754 -61.14 0.31 13.74
C THR D 754 -60.02 0.48 12.73
N MET D 755 -58.80 0.12 13.14
CA MET D 755 -57.62 0.20 12.30
C MET D 755 -57.12 -1.21 12.00
N ASP D 756 -57.05 -1.57 10.72
CA ASP D 756 -56.62 -2.90 10.30
C ASP D 756 -55.21 -2.81 9.72
N LEU D 757 -54.23 -2.89 10.63
CA LEU D 757 -52.82 -2.76 10.28
C LEU D 757 -52.22 -4.09 9.84
N SER D 758 -52.91 -4.79 8.94
CA SER D 758 -52.48 -6.09 8.48
C SER D 758 -51.59 -6.03 7.25
N GLU D 759 -51.46 -4.85 6.63
CA GLU D 759 -50.72 -4.66 5.40
C GLU D 759 -49.66 -3.58 5.57
N PHE D 760 -49.49 -3.05 6.79
CA PHE D 760 -48.47 -2.06 7.09
C PHE D 760 -47.41 -2.58 8.03
N MET D 761 -47.72 -3.61 8.80
CA MET D 761 -46.82 -4.17 9.80
C MET D 761 -45.77 -5.05 9.16
N ASN D 762 -44.64 -5.16 9.83
CA ASN D 762 -43.56 -6.05 9.44
C ASN D 762 -44.03 -7.49 9.62
N PRO D 763 -44.25 -8.26 8.55
CA PRO D 763 -44.88 -9.59 8.73
C PRO D 763 -43.96 -10.64 9.32
N SER D 764 -42.65 -10.41 9.34
CA SER D 764 -41.69 -11.40 9.81
C SER D 764 -40.58 -10.75 10.61
N PRO D 765 -40.82 -10.39 11.86
CA PRO D 765 -39.75 -9.83 12.68
C PRO D 765 -38.87 -10.94 13.23
N TYR D 766 -37.62 -10.58 13.49
CA TYR D 766 -36.68 -11.55 14.04
C TYR D 766 -37.06 -11.86 15.48
N THR D 767 -37.07 -13.14 15.83
CA THR D 767 -37.41 -13.57 17.18
C THR D 767 -36.34 -14.51 17.70
N VAL D 768 -35.98 -14.35 18.98
CA VAL D 768 -35.13 -15.31 19.66
C VAL D 768 -36.00 -16.08 20.65
N PRO D 769 -35.71 -17.34 20.92
CA PRO D 769 -36.47 -18.06 21.95
C PRO D 769 -36.08 -17.58 23.34
N GLN D 770 -36.86 -18.02 24.31
CA GLN D 770 -36.71 -17.63 25.69
C GLN D 770 -35.46 -18.21 26.35
N GLU D 771 -34.94 -19.35 25.87
CA GLU D 771 -33.81 -20.02 26.47
C GLU D 771 -32.48 -19.68 25.79
N ALA D 772 -32.53 -18.86 24.74
CA ALA D 772 -31.34 -18.57 23.95
C ALA D 772 -30.35 -17.71 24.72
N SER D 773 -29.07 -18.03 24.57
CA SER D 773 -28.02 -17.41 25.36
C SER D 773 -27.77 -15.98 24.93
N LEU D 774 -27.01 -15.27 25.74
CA LEU D 774 -26.73 -13.86 25.50
C LEU D 774 -25.78 -13.59 24.31
N PRO D 775 -24.71 -14.36 24.05
CA PRO D 775 -23.98 -14.15 22.80
C PRO D 775 -24.73 -14.50 21.52
N ARG D 776 -25.90 -15.13 21.61
CA ARG D 776 -26.72 -15.37 20.42
C ARG D 776 -27.69 -14.23 20.15
N VAL D 777 -28.31 -13.69 21.19
CA VAL D 777 -29.22 -12.56 21.04
C VAL D 777 -28.42 -11.29 20.76
N PHE D 778 -27.16 -11.24 21.19
CA PHE D 778 -26.35 -10.05 20.92
C PHE D 778 -25.70 -10.10 19.54
N LYS D 779 -25.50 -11.30 19.00
CA LYS D 779 -24.91 -11.44 17.67
C LYS D 779 -25.87 -10.96 16.60
N LEU D 780 -27.15 -11.34 16.72
CA LEU D 780 -28.15 -10.93 15.74
C LEU D 780 -28.47 -9.45 15.87
N PHE D 781 -28.44 -8.92 17.09
CA PHE D 781 -28.87 -7.56 17.29
C PHE D 781 -27.82 -6.57 16.82
N ARG D 782 -26.56 -6.98 16.84
CA ARG D 782 -25.43 -6.12 16.48
C ARG D 782 -25.12 -6.20 15.00
N ALA D 783 -25.24 -7.39 14.40
CA ALA D 783 -24.94 -7.54 12.98
C ALA D 783 -26.08 -7.02 12.11
N LEU D 784 -27.26 -7.63 12.25
CA LEU D 784 -28.45 -7.04 11.67
C LEU D 784 -28.73 -5.73 12.38
N GLY D 785 -29.06 -4.69 11.62
CA GLY D 785 -29.24 -3.39 12.24
C GLY D 785 -30.55 -3.26 12.99
N LEU D 786 -30.70 -3.99 14.09
CA LEU D 786 -31.98 -4.12 14.75
C LEU D 786 -32.10 -3.08 15.85
N ARG D 787 -33.35 -2.70 16.15
CA ARG D 787 -33.67 -1.91 17.32
C ARG D 787 -34.71 -2.56 18.21
N HIS D 788 -35.42 -3.58 17.71
CA HIS D 788 -36.34 -4.39 18.51
C HIS D 788 -36.14 -5.85 18.15
N LEU D 789 -36.21 -6.72 19.16
CA LEU D 789 -36.08 -8.15 18.97
C LEU D 789 -37.06 -8.84 19.88
N VAL D 790 -37.95 -9.64 19.31
CA VAL D 790 -39.05 -10.21 20.07
C VAL D 790 -38.59 -11.50 20.74
N VAL D 791 -38.93 -11.67 22.01
CA VAL D 791 -38.68 -12.90 22.75
C VAL D 791 -40.01 -13.62 22.88
N VAL D 792 -40.10 -14.82 22.32
CA VAL D 792 -41.33 -15.58 22.26
C VAL D 792 -41.21 -16.81 23.15
N ASP D 793 -42.36 -17.39 23.48
CA ASP D 793 -42.40 -18.61 24.26
C ASP D 793 -42.31 -19.82 23.32
N ASN D 794 -42.71 -21.01 23.76
CA ASN D 794 -42.76 -22.17 22.87
C ASN D 794 -44.06 -22.28 22.10
N ARG D 795 -45.13 -21.61 22.56
CA ARG D 795 -46.39 -21.53 21.84
C ARG D 795 -46.49 -20.25 21.03
N ASN D 796 -45.34 -19.63 20.72
CA ASN D 796 -45.20 -18.34 20.06
C ASN D 796 -45.98 -17.25 20.80
N GLN D 797 -45.91 -17.29 22.13
CA GLN D 797 -46.48 -16.26 22.98
C GLN D 797 -45.41 -15.20 23.25
N VAL D 798 -45.73 -13.94 23.00
CA VAL D 798 -44.74 -12.88 23.15
C VAL D 798 -44.64 -12.50 24.62
N VAL D 799 -43.46 -12.70 25.20
CA VAL D 799 -43.16 -12.25 26.54
C VAL D 799 -41.79 -11.57 26.53
N GLY D 800 -41.79 -10.28 26.80
CA GLY D 800 -40.52 -9.58 26.76
C GLY D 800 -40.16 -9.08 25.37
N LEU D 801 -39.42 -7.98 25.35
CA LEU D 801 -38.91 -7.37 24.13
C LEU D 801 -37.50 -6.87 24.41
N VAL D 802 -36.59 -7.12 23.49
CA VAL D 802 -35.19 -6.74 23.65
C VAL D 802 -34.89 -5.56 22.72
N THR D 803 -34.53 -4.43 23.31
CA THR D 803 -34.07 -3.25 22.56
C THR D 803 -32.60 -2.99 22.89
N ARG D 804 -32.07 -1.86 22.40
CA ARG D 804 -30.68 -1.54 22.63
C ARG D 804 -30.41 -1.18 24.08
N LYS D 805 -31.34 -0.45 24.71
CA LYS D 805 -31.19 -0.10 26.12
C LYS D 805 -31.28 -1.30 27.05
N ASP D 806 -31.74 -2.45 26.56
CA ASP D 806 -31.66 -3.70 27.30
C ASP D 806 -30.29 -4.34 27.15
N LEU D 807 -29.66 -4.19 25.98
CA LEU D 807 -28.38 -4.83 25.73
C LEU D 807 -27.18 -3.96 26.05
N ALA D 808 -27.32 -2.64 26.04
CA ALA D 808 -26.19 -1.77 26.32
C ALA D 808 -25.86 -1.65 27.81
N ARG D 809 -26.71 -2.20 28.70
CA ARG D 809 -26.44 -2.10 30.13
C ARG D 809 -25.30 -3.01 30.55
N TYR D 810 -25.43 -4.31 30.28
CA TYR D 810 -24.41 -5.27 30.67
C TYR D 810 -23.23 -5.25 29.70
C1 NAG E . 30.37 -1.62 -28.74
C2 NAG E . 29.99 -1.14 -27.35
C3 NAG E . 28.57 -0.59 -27.37
C4 NAG E . 28.45 0.52 -28.40
C5 NAG E . 28.92 0.00 -29.76
C6 NAG E . 28.96 1.08 -30.83
C7 NAG E . 31.13 -2.24 -25.50
C8 NAG E . 31.15 -3.41 -24.57
N2 NAG E . 30.12 -2.20 -26.37
O3 NAG E . 28.23 -0.13 -26.07
O4 NAG E . 27.10 0.96 -28.52
O5 NAG E . 30.24 -0.55 -29.67
O6 NAG E . 29.54 0.60 -32.03
O7 NAG E . 32.00 -1.37 -25.48
C1 NAG E . 26.84 2.21 -27.86
C2 NAG E . 25.94 3.07 -28.73
C3 NAG E . 25.61 4.38 -28.03
C4 NAG E . 24.99 4.10 -26.68
C5 NAG E . 25.91 3.21 -25.84
C6 NAG E . 25.30 2.80 -24.52
C7 NAG E . 25.87 3.29 -31.17
C8 NAG E . 26.65 3.60 -32.42
N2 NAG E . 26.55 3.34 -30.03
O3 NAG E . 24.72 5.15 -28.82
O4 NAG E . 24.75 5.32 -25.98
O5 NAG E . 26.22 2.01 -26.56
O6 NAG E . 25.08 1.40 -24.48
O7 NAG E . 24.68 3.03 -31.20
C1 NAG F . 30.11 28.67 4.92
C2 NAG F . 29.42 27.72 3.94
C3 NAG F . 29.11 26.40 4.62
C4 NAG F . 30.37 25.79 5.22
C5 NAG F . 30.99 26.80 6.17
C6 NAG F . 32.27 26.31 6.81
C7 NAG F . 28.08 28.71 2.15
C8 NAG F . 26.76 29.30 1.77
N2 NAG F . 28.21 28.32 3.42
O3 NAG F . 28.51 25.51 3.68
O4 NAG F . 30.05 24.62 5.95
O5 NAG F . 31.28 28.02 5.49
O6 NAG F . 33.25 27.34 6.84
O7 NAG F . 28.99 28.60 1.34
C1 NAG F . 30.42 23.39 5.31
C2 NAG F . 30.90 22.41 6.39
C3 NAG F . 31.19 21.05 5.78
C4 NAG F . 29.96 20.53 5.04
C5 NAG F . 29.57 21.54 3.97
C6 NAG F . 28.32 21.16 3.22
C7 NAG F . 32.20 22.95 8.40
C8 NAG F . 33.50 23.49 8.93
N2 NAG F . 32.09 22.92 7.06
O3 NAG F . 31.54 20.13 6.80
O4 NAG F . 30.23 19.26 4.45
O5 NAG F . 29.31 22.81 4.59
O6 NAG F . 27.38 22.22 3.18
O7 NAG F . 31.31 22.56 9.14
CL CL G . -0.55 -18.67 -10.77
CL CL H . -5.90 -20.42 -10.70
CL CL I . -9.19 13.15 16.20
CL CL J . -6.29 15.32 13.73
#